data_7VZ2
# 
_entry.id   7VZ2 
# 
_audit_conform.dict_name       mmcif_pdbx.dic 
_audit_conform.dict_version    5.380 
_audit_conform.dict_location   http://mmcif.pdb.org/dictionaries/ascii/mmcif_pdbx.dic 
# 
loop_
_database_2.database_id 
_database_2.database_code 
_database_2.pdbx_database_accession 
_database_2.pdbx_DOI 
PDB   7VZ2         pdb_00007vz2 10.2210/pdb7vz2/pdb 
WWPDB D_1300024858 ?            ?                   
# 
_pdbx_database_status.status_code                     REL 
_pdbx_database_status.status_code_sf                  REL 
_pdbx_database_status.status_code_mr                  ? 
_pdbx_database_status.entry_id                        7VZ2 
_pdbx_database_status.recvd_initial_deposition_date   2021-11-15 
_pdbx_database_status.SG_entry                        N 
_pdbx_database_status.deposit_site                    PDBJ 
_pdbx_database_status.process_site                    PDBJ 
_pdbx_database_status.status_code_cs                  ? 
_pdbx_database_status.status_code_nmr_data            ? 
_pdbx_database_status.methods_development_category    ? 
_pdbx_database_status.pdb_format_compatible           Y 
# 
loop_
_audit_author.name 
_audit_author.pdbx_ordinal 
_audit_author.identifier_ORCID 
'Liu, Y.' 1 ? 
'Min, J.' 2 ? 
# 
_citation.abstract                  ? 
_citation.abstract_id_CAS           ? 
_citation.book_id_ISBN              ? 
_citation.book_publisher            ? 
_citation.book_publisher_city       ? 
_citation.book_title                ? 
_citation.coordinate_linkage        ? 
_citation.country                   US 
_citation.database_id_Medline       ? 
_citation.details                   ? 
_citation.id                        primary 
_citation.journal_abbrev            J.Biol.Chem. 
_citation.journal_id_ASTM           JBCHA3 
_citation.journal_id_CSD            0071 
_citation.journal_id_ISSN           1083-351X 
_citation.journal_full              ? 
_citation.journal_issue             ? 
_citation.journal_volume            298 
_citation.language                  ? 
_citation.page_first                101623 
_citation.page_last                 101623 
_citation.title                     
'Structural basis for the recognition of methylated histone H3 by the Arabidopsis LHP1 chromodomain.' 
_citation.year                      2022 
_citation.database_id_CSD           ? 
_citation.pdbx_database_id_DOI      10.1016/j.jbc.2022.101623 
_citation.pdbx_database_id_PubMed   35074427 
_citation.pdbx_database_id_patent   ? 
_citation.unpublished_flag          ? 
# 
loop_
_citation_author.citation_id 
_citation_author.name 
_citation_author.ordinal 
_citation_author.identifier_ORCID 
primary 'Liu, Y.'   1  ? 
primary 'Yang, X.'  2  ? 
primary 'Zhou, M.'  3  ? 
primary 'Yang, Y.'  4  ? 
primary 'Li, F.'    5  ? 
primary 'Yan, X.'   6  ? 
primary 'Zhang, M.' 7  ? 
primary 'Wei, Z.'   8  ? 
primary 'Qin, S.'   9  ? 
primary 'Min, J.'   10 ? 
# 
_cell.angle_alpha                  90.000 
_cell.angle_alpha_esd              ? 
_cell.angle_beta                   90.000 
_cell.angle_beta_esd               ? 
_cell.angle_gamma                  120.000 
_cell.angle_gamma_esd              ? 
_cell.entry_id                     7VZ2 
_cell.details                      ? 
_cell.formula_units_Z              ? 
_cell.length_a                     31.708 
_cell.length_a_esd                 ? 
_cell.length_b                     31.708 
_cell.length_b_esd                 ? 
_cell.length_c                     106.450 
_cell.length_c_esd                 ? 
_cell.volume                       ? 
_cell.volume_esd                   ? 
_cell.Z_PDB                        6 
_cell.reciprocal_angle_alpha       ? 
_cell.reciprocal_angle_beta        ? 
_cell.reciprocal_angle_gamma       ? 
_cell.reciprocal_angle_alpha_esd   ? 
_cell.reciprocal_angle_beta_esd    ? 
_cell.reciprocal_angle_gamma_esd   ? 
_cell.reciprocal_length_a          ? 
_cell.reciprocal_length_b          ? 
_cell.reciprocal_length_c          ? 
_cell.reciprocal_length_a_esd      ? 
_cell.reciprocal_length_b_esd      ? 
_cell.reciprocal_length_c_esd      ? 
_cell.pdbx_unique_axis             ? 
# 
_symmetry.entry_id                         7VZ2 
_symmetry.cell_setting                     ? 
_symmetry.Int_Tables_number                152 
_symmetry.space_group_name_Hall            ? 
_symmetry.space_group_name_H-M             'P 31 2 1' 
_symmetry.pdbx_full_space_group_name_H-M   ? 
# 
loop_
_entity.id 
_entity.type 
_entity.src_method 
_entity.pdbx_description 
_entity.formula_weight 
_entity.pdbx_number_of_molecules 
_entity.pdbx_ec 
_entity.pdbx_mutation 
_entity.pdbx_fragment 
_entity.details 
1 polymer     man 'Chromo domain-containing protein LHP1' 6574.503 1  ? ? ? ? 
2 non-polymer syn 'UNKNOWN ATOM OR ION'                   ?        5  ? ? ? ? 
3 water       nat water                                   18.015   17 ? ? ? ? 
# 
_entity_poly.entity_id                      1 
_entity_poly.type                           'polypeptide(L)' 
_entity_poly.nstd_linkage                   no 
_entity_poly.nstd_monomer                   no 
_entity_poly.pdbx_seq_one_letter_code       GGFYEIEAIRRKRVRKGKVQYLIKWRGWPETANTWEPLENLQSIADVIDAFEGSLK 
_entity_poly.pdbx_seq_one_letter_code_can   GGFYEIEAIRRKRVRKGKVQYLIKWRGWPETANTWEPLENLQSIADVIDAFEGSLK 
_entity_poly.pdbx_strand_id                 A 
_entity_poly.pdbx_target_identifier         ? 
# 
loop_
_entity_poly_seq.entity_id 
_entity_poly_seq.num 
_entity_poly_seq.mon_id 
_entity_poly_seq.hetero 
1 1  GLY n 
1 2  GLY n 
1 3  PHE n 
1 4  TYR n 
1 5  GLU n 
1 6  ILE n 
1 7  GLU n 
1 8  ALA n 
1 9  ILE n 
1 10 ARG n 
1 11 ARG n 
1 12 LYS n 
1 13 ARG n 
1 14 VAL n 
1 15 ARG n 
1 16 LYS n 
1 17 GLY n 
1 18 LYS n 
1 19 VAL n 
1 20 GLN n 
1 21 TYR n 
1 22 LEU n 
1 23 ILE n 
1 24 LYS n 
1 25 TRP n 
1 26 ARG n 
1 27 GLY n 
1 28 TRP n 
1 29 PRO n 
1 30 GLU n 
1 31 THR n 
1 32 ALA n 
1 33 ASN n 
1 34 THR n 
1 35 TRP n 
1 36 GLU n 
1 37 PRO n 
1 38 LEU n 
1 39 GLU n 
1 40 ASN n 
1 41 LEU n 
1 42 GLN n 
1 43 SER n 
1 44 ILE n 
1 45 ALA n 
1 46 ASP n 
1 47 VAL n 
1 48 ILE n 
1 49 ASP n 
1 50 ALA n 
1 51 PHE n 
1 52 GLU n 
1 53 GLY n 
1 54 SER n 
1 55 LEU n 
1 56 LYS n 
# 
_entity_src_gen.entity_id                          1 
_entity_src_gen.pdbx_src_id                        1 
_entity_src_gen.pdbx_alt_source_flag               sample 
_entity_src_gen.pdbx_seq_type                      'Biological sequence' 
_entity_src_gen.pdbx_beg_seq_num                   1 
_entity_src_gen.pdbx_end_seq_num                   56 
_entity_src_gen.gene_src_common_name               'Mouse-ear cress' 
_entity_src_gen.gene_src_genus                     ? 
_entity_src_gen.pdbx_gene_src_gene                 LHP1 
_entity_src_gen.gene_src_species                   ? 
_entity_src_gen.gene_src_strain                    ? 
_entity_src_gen.gene_src_tissue                    ? 
_entity_src_gen.gene_src_tissue_fraction           ? 
_entity_src_gen.gene_src_details                   ? 
_entity_src_gen.pdbx_gene_src_fragment             ? 
_entity_src_gen.pdbx_gene_src_scientific_name      'Arabidopsis thaliana' 
_entity_src_gen.pdbx_gene_src_ncbi_taxonomy_id     3702 
_entity_src_gen.pdbx_gene_src_variant              ? 
_entity_src_gen.pdbx_gene_src_cell_line            ? 
_entity_src_gen.pdbx_gene_src_atcc                 ? 
_entity_src_gen.pdbx_gene_src_organ                ? 
_entity_src_gen.pdbx_gene_src_organelle            ? 
_entity_src_gen.pdbx_gene_src_cell                 ? 
_entity_src_gen.pdbx_gene_src_cellular_location    ? 
_entity_src_gen.host_org_common_name               ? 
_entity_src_gen.pdbx_host_org_scientific_name      'Escherichia coli BL21(DE3)' 
_entity_src_gen.pdbx_host_org_ncbi_taxonomy_id     469008 
_entity_src_gen.host_org_genus                     ? 
_entity_src_gen.pdbx_host_org_gene                 ? 
_entity_src_gen.pdbx_host_org_organ                ? 
_entity_src_gen.host_org_species                   ? 
_entity_src_gen.pdbx_host_org_tissue               ? 
_entity_src_gen.pdbx_host_org_tissue_fraction      ? 
_entity_src_gen.pdbx_host_org_strain               'BL21(DE3)' 
_entity_src_gen.pdbx_host_org_variant              ? 
_entity_src_gen.pdbx_host_org_cell_line            ? 
_entity_src_gen.pdbx_host_org_atcc                 ? 
_entity_src_gen.pdbx_host_org_culture_collection   ? 
_entity_src_gen.pdbx_host_org_cell                 ? 
_entity_src_gen.pdbx_host_org_organelle            ? 
_entity_src_gen.pdbx_host_org_cellular_location    ? 
_entity_src_gen.pdbx_host_org_vector_type          ? 
_entity_src_gen.pdbx_host_org_vector               ? 
_entity_src_gen.host_org_details                   ? 
_entity_src_gen.expression_system_id               ? 
_entity_src_gen.plasmid_name                       ? 
_entity_src_gen.plasmid_details                    ? 
_entity_src_gen.pdbx_description                   ? 
# 
_struct_ref.id                         1 
_struct_ref.db_name                    UNP 
_struct_ref.db_code                    LHP1_ARATH 
_struct_ref.pdbx_db_accession          Q946J8 
_struct_ref.pdbx_db_isoform            ? 
_struct_ref.entity_id                  1 
_struct_ref.pdbx_seq_one_letter_code   GFYEIEAIRRKRVRKGKVQYLIKWRGWPETANTWEPLENLQSIADVIDAFEGSLK 
_struct_ref.pdbx_align_begin           106 
# 
_struct_ref_seq.align_id                      1 
_struct_ref_seq.ref_id                        1 
_struct_ref_seq.pdbx_PDB_id_code              7VZ2 
_struct_ref_seq.pdbx_strand_id                A 
_struct_ref_seq.seq_align_beg                 2 
_struct_ref_seq.pdbx_seq_align_beg_ins_code   ? 
_struct_ref_seq.seq_align_end                 56 
_struct_ref_seq.pdbx_seq_align_end_ins_code   ? 
_struct_ref_seq.pdbx_db_accession             Q946J8 
_struct_ref_seq.db_align_beg                  106 
_struct_ref_seq.pdbx_db_align_beg_ins_code    ? 
_struct_ref_seq.db_align_end                  160 
_struct_ref_seq.pdbx_db_align_end_ins_code    ? 
_struct_ref_seq.pdbx_auth_seq_align_beg       106 
_struct_ref_seq.pdbx_auth_seq_align_end       160 
# 
_struct_ref_seq_dif.align_id                     1 
_struct_ref_seq_dif.pdbx_pdb_id_code             7VZ2 
_struct_ref_seq_dif.mon_id                       GLY 
_struct_ref_seq_dif.pdbx_pdb_strand_id           A 
_struct_ref_seq_dif.seq_num                      1 
_struct_ref_seq_dif.pdbx_pdb_ins_code            ? 
_struct_ref_seq_dif.pdbx_seq_db_name             UNP 
_struct_ref_seq_dif.pdbx_seq_db_accession_code   Q946J8 
_struct_ref_seq_dif.db_mon_id                    ? 
_struct_ref_seq_dif.pdbx_seq_db_seq_num          ? 
_struct_ref_seq_dif.details                      'expression tag' 
_struct_ref_seq_dif.pdbx_auth_seq_num            105 
_struct_ref_seq_dif.pdbx_ordinal                 1 
# 
loop_
_chem_comp.id 
_chem_comp.type 
_chem_comp.mon_nstd_flag 
_chem_comp.name 
_chem_comp.pdbx_synonyms 
_chem_comp.formula 
_chem_comp.formula_weight 
ALA 'L-peptide linking' y ALANINE               ? 'C3 H7 N O2'     89.093  
ARG 'L-peptide linking' y ARGININE              ? 'C6 H15 N4 O2 1' 175.209 
ASN 'L-peptide linking' y ASPARAGINE            ? 'C4 H8 N2 O3'    132.118 
ASP 'L-peptide linking' y 'ASPARTIC ACID'       ? 'C4 H7 N O4'     133.103 
GLN 'L-peptide linking' y GLUTAMINE             ? 'C5 H10 N2 O3'   146.144 
GLU 'L-peptide linking' y 'GLUTAMIC ACID'       ? 'C5 H9 N O4'     147.129 
GLY 'peptide linking'   y GLYCINE               ? 'C2 H5 N O2'     75.067  
HOH non-polymer         . WATER                 ? 'H2 O'           18.015  
ILE 'L-peptide linking' y ISOLEUCINE            ? 'C6 H13 N O2'    131.173 
LEU 'L-peptide linking' y LEUCINE               ? 'C6 H13 N O2'    131.173 
LYS 'L-peptide linking' y LYSINE                ? 'C6 H15 N2 O2 1' 147.195 
PHE 'L-peptide linking' y PHENYLALANINE         ? 'C9 H11 N O2'    165.189 
PRO 'L-peptide linking' y PROLINE               ? 'C5 H9 N O2'     115.130 
SER 'L-peptide linking' y SERINE                ? 'C3 H7 N O3'     105.093 
THR 'L-peptide linking' y THREONINE             ? 'C4 H9 N O3'     119.119 
TRP 'L-peptide linking' y TRYPTOPHAN            ? 'C11 H12 N2 O2'  204.225 
TYR 'L-peptide linking' y TYROSINE              ? 'C9 H11 N O3'    181.189 
UNX non-polymer         . 'UNKNOWN ATOM OR ION' ? ?                ?       
VAL 'L-peptide linking' y VALINE                ? 'C5 H11 N O2'    117.146 
# 
_exptl.absorpt_coefficient_mu     ? 
_exptl.absorpt_correction_T_max   ? 
_exptl.absorpt_correction_T_min   ? 
_exptl.absorpt_correction_type    ? 
_exptl.absorpt_process_details    ? 
_exptl.entry_id                   7VZ2 
_exptl.crystals_number            1 
_exptl.details                    ? 
_exptl.method                     'X-RAY DIFFRACTION' 
_exptl.method_details             ? 
# 
_exptl_crystal.colour                      ? 
_exptl_crystal.density_diffrn              ? 
_exptl_crystal.density_Matthews            2.35 
_exptl_crystal.density_method              ? 
_exptl_crystal.density_percent_sol         47.65 
_exptl_crystal.description                 ? 
_exptl_crystal.F_000                       ? 
_exptl_crystal.id                          1 
_exptl_crystal.preparation                 ? 
_exptl_crystal.size_max                    ? 
_exptl_crystal.size_mid                    ? 
_exptl_crystal.size_min                    ? 
_exptl_crystal.size_rad                    ? 
_exptl_crystal.colour_lustre               ? 
_exptl_crystal.colour_modifier             ? 
_exptl_crystal.colour_primary              ? 
_exptl_crystal.density_meas                ? 
_exptl_crystal.density_meas_esd            ? 
_exptl_crystal.density_meas_gt             ? 
_exptl_crystal.density_meas_lt             ? 
_exptl_crystal.density_meas_temp           ? 
_exptl_crystal.density_meas_temp_esd       ? 
_exptl_crystal.density_meas_temp_gt        ? 
_exptl_crystal.density_meas_temp_lt        ? 
_exptl_crystal.pdbx_crystal_image_url      ? 
_exptl_crystal.pdbx_crystal_image_format   ? 
_exptl_crystal.pdbx_mosaicity              ? 
_exptl_crystal.pdbx_mosaicity_esd          ? 
# 
_exptl_crystal_grow.apparatus       ? 
_exptl_crystal_grow.atmosphere      ? 
_exptl_crystal_grow.crystal_id      1 
_exptl_crystal_grow.details         ? 
_exptl_crystal_grow.method          'VAPOR DIFFUSION, SITTING DROP' 
_exptl_crystal_grow.method_ref      ? 
_exptl_crystal_grow.pH              ? 
_exptl_crystal_grow.pressure        ? 
_exptl_crystal_grow.pressure_esd    ? 
_exptl_crystal_grow.seeding         ? 
_exptl_crystal_grow.seeding_ref     ? 
_exptl_crystal_grow.temp            291 
_exptl_crystal_grow.temp_details    ? 
_exptl_crystal_grow.temp_esd        ? 
_exptl_crystal_grow.time            ? 
_exptl_crystal_grow.pdbx_details    '20 mM Tris, pH 7.5, 150 mM NaCl and 1 mM DTT' 
_exptl_crystal_grow.pdbx_pH_range   ? 
# 
_diffrn.ambient_environment              ? 
_diffrn.ambient_temp                     100 
_diffrn.ambient_temp_details             ? 
_diffrn.ambient_temp_esd                 ? 
_diffrn.crystal_id                       1 
_diffrn.crystal_support                  ? 
_diffrn.crystal_treatment                ? 
_diffrn.details                          ? 
_diffrn.id                               1 
_diffrn.ambient_pressure                 ? 
_diffrn.ambient_pressure_esd             ? 
_diffrn.ambient_pressure_gt              ? 
_diffrn.ambient_pressure_lt              ? 
_diffrn.ambient_temp_gt                  ? 
_diffrn.ambient_temp_lt                  ? 
_diffrn.pdbx_serial_crystal_experiment   N 
# 
_diffrn_detector.details                      ? 
_diffrn_detector.detector                     CCD 
_diffrn_detector.diffrn_id                    1 
_diffrn_detector.type                         'AGILENT ATLAS CCD' 
_diffrn_detector.area_resol_mean              ? 
_diffrn_detector.dtime                        ? 
_diffrn_detector.pdbx_frames_total            ? 
_diffrn_detector.pdbx_collection_time_total   ? 
_diffrn_detector.pdbx_collection_date         2017-08-23 
_diffrn_detector.pdbx_frequency               ? 
# 
_diffrn_radiation.collimation                      ? 
_diffrn_radiation.diffrn_id                        1 
_diffrn_radiation.filter_edge                      ? 
_diffrn_radiation.inhomogeneity                    ? 
_diffrn_radiation.monochromator                    ? 
_diffrn_radiation.polarisn_norm                    ? 
_diffrn_radiation.polarisn_ratio                   ? 
_diffrn_radiation.probe                            ? 
_diffrn_radiation.type                             ? 
_diffrn_radiation.xray_symbol                      ? 
_diffrn_radiation.wavelength_id                    1 
_diffrn_radiation.pdbx_monochromatic_or_laue_m_l   M 
_diffrn_radiation.pdbx_wavelength_list             ? 
_diffrn_radiation.pdbx_wavelength                  ? 
_diffrn_radiation.pdbx_diffrn_protocol             'SINGLE WAVELENGTH' 
_diffrn_radiation.pdbx_analyzer                    ? 
_diffrn_radiation.pdbx_scattering_type             x-ray 
# 
_diffrn_radiation_wavelength.id           1 
_diffrn_radiation_wavelength.wavelength   1.5418 
_diffrn_radiation_wavelength.wt           1.0 
# 
_diffrn_source.current                     ? 
_diffrn_source.details                     ? 
_diffrn_source.diffrn_id                   1 
_diffrn_source.power                       ? 
_diffrn_source.size                        ? 
_diffrn_source.source                      'ROTATING ANODE' 
_diffrn_source.target                      ? 
_diffrn_source.type                        'RIGAKU FR-E SUPERBRIGHT' 
_diffrn_source.voltage                     ? 
_diffrn_source.take-off_angle              ? 
_diffrn_source.pdbx_wavelength_list        1.5418 
_diffrn_source.pdbx_wavelength             ? 
_diffrn_source.pdbx_synchrotron_beamline   ? 
_diffrn_source.pdbx_synchrotron_site       ? 
# 
_reflns.B_iso_Wilson_estimate                          ? 
_reflns.entry_id                                       7VZ2 
_reflns.data_reduction_details                         ? 
_reflns.data_reduction_method                          ? 
_reflns.d_resolution_high                              1.70 
_reflns.d_resolution_low                               35.48 
_reflns.details                                        ? 
_reflns.limit_h_max                                    ? 
_reflns.limit_h_min                                    ? 
_reflns.limit_k_max                                    ? 
_reflns.limit_k_min                                    ? 
_reflns.limit_l_max                                    ? 
_reflns.limit_l_min                                    ? 
_reflns.number_all                                     ? 
_reflns.number_obs                                     7107 
_reflns.observed_criterion                             ? 
_reflns.observed_criterion_F_max                       ? 
_reflns.observed_criterion_F_min                       ? 
_reflns.observed_criterion_I_max                       ? 
_reflns.observed_criterion_I_min                       ? 
_reflns.observed_criterion_sigma_F                     ? 
_reflns.observed_criterion_sigma_I                     ? 
_reflns.percent_possible_obs                           97.3 
_reflns.R_free_details                                 ? 
_reflns.Rmerge_F_all                                   ? 
_reflns.Rmerge_F_obs                                   ? 
_reflns.Friedel_coverage                               ? 
_reflns.number_gt                                      ? 
_reflns.threshold_expression                           ? 
_reflns.pdbx_redundancy                                20 
_reflns.pdbx_Rmerge_I_obs                              ? 
_reflns.pdbx_Rmerge_I_all                              ? 
_reflns.pdbx_Rsym_value                                ? 
_reflns.pdbx_netI_over_av_sigmaI                       ? 
_reflns.pdbx_netI_over_sigmaI                          47.9 
_reflns.pdbx_res_netI_over_av_sigmaI_2                 ? 
_reflns.pdbx_res_netI_over_sigmaI_2                    ? 
_reflns.pdbx_chi_squared                               ? 
_reflns.pdbx_scaling_rejects                           ? 
_reflns.pdbx_d_res_high_opt                            ? 
_reflns.pdbx_d_res_low_opt                             ? 
_reflns.pdbx_d_res_opt_method                          ? 
_reflns.phase_calculation_details                      ? 
_reflns.pdbx_Rrim_I_all                                ? 
_reflns.pdbx_Rpim_I_all                                ? 
_reflns.pdbx_d_opt                                     ? 
_reflns.pdbx_number_measured_all                       ? 
_reflns.pdbx_diffrn_id                                 1 
_reflns.pdbx_ordinal                                   1 
_reflns.pdbx_CC_half                                   1.000 
_reflns.pdbx_CC_star                                   ? 
_reflns.pdbx_R_split                                   ? 
_reflns.pdbx_aniso_diffraction_limit_axis_1_ortho[1]   ? 
_reflns.pdbx_aniso_diffraction_limit_axis_1_ortho[2]   ? 
_reflns.pdbx_aniso_diffraction_limit_axis_1_ortho[3]   ? 
_reflns.pdbx_aniso_diffraction_limit_axis_2_ortho[1]   ? 
_reflns.pdbx_aniso_diffraction_limit_axis_2_ortho[2]   ? 
_reflns.pdbx_aniso_diffraction_limit_axis_2_ortho[3]   ? 
_reflns.pdbx_aniso_diffraction_limit_axis_3_ortho[1]   ? 
_reflns.pdbx_aniso_diffraction_limit_axis_3_ortho[2]   ? 
_reflns.pdbx_aniso_diffraction_limit_axis_3_ortho[3]   ? 
_reflns.pdbx_aniso_diffraction_limit_1                 ? 
_reflns.pdbx_aniso_diffraction_limit_2                 ? 
_reflns.pdbx_aniso_diffraction_limit_3                 ? 
_reflns.pdbx_aniso_B_tensor_eigenvector_1_ortho[1]     ? 
_reflns.pdbx_aniso_B_tensor_eigenvector_1_ortho[2]     ? 
_reflns.pdbx_aniso_B_tensor_eigenvector_1_ortho[3]     ? 
_reflns.pdbx_aniso_B_tensor_eigenvector_2_ortho[1]     ? 
_reflns.pdbx_aniso_B_tensor_eigenvector_2_ortho[2]     ? 
_reflns.pdbx_aniso_B_tensor_eigenvector_2_ortho[3]     ? 
_reflns.pdbx_aniso_B_tensor_eigenvector_3_ortho[1]     ? 
_reflns.pdbx_aniso_B_tensor_eigenvector_3_ortho[2]     ? 
_reflns.pdbx_aniso_B_tensor_eigenvector_3_ortho[3]     ? 
_reflns.pdbx_aniso_B_tensor_eigenvalue_1               ? 
_reflns.pdbx_aniso_B_tensor_eigenvalue_2               ? 
_reflns.pdbx_aniso_B_tensor_eigenvalue_3               ? 
_reflns.pdbx_orthogonalization_convention              ? 
_reflns.pdbx_percent_possible_ellipsoidal              ? 
_reflns.pdbx_percent_possible_spherical                ? 
_reflns.pdbx_percent_possible_ellipsoidal_anomalous    ? 
_reflns.pdbx_percent_possible_spherical_anomalous      ? 
_reflns.pdbx_redundancy_anomalous                      ? 
_reflns.pdbx_CC_half_anomalous                         ? 
_reflns.pdbx_absDiff_over_sigma_anomalous              ? 
_reflns.pdbx_percent_possible_anomalous                ? 
_reflns.pdbx_observed_signal_threshold                 ? 
_reflns.pdbx_signal_type                               ? 
_reflns.pdbx_signal_details                            ? 
_reflns.pdbx_signal_software_id                        ? 
# 
_reflns_shell.d_res_high                                    1.70 
_reflns_shell.d_res_low                                     1.73 
_reflns_shell.meanI_over_sigI_all                           ? 
_reflns_shell.meanI_over_sigI_obs                           ? 
_reflns_shell.number_measured_all                           ? 
_reflns_shell.number_measured_obs                           ? 
_reflns_shell.number_possible                               ? 
_reflns_shell.number_unique_all                             ? 
_reflns_shell.number_unique_obs                             379 
_reflns_shell.percent_possible_all                          ? 
_reflns_shell.percent_possible_obs                          ? 
_reflns_shell.Rmerge_F_all                                  ? 
_reflns_shell.Rmerge_F_obs                                  ? 
_reflns_shell.Rmerge_I_all                                  ? 
_reflns_shell.Rmerge_I_obs                                  ? 
_reflns_shell.meanI_over_sigI_gt                            ? 
_reflns_shell.meanI_over_uI_all                             ? 
_reflns_shell.meanI_over_uI_gt                              ? 
_reflns_shell.number_measured_gt                            ? 
_reflns_shell.number_unique_gt                              ? 
_reflns_shell.percent_possible_gt                           ? 
_reflns_shell.Rmerge_F_gt                                   ? 
_reflns_shell.Rmerge_I_gt                                   ? 
_reflns_shell.pdbx_redundancy                               ? 
_reflns_shell.pdbx_Rsym_value                               ? 
_reflns_shell.pdbx_chi_squared                              ? 
_reflns_shell.pdbx_netI_over_sigmaI_all                     ? 
_reflns_shell.pdbx_netI_over_sigmaI_obs                     ? 
_reflns_shell.pdbx_Rrim_I_all                               ? 
_reflns_shell.pdbx_Rpim_I_all                               ? 
_reflns_shell.pdbx_rejects                                  ? 
_reflns_shell.pdbx_ordinal                                  1 
_reflns_shell.pdbx_diffrn_id                                1 
_reflns_shell.pdbx_CC_half                                  0.369 
_reflns_shell.pdbx_CC_star                                  ? 
_reflns_shell.pdbx_R_split                                  ? 
_reflns_shell.pdbx_percent_possible_ellipsoidal             ? 
_reflns_shell.pdbx_percent_possible_spherical               ? 
_reflns_shell.pdbx_percent_possible_ellipsoidal_anomalous   ? 
_reflns_shell.pdbx_percent_possible_spherical_anomalous     ? 
_reflns_shell.pdbx_redundancy_anomalous                     ? 
_reflns_shell.pdbx_CC_half_anomalous                        ? 
_reflns_shell.pdbx_absDiff_over_sigma_anomalous             ? 
_reflns_shell.pdbx_percent_possible_anomalous               ? 
# 
_refine.aniso_B[1][1]                            ? 
_refine.aniso_B[1][2]                            ? 
_refine.aniso_B[1][3]                            ? 
_refine.aniso_B[2][2]                            ? 
_refine.aniso_B[2][3]                            ? 
_refine.aniso_B[3][3]                            ? 
_refine.B_iso_max                                83.100 
_refine.B_iso_mean                               42.9503 
_refine.B_iso_min                                26.650 
_refine.correlation_coeff_Fo_to_Fc               ? 
_refine.correlation_coeff_Fo_to_Fc_free          ? 
_refine.details                                  ? 
_refine.diff_density_max                         ? 
_refine.diff_density_max_esd                     ? 
_refine.diff_density_min                         ? 
_refine.diff_density_min_esd                     ? 
_refine.diff_density_rms                         ? 
_refine.diff_density_rms_esd                     ? 
_refine.entry_id                                 7VZ2 
_refine.pdbx_refine_id                           'X-RAY DIFFRACTION' 
_refine.ls_abs_structure_details                 ? 
_refine.ls_abs_structure_Flack                   ? 
_refine.ls_abs_structure_Flack_esd               ? 
_refine.ls_abs_structure_Rogers                  ? 
_refine.ls_abs_structure_Rogers_esd              ? 
_refine.ls_d_res_high                            1.7000 
_refine.ls_d_res_low                             35.48 
_refine.ls_extinction_coef                       ? 
_refine.ls_extinction_coef_esd                   ? 
_refine.ls_extinction_expression                 ? 
_refine.ls_extinction_method                     ? 
_refine.ls_goodness_of_fit_all                   ? 
_refine.ls_goodness_of_fit_all_esd               ? 
_refine.ls_goodness_of_fit_obs                   ? 
_refine.ls_goodness_of_fit_obs_esd               ? 
_refine.ls_hydrogen_treatment                    ? 
_refine.ls_matrix_type                           ? 
_refine.ls_number_constraints                    ? 
_refine.ls_number_parameters                     ? 
_refine.ls_number_reflns_all                     ? 
_refine.ls_number_reflns_obs                     6386 
_refine.ls_number_reflns_R_free                  721 
_refine.ls_number_reflns_R_work                  ? 
_refine.ls_number_restraints                     ? 
_refine.ls_percent_reflns_obs                    96.9200 
_refine.ls_percent_reflns_R_free                 10.16 
_refine.ls_R_factor_all                          ? 
_refine.ls_R_factor_obs                          0.2493 
_refine.ls_R_factor_R_free                       0.2912 
_refine.ls_R_factor_R_free_error                 ? 
_refine.ls_R_factor_R_free_error_details         ? 
_refine.ls_R_factor_R_work                       0.2448 
_refine.ls_R_Fsqd_factor_obs                     ? 
_refine.ls_R_I_factor_obs                        ? 
_refine.ls_redundancy_reflns_all                 ? 
_refine.ls_redundancy_reflns_obs                 ? 
_refine.ls_restrained_S_all                      ? 
_refine.ls_restrained_S_obs                      ? 
_refine.ls_shift_over_esd_max                    ? 
_refine.ls_shift_over_esd_mean                   ? 
_refine.ls_structure_factor_coef                 ? 
_refine.ls_weighting_details                     ? 
_refine.ls_weighting_scheme                      ? 
_refine.ls_wR_factor_all                         ? 
_refine.ls_wR_factor_obs                         ? 
_refine.ls_wR_factor_R_free                      ? 
_refine.ls_wR_factor_R_work                      ? 
_refine.occupancy_max                            ? 
_refine.occupancy_min                            ? 
_refine.solvent_model_details                    'FLAT BULK SOLVENT MODEL' 
_refine.solvent_model_param_bsol                 ? 
_refine.solvent_model_param_ksol                 ? 
_refine.pdbx_R_complete                          ? 
_refine.ls_R_factor_gt                           ? 
_refine.ls_goodness_of_fit_gt                    ? 
_refine.ls_goodness_of_fit_ref                   ? 
_refine.ls_shift_over_su_max                     ? 
_refine.ls_shift_over_su_max_lt                  ? 
_refine.ls_shift_over_su_mean                    ? 
_refine.ls_shift_over_su_mean_lt                 ? 
_refine.pdbx_ls_sigma_I                          ? 
_refine.pdbx_ls_sigma_F                          0.240 
_refine.pdbx_ls_sigma_Fsqd                       ? 
_refine.pdbx_data_cutoff_high_absF               ? 
_refine.pdbx_data_cutoff_high_rms_absF           ? 
_refine.pdbx_data_cutoff_low_absF                ? 
_refine.pdbx_isotropic_thermal_model             ? 
_refine.pdbx_ls_cross_valid_method               THROUGHOUT 
_refine.pdbx_method_to_determine_struct          'MOLECULAR REPLACEMENT' 
_refine.pdbx_starting_model                      1Q3L 
_refine.pdbx_stereochemistry_target_values       ML 
_refine.pdbx_R_Free_selection_details            ? 
_refine.pdbx_stereochem_target_val_spec_case     ? 
_refine.pdbx_overall_ESU_R                       ? 
_refine.pdbx_overall_ESU_R_Free                  ? 
_refine.pdbx_solvent_vdw_probe_radii             1.1100 
_refine.pdbx_solvent_ion_probe_radii             ? 
_refine.pdbx_solvent_shrinkage_radii             0.9000 
_refine.pdbx_real_space_R                        ? 
_refine.pdbx_density_correlation                 ? 
_refine.pdbx_pd_number_of_powder_patterns        ? 
_refine.pdbx_pd_number_of_points                 ? 
_refine.pdbx_pd_meas_number_of_points            ? 
_refine.pdbx_pd_proc_ls_prof_R_factor            ? 
_refine.pdbx_pd_proc_ls_prof_wR_factor           ? 
_refine.pdbx_pd_Marquardt_correlation_coeff      ? 
_refine.pdbx_pd_Fsqrd_R_factor                   ? 
_refine.pdbx_pd_ls_matrix_band_width             ? 
_refine.pdbx_overall_phase_error                 36.2300 
_refine.pdbx_overall_SU_R_free_Cruickshank_DPI   ? 
_refine.pdbx_overall_SU_R_free_Blow_DPI          ? 
_refine.pdbx_overall_SU_R_Blow_DPI               ? 
_refine.pdbx_TLS_residual_ADP_flag               ? 
_refine.pdbx_diffrn_id                           1 
_refine.overall_SU_B                             ? 
_refine.overall_SU_ML                            0.2900 
_refine.overall_SU_R_Cruickshank_DPI             ? 
_refine.overall_SU_R_free                        ? 
_refine.overall_FOM_free_R_set                   ? 
_refine.overall_FOM_work_R_set                   ? 
_refine.pdbx_average_fsc_overall                 ? 
_refine.pdbx_average_fsc_work                    ? 
_refine.pdbx_average_fsc_free                    ? 
# 
_refine_hist.pdbx_refine_id                   'X-RAY DIFFRACTION' 
_refine_hist.cycle_id                         final 
_refine_hist.details                          ? 
_refine_hist.d_res_high                       1.7000 
_refine_hist.d_res_low                        35.48 
_refine_hist.number_atoms_solvent             17 
_refine_hist.number_atoms_total               453 
_refine_hist.number_reflns_all                ? 
_refine_hist.number_reflns_obs                ? 
_refine_hist.number_reflns_R_free             ? 
_refine_hist.number_reflns_R_work             ? 
_refine_hist.R_factor_all                     ? 
_refine_hist.R_factor_obs                     ? 
_refine_hist.R_factor_R_free                  ? 
_refine_hist.R_factor_R_work                  ? 
_refine_hist.pdbx_number_residues_total       54 
_refine_hist.pdbx_B_iso_mean_ligand           36.55 
_refine_hist.pdbx_B_iso_mean_solvent          43.08 
_refine_hist.pdbx_number_atoms_protein        431 
_refine_hist.pdbx_number_atoms_nucleic_acid   0 
_refine_hist.pdbx_number_atoms_ligand         5 
_refine_hist.pdbx_number_atoms_lipid          ? 
_refine_hist.pdbx_number_atoms_carb           ? 
_refine_hist.pdbx_pseudo_atom_details         ? 
# 
_refine_ls_shell.R_factor_R_free                  0.3366 
_refine_ls_shell.R_factor_R_free_error            ? 
_refine_ls_shell.R_factor_R_work                  0.4223 
_refine_ls_shell.R_factor_all                     ? 
_refine_ls_shell.R_factor_obs                     ? 
_refine_ls_shell.d_res_high                       1.70 
_refine_ls_shell.d_res_low                        1.73 
_refine_ls_shell.number_reflns_R_free             690 
_refine_ls_shell.number_reflns_R_work             ? 
_refine_ls_shell.number_reflns_all                ? 
_refine_ls_shell.number_reflns_obs                ? 
_refine_ls_shell.pdbx_R_complete                  ? 
_refine_ls_shell.pdbx_fsc_free                    ? 
_refine_ls_shell.pdbx_fsc_work                    ? 
_refine_ls_shell.pdbx_phase_error                 ? 
_refine_ls_shell.pdbx_refine_id                   'X-RAY DIFFRACTION' 
_refine_ls_shell.pdbx_total_number_of_bins_used   ? 
_refine_ls_shell.percent_reflns_R_free            ? 
_refine_ls_shell.percent_reflns_obs               93.38 
_refine_ls_shell.redundancy_reflns_all            ? 
_refine_ls_shell.redundancy_reflns_obs            ? 
_refine_ls_shell.wR_factor_R_free                 ? 
_refine_ls_shell.wR_factor_R_work                 ? 
_refine_ls_shell.wR_factor_all                    ? 
_refine_ls_shell.wR_factor_obs                    ? 
# 
_struct.entry_id                     7VZ2 
_struct.title                        'Crystal structure of chromodomain of Arabidopsis LHP1' 
_struct.pdbx_model_details           ? 
_struct.pdbx_formula_weight          ? 
_struct.pdbx_formula_weight_method   ? 
_struct.pdbx_model_type_details      ? 
_struct.pdbx_CASP_flag               N 
# 
_struct_keywords.entry_id        7VZ2 
_struct_keywords.text            TRANSCRIPTION 
_struct_keywords.pdbx_keywords   TRANSCRIPTION 
# 
loop_
_struct_asym.id 
_struct_asym.pdbx_blank_PDB_chainid_flag 
_struct_asym.pdbx_modified 
_struct_asym.entity_id 
_struct_asym.details 
A N N 1 ? 
B N N 2 ? 
C N N 2 ? 
D N N 2 ? 
E N N 2 ? 
F N N 2 ? 
G N N 3 ? 
# 
loop_
_struct_conf.conf_type_id 
_struct_conf.id 
_struct_conf.pdbx_PDB_helix_id 
_struct_conf.beg_label_comp_id 
_struct_conf.beg_label_asym_id 
_struct_conf.beg_label_seq_id 
_struct_conf.pdbx_beg_PDB_ins_code 
_struct_conf.end_label_comp_id 
_struct_conf.end_label_asym_id 
_struct_conf.end_label_seq_id 
_struct_conf.pdbx_end_PDB_ins_code 
_struct_conf.beg_auth_comp_id 
_struct_conf.beg_auth_asym_id 
_struct_conf.beg_auth_seq_id 
_struct_conf.end_auth_comp_id 
_struct_conf.end_auth_asym_id 
_struct_conf.end_auth_seq_id 
_struct_conf.pdbx_PDB_helix_class 
_struct_conf.details 
_struct_conf.pdbx_PDB_helix_length 
HELX_P HELX_P1 AA1 PRO A 29 ? ASN A 33 ? PRO A 133 ASN A 137 5 ? 5  
HELX_P HELX_P2 AA2 LEU A 38 ? LEU A 55 ? LEU A 142 LEU A 159 1 ? 18 
# 
_struct_conf_type.id          HELX_P 
_struct_conf_type.criteria    ? 
_struct_conf_type.reference   ? 
# 
_struct_sheet.id               AA1 
_struct_sheet.type             ? 
_struct_sheet.number_strands   3 
_struct_sheet.details          ? 
# 
loop_
_struct_sheet_order.sheet_id 
_struct_sheet_order.range_id_1 
_struct_sheet_order.range_id_2 
_struct_sheet_order.offset 
_struct_sheet_order.sense 
AA1 1 2 ? anti-parallel 
AA1 2 3 ? anti-parallel 
# 
loop_
_struct_sheet_range.sheet_id 
_struct_sheet_range.id 
_struct_sheet_range.beg_label_comp_id 
_struct_sheet_range.beg_label_asym_id 
_struct_sheet_range.beg_label_seq_id 
_struct_sheet_range.pdbx_beg_PDB_ins_code 
_struct_sheet_range.end_label_comp_id 
_struct_sheet_range.end_label_asym_id 
_struct_sheet_range.end_label_seq_id 
_struct_sheet_range.pdbx_end_PDB_ins_code 
_struct_sheet_range.beg_auth_comp_id 
_struct_sheet_range.beg_auth_asym_id 
_struct_sheet_range.beg_auth_seq_id 
_struct_sheet_range.end_auth_comp_id 
_struct_sheet_range.end_auth_asym_id 
_struct_sheet_range.end_auth_seq_id 
AA1 1 ILE A 6  ? ARG A 15 ? ILE A 110 ARG A 119 
AA1 2 LYS A 18 ? TRP A 25 ? LYS A 122 TRP A 129 
AA1 3 THR A 34 ? PRO A 37 ? THR A 138 PRO A 141 
# 
loop_
_pdbx_struct_sheet_hbond.sheet_id 
_pdbx_struct_sheet_hbond.range_id_1 
_pdbx_struct_sheet_hbond.range_id_2 
_pdbx_struct_sheet_hbond.range_1_label_atom_id 
_pdbx_struct_sheet_hbond.range_1_label_comp_id 
_pdbx_struct_sheet_hbond.range_1_label_asym_id 
_pdbx_struct_sheet_hbond.range_1_label_seq_id 
_pdbx_struct_sheet_hbond.range_1_PDB_ins_code 
_pdbx_struct_sheet_hbond.range_1_auth_atom_id 
_pdbx_struct_sheet_hbond.range_1_auth_comp_id 
_pdbx_struct_sheet_hbond.range_1_auth_asym_id 
_pdbx_struct_sheet_hbond.range_1_auth_seq_id 
_pdbx_struct_sheet_hbond.range_2_label_atom_id 
_pdbx_struct_sheet_hbond.range_2_label_comp_id 
_pdbx_struct_sheet_hbond.range_2_label_asym_id 
_pdbx_struct_sheet_hbond.range_2_label_seq_id 
_pdbx_struct_sheet_hbond.range_2_PDB_ins_code 
_pdbx_struct_sheet_hbond.range_2_auth_atom_id 
_pdbx_struct_sheet_hbond.range_2_auth_comp_id 
_pdbx_struct_sheet_hbond.range_2_auth_asym_id 
_pdbx_struct_sheet_hbond.range_2_auth_seq_id 
AA1 1 2 N ARG A 10 ? N ARG A 114 O LEU A 22 ? O LEU A 126 
AA1 2 3 N TYR A 21 ? N TYR A 125 O GLU A 36 ? O GLU A 140 
# 
_atom_sites.entry_id                    7VZ2 
_atom_sites.Cartn_transf_matrix[1][1]   ? 
_atom_sites.Cartn_transf_matrix[1][2]   ? 
_atom_sites.Cartn_transf_matrix[1][3]   ? 
_atom_sites.Cartn_transf_matrix[2][1]   ? 
_atom_sites.Cartn_transf_matrix[2][2]   ? 
_atom_sites.Cartn_transf_matrix[2][3]   ? 
_atom_sites.Cartn_transf_matrix[3][1]   ? 
_atom_sites.Cartn_transf_matrix[3][2]   ? 
_atom_sites.Cartn_transf_matrix[3][3]   ? 
_atom_sites.Cartn_transf_vector[1]      ? 
_atom_sites.Cartn_transf_vector[2]      ? 
_atom_sites.Cartn_transf_vector[3]      ? 
_atom_sites.fract_transf_matrix[1][1]   -0.01098031 
_atom_sites.fract_transf_matrix[1][2]   0.02385576 
_atom_sites.fract_transf_matrix[1][3]   -0.02522920 
_atom_sites.fract_transf_matrix[2][1]   0.02431947 
_atom_sites.fract_transf_matrix[2][2]   0.02141666 
_atom_sites.fract_transf_matrix[2][3]   -0.01661589 
_atom_sites.fract_transf_matrix[3][1]   0.00117732 
_atom_sites.fract_transf_matrix[3][2]   -0.00651073 
_atom_sites.fract_transf_matrix[3][3]   -0.00666870 
_atom_sites.fract_transf_vector[1]      -0.215816 
_atom_sites.fract_transf_vector[2]      -0.091113 
_atom_sites.fract_transf_vector[3]      0.027539 
_atom_sites.solution_primary            ? 
_atom_sites.solution_secondary          ? 
_atom_sites.solution_hydrogens          ? 
_atom_sites.special_details             ? 
# 
loop_
_atom_type.symbol 
C 
N 
O 
X 
# 
loop_
_atom_site.group_PDB 
_atom_site.id 
_atom_site.type_symbol 
_atom_site.label_atom_id 
_atom_site.label_alt_id 
_atom_site.label_comp_id 
_atom_site.label_asym_id 
_atom_site.label_entity_id 
_atom_site.label_seq_id 
_atom_site.pdbx_PDB_ins_code 
_atom_site.Cartn_x 
_atom_site.Cartn_y 
_atom_site.Cartn_z 
_atom_site.occupancy 
_atom_site.B_iso_or_equiv 
_atom_site.pdbx_formal_charge 
_atom_site.auth_seq_id 
_atom_site.auth_comp_id 
_atom_site.auth_asym_id 
_atom_site.auth_atom_id 
_atom_site.pdbx_PDB_model_num 
ATOM   1   C CA  . PHE A 1 3  ? -7.553  9.365   -7.144  1.00 60.42 ? 107 PHE A CA  1 
ATOM   2   C C   . PHE A 1 3  ? -6.747  8.073   -7.293  1.00 54.41 ? 107 PHE A C   1 
ATOM   3   O O   . PHE A 1 3  ? -6.713  7.477   -8.378  1.00 42.02 ? 107 PHE A O   1 
ATOM   4   N N   . TYR A 1 4  ? -6.116  7.642   -6.198  1.00 57.45 ? 108 TYR A N   1 
ATOM   5   C CA  . TYR A 1 4  ? -5.277  6.443   -6.154  1.00 50.35 ? 108 TYR A CA  1 
ATOM   6   C C   . TYR A 1 4  ? -5.930  5.361   -5.296  1.00 54.81 ? 108 TYR A C   1 
ATOM   7   O O   . TYR A 1 4  ? -6.214  5.585   -4.113  1.00 56.30 ? 108 TYR A O   1 
ATOM   8   C CB  . TYR A 1 4  ? -3.884  6.769   -5.610  1.00 38.64 ? 108 TYR A CB  1 
ATOM   9   C CG  . TYR A 1 4  ? -3.069  7.651   -6.528  1.00 54.81 ? 108 TYR A CG  1 
ATOM   10  C CD1 . TYR A 1 4  ? -2.270  7.100   -7.532  1.00 55.43 ? 108 TYR A CD1 1 
ATOM   11  C CD2 . TYR A 1 4  ? -3.096  9.035   -6.400  1.00 60.50 ? 108 TYR A CD2 1 
ATOM   12  C CE1 . TYR A 1 4  ? -1.520  7.903   -8.382  1.00 51.43 ? 108 TYR A CE1 1 
ATOM   13  C CE2 . TYR A 1 4  ? -2.348  9.843   -7.245  1.00 61.41 ? 108 TYR A CE2 1 
ATOM   14  C CZ  . TYR A 1 4  ? -1.554  9.274   -8.227  1.00 56.81 ? 108 TYR A CZ  1 
ATOM   15  O OH  . TYR A 1 4  ? -0.806  10.083  -9.061  1.00 51.25 ? 108 TYR A OH  1 
ATOM   16  N N   . GLU A 1 5  ? -6.114  4.180   -5.892  1.00 38.06 ? 109 GLU A N   1 
ATOM   17  C CA  . GLU A 1 5  ? -6.747  2.996   -5.312  1.00 36.48 ? 109 GLU A CA  1 
ATOM   18  C C   . GLU A 1 5  ? -6.019  1.774   -5.869  1.00 34.59 ? 109 GLU A C   1 
ATOM   19  O O   . GLU A 1 5  ? -5.764  1.725   -7.074  1.00 42.66 ? 109 GLU A O   1 
ATOM   20  C CB  . GLU A 1 5  ? -8.240  2.958   -5.690  1.00 36.84 ? 109 GLU A CB  1 
ATOM   21  C CG  . GLU A 1 5  ? -8.886  1.581   -5.819  1.00 52.10 ? 109 GLU A CG  1 
ATOM   22  C CD  . GLU A 1 5  ? -10.369 1.658   -6.247  1.00 53.89 ? 109 GLU A CD  1 
ATOM   23  O OE1 . GLU A 1 5  ? -10.841 2.753   -6.638  1.00 51.25 ? 109 GLU A OE1 1 
ATOM   24  O OE2 . GLU A 1 5  ? -11.059 0.617   -6.187  1.00 53.98 ? 109 GLU A OE2 1 
ATOM   25  N N   . ILE A 1 6  ? -5.659  0.804   -5.015  1.00 36.77 ? 110 ILE A N   1 
ATOM   26  C CA  . ILE A 1 6  ? -4.852  -0.324  -5.485  1.00 32.71 ? 110 ILE A CA  1 
ATOM   27  C C   . ILE A 1 6  ? -5.715  -1.242  -6.333  1.00 36.41 ? 110 ILE A C   1 
ATOM   28  O O   . ILE A 1 6  ? -6.806  -1.654  -5.922  1.00 39.95 ? 110 ILE A O   1 
ATOM   29  C CB  . ILE A 1 6  ? -4.220  -1.091  -4.309  1.00 36.06 ? 110 ILE A CB  1 
ATOM   30  C CG2 . ILE A 1 6  ? -3.414  -2.308  -4.813  1.00 32.30 ? 110 ILE A CG2 1 
ATOM   31  N N   . GLU A 1 7  ? -5.249  -1.534  -7.549  1.00 33.68 ? 111 GLU A N   1 
ATOM   32  C CA  . GLU A 1 7  ? -5.882  -2.556  -8.366  1.00 35.17 ? 111 GLU A CA  1 
ATOM   33  C C   . GLU A 1 7  ? -5.276  -3.931  -8.115  1.00 36.93 ? 111 GLU A C   1 
ATOM   34  O O   . GLU A 1 7  ? -6.008  -4.921  -7.997  1.00 36.18 ? 111 GLU A O   1 
ATOM   35  C CB  . GLU A 1 7  ? -5.752  -2.202  -9.850  1.00 33.92 ? 111 GLU A CB  1 
ATOM   36  C CG  . GLU A 1 7  ? -6.411  -3.206  -10.788 1.00 33.28 ? 111 GLU A CG  1 
ATOM   37  C CD  . GLU A 1 7  ? -6.183  -2.872  -12.248 1.00 42.82 ? 111 GLU A CD  1 
ATOM   38  O OE1 . GLU A 1 7  ? -5.826  -1.709  -12.529 1.00 34.93 ? 111 GLU A OE1 1 
ATOM   39  O OE2 . GLU A 1 7  ? -6.325  -3.784  -13.107 1.00 38.43 ? 111 GLU A OE2 1 
ATOM   40  N N   . ALA A 1 8  ? -3.954  -4.012  -8.020  1.00 31.11 ? 112 ALA A N   1 
ATOM   41  C CA  . ALA A 1 8  ? -3.306  -5.302  -7.884  1.00 33.97 ? 112 ALA A CA  1 
ATOM   42  C C   . ALA A 1 8  ? -1.877  -5.102  -7.419  1.00 34.49 ? 112 ALA A C   1 
ATOM   43  O O   . ALA A 1 8  ? -1.301  -4.014  -7.538  1.00 30.67 ? 112 ALA A O   1 
ATOM   44  C CB  . ALA A 1 8  ? -3.320  -6.079  -9.209  1.00 31.09 ? 112 ALA A CB  1 
ATOM   45  N N   . ILE A 1 9  ? -1.318  -6.178  -6.881  1.00 31.15 ? 113 ILE A N   1 
ATOM   46  C CA  . ILE A 1 9  ? 0.104   -6.278  -6.617  1.00 30.35 ? 113 ILE A CA  1 
ATOM   47  C C   . ILE A 1 9  ? 0.713   -7.088  -7.746  1.00 35.49 ? 113 ILE A C   1 
ATOM   48  O O   . ILE A 1 9  ? 0.299   -8.230  -7.993  1.00 35.28 ? 113 ILE A O   1 
ATOM   49  C CB  . ILE A 1 9  ? 0.380   -6.931  -5.258  1.00 37.82 ? 113 ILE A CB  1 
ATOM   50  C CG1 . ILE A 1 9  ? -0.122  -6.005  -4.135  1.00 35.99 ? 113 ILE A CG1 1 
ATOM   51  C CG2 . ILE A 1 9  ? 1.850   -7.239  -5.139  1.00 32.78 ? 113 ILE A CG2 1 
ATOM   52  C CD1 . ILE A 1 9  ? -0.098  -6.612  -2.753  1.00 38.93 ? 113 ILE A CD1 1 
ATOM   53  N N   . ARG A 1 10 ? 1.681   -6.497  -8.440  1.00 31.62 ? 114 ARG A N   1 
ATOM   54  C CA  . ARG A 1 10 ? 2.349   -7.207  -9.525  1.00 30.26 ? 114 ARG A CA  1 
ATOM   55  C C   . ARG A 1 10 ? 3.504   -8.055  -9.012  1.00 32.95 ? 114 ARG A C   1 
ATOM   56  O O   . ARG A 1 10 ? 3.733   -9.167  -9.498  1.00 40.32 ? 114 ARG A O   1 
ATOM   57  C CB  . ARG A 1 10 ? 2.855   -6.205  -10.562 1.00 29.93 ? 114 ARG A CB  1 
ATOM   58  C CG  . ARG A 1 10 ? 1.782   -5.390  -11.209 1.00 29.58 ? 114 ARG A CG  1 
ATOM   59  C CD  . ARG A 1 10 ? 0.901   -6.257  -12.091 1.00 37.93 ? 114 ARG A CD  1 
ATOM   60  N NE  . ARG A 1 10 ? 0.141   -5.478  -13.067 1.00 32.07 ? 114 ARG A NE  1 
ATOM   61  C CZ  . ARG A 1 10 ? -1.172  -5.548  -13.227 1.00 30.73 ? 114 ARG A CZ  1 
ATOM   62  N NH1 . ARG A 1 10 ? -1.904  -6.361  -12.466 1.00 34.66 ? 114 ARG A NH1 1 
ATOM   63  N NH2 . ARG A 1 10 ? -1.766  -4.816  -14.166 1.00 37.18 ? 114 ARG A NH2 1 
ATOM   64  N N   . ARG A 1 11 ? 4.234   -7.557  -8.021  1.00 35.43 ? 115 ARG A N   1 
ATOM   65  C CA  . ARG A 1 11 ? 5.465   -8.193  -7.595  1.00 37.40 ? 115 ARG A CA  1 
ATOM   66  C C   . ARG A 1 11 ? 5.685   -7.907  -6.119  1.00 37.71 ? 115 ARG A C   1 
ATOM   67  O O   . ARG A 1 11 ? 5.176   -6.927  -5.580  1.00 37.05 ? 115 ARG A O   1 
ATOM   68  C CB  . ARG A 1 11 ? 6.676   -7.677  -8.375  1.00 34.78 ? 115 ARG A CB  1 
ATOM   69  C CG  . ARG A 1 11 ? 6.696   -7.990  -9.870  1.00 44.43 ? 115 ARG A CG  1 
ATOM   70  C CD  . ARG A 1 11 ? 7.971   -7.444  -10.461 1.00 40.50 ? 115 ARG A CD  1 
ATOM   71  N NE  . ARG A 1 11 ? 9.106   -8.297  -10.125 1.00 48.98 ? 115 ARG A NE  1 
ATOM   72  C CZ  . ARG A 1 11 ? 10.384  -7.928  -10.192 1.00 54.85 ? 115 ARG A CZ  1 
ATOM   73  N NH1 . ARG A 1 11 ? 10.718  -6.694  -10.553 1.00 51.36 ? 115 ARG A NH1 1 
ATOM   74  N NH2 . ARG A 1 11 ? 11.333  -8.802  -9.880  1.00 59.05 ? 115 ARG A NH2 1 
ATOM   75  N N   . LYS A 1 12 ? 6.480   -8.767  -5.493  1.00 43.47 ? 116 LYS A N   1 
ATOM   76  C CA  . LYS A 1 12 ? 7.013   -8.564  -4.154  1.00 45.12 ? 116 LYS A CA  1 
ATOM   77  C C   . LYS A 1 12 ? 8.524   -8.497  -4.278  1.00 39.76 ? 116 LYS A C   1 
ATOM   78  O O   . LYS A 1 12 ? 9.110   -9.230  -5.078  1.00 40.42 ? 116 LYS A O   1 
ATOM   79  C CB  . LYS A 1 12 ? 6.616   -9.713  -3.211  1.00 44.12 ? 116 LYS A CB  1 
ATOM   80  C CG  . LYS A 1 12 ? 7.204   -9.619  -1.801  1.00 55.82 ? 116 LYS A CG  1 
ATOM   81  C CD  . LYS A 1 12 ? 6.871   -10.866 -0.988  1.00 60.37 ? 116 LYS A CD  1 
ATOM   82  C CE  . LYS A 1 12 ? 7.354   -10.747 0.456   1.00 60.75 ? 116 LYS A CE  1 
ATOM   83  N NZ  . LYS A 1 12 ? 7.033   -11.968 1.263   1.00 57.11 ? 116 LYS A NZ  1 
ATOM   84  N N   . ARG A 1 13 ? 9.160   -7.627  -3.496  1.00 32.80 ? 117 ARG A N   1 
ATOM   85  C CA  . ARG A 1 13 ? 10.615  -7.644  -3.409  1.00 37.20 ? 117 ARG A CA  1 
ATOM   86  C C   . ARG A 1 13 ? 11.009  -7.280  -1.989  1.00 39.22 ? 117 ARG A C   1 
ATOM   87  O O   . ARG A 1 13 ? 10.234  -6.677  -1.247  1.00 40.98 ? 117 ARG A O   1 
ATOM   88  C CB  . ARG A 1 13 ? 11.288  -6.691  -4.410  1.00 40.80 ? 117 ARG A CB  1 
ATOM   89  C CG  . ARG A 1 13 ? 11.516  -5.283  -3.883  1.00 47.25 ? 117 ARG A CG  1 
ATOM   90  C CD  . ARG A 1 13 ? 12.010  -4.336  -4.968  1.00 52.61 ? 117 ARG A CD  1 
ATOM   91  N NE  . ARG A 1 13 ? 11.915  -2.935  -4.543  1.00 49.90 ? 117 ARG A NE  1 
ATOM   92  C CZ  . ARG A 1 13 ? 12.219  -1.889  -5.310  1.00 48.15 ? 117 ARG A CZ  1 
ATOM   93  N NH1 . ARG A 1 13 ? 12.640  -2.076  -6.553  1.00 45.57 ? 117 ARG A NH1 1 
ATOM   94  N NH2 . ARG A 1 13 ? 12.095  -0.653  -4.840  1.00 43.28 ? 117 ARG A NH2 1 
ATOM   95  N N   . VAL A 1 14 ? 12.218  -7.677  -1.601  1.00 44.76 ? 118 VAL A N   1 
ATOM   96  C CA  . VAL A 1 14 ? 12.732  -7.344  -0.281  1.00 47.04 ? 118 VAL A CA  1 
ATOM   97  C C   . VAL A 1 14 ? 14.073  -6.667  -0.462  1.00 49.14 ? 118 VAL A C   1 
ATOM   98  O O   . VAL A 1 14 ? 14.943  -7.190  -1.168  1.00 46.58 ? 118 VAL A O   1 
ATOM   99  C CB  . VAL A 1 14 ? 12.855  -8.572  0.634   1.00 51.98 ? 118 VAL A CB  1 
ATOM   100 C CG1 . VAL A 1 14 ? 13.234  -8.122  2.029   1.00 57.44 ? 118 VAL A CG1 1 
ATOM   101 C CG2 . VAL A 1 14 ? 11.542  -9.329  0.676   1.00 50.74 ? 118 VAL A CG2 1 
ATOM   102 N N   . ARG A 1 15 ? 14.223  -5.496  0.162   1.00 50.98 ? 119 ARG A N   1 
ATOM   103 C CA  . ARG A 1 15 ? 15.405  -4.652  0.050   1.00 57.22 ? 119 ARG A CA  1 
ATOM   104 C C   . ARG A 1 15 ? 15.745  -4.102  1.428   1.00 54.94 ? 119 ARG A C   1 
ATOM   105 O O   . ARG A 1 15 ? 14.875  -3.559  2.115   1.00 51.29 ? 119 ARG A O   1 
ATOM   106 C CB  . ARG A 1 15 ? 15.175  -3.500  -0.945  1.00 55.28 ? 119 ARG A CB  1 
ATOM   107 C CG  . ARG A 1 15 ? 14.871  -3.949  -2.374  1.00 64.62 ? 119 ARG A CG  1 
ATOM   108 C CD  . ARG A 1 15 ? 16.095  -4.510  -3.069  1.00 64.94 ? 119 ARG A CD  1 
ATOM   109 N NE  . ARG A 1 15 ? 15.773  -5.545  -4.054  1.00 71.35 ? 119 ARG A NE  1 
ATOM   110 C CZ  . ARG A 1 15 ? 15.712  -5.353  -5.371  1.00 75.89 ? 119 ARG A CZ  1 
ATOM   111 N NH1 . ARG A 1 15 ? 15.421  -6.371  -6.175  1.00 67.95 ? 119 ARG A NH1 1 
ATOM   112 N NH2 . ARG A 1 15 ? 15.939  -4.148  -5.888  1.00 78.67 ? 119 ARG A NH2 1 
ATOM   113 N N   . LYS A 1 16 ? 17.003  -4.260  1.837   1.00 61.91 ? 120 LYS A N   1 
ATOM   114 C CA  . LYS A 1 16 ? 17.473  -3.757  3.132   1.00 60.34 ? 120 LYS A CA  1 
ATOM   115 C C   . LYS A 1 16 ? 16.603  -4.261  4.282   1.00 52.44 ? 120 LYS A C   1 
ATOM   116 O O   . LYS A 1 16 ? 16.403  -3.575  5.281   1.00 50.00 ? 120 LYS A O   1 
ATOM   117 C CB  . LYS A 1 16 ? 17.536  -2.229  3.134   1.00 56.97 ? 120 LYS A CB  1 
ATOM   118 C CG  . LYS A 1 16 ? 18.346  -1.636  1.989   1.00 60.47 ? 120 LYS A CG  1 
ATOM   119 N N   . GLY A 1 17 ? 16.062  -5.463  4.150   1.00 49.88 ? 121 GLY A N   1 
ATOM   120 C CA  . GLY A 1 17 ? 15.247  -6.028  5.199   1.00 45.57 ? 121 GLY A CA  1 
ATOM   121 C C   . GLY A 1 17 ? 13.777  -5.675  5.155   1.00 40.93 ? 121 GLY A C   1 
ATOM   122 O O   . GLY A 1 17 ? 13.023  -6.157  6.007   1.00 56.34 ? 121 GLY A O   1 
ATOM   123 N N   . LYS A 1 18 ? 13.338  -4.860  4.200   1.00 38.94 ? 122 LYS A N   1 
ATOM   124 C CA  . LYS A 1 18 ? 11.970  -4.351  4.167   1.00 39.43 ? 122 LYS A CA  1 
ATOM   125 C C   . LYS A 1 18 ? 11.248  -4.827  2.916   1.00 38.75 ? 122 LYS A C   1 
ATOM   126 O O   . LYS A 1 18 ? 11.776  -4.722  1.804   1.00 47.53 ? 122 LYS A O   1 
ATOM   127 C CB  . LYS A 1 18 ? 11.940  -2.819  4.212   1.00 40.99 ? 122 LYS A CB  1 
ATOM   128 C CG  . LYS A 1 18 ? 12.273  -2.220  5.561   1.00 52.99 ? 122 LYS A CG  1 
ATOM   129 N N   . VAL A 1 19 ? 10.028  -5.312  3.106   1.00 40.36 ? 123 VAL A N   1 
ATOM   130 C CA  . VAL A 1 19 ? 9.188   -5.786  2.015   1.00 39.96 ? 123 VAL A CA  1 
ATOM   131 C C   . VAL A 1 19 ? 8.558   -4.602  1.287   1.00 38.56 ? 123 VAL A C   1 
ATOM   132 O O   . VAL A 1 19 ? 7.976   -3.701  1.909   1.00 35.67 ? 123 VAL A O   1 
ATOM   133 C CB  . VAL A 1 19 ? 8.113   -6.743  2.554   1.00 42.43 ? 123 VAL A CB  1 
ATOM   134 C CG1 . VAL A 1 19 ? 7.036   -7.002  1.505   1.00 43.73 ? 123 VAL A CG1 1 
ATOM   135 C CG2 . VAL A 1 19 ? 8.760   -8.050  3.029   1.00 39.30 ? 123 VAL A CG2 1 
ATOM   136 N N   . GLN A 1 20 ? 8.639   -4.618  -0.041  1.00 36.32 ? 124 GLN A N   1 
ATOM   137 C CA  . GLN A 1 20 ? 7.935   -3.656  -0.875  1.00 33.91 ? 124 GLN A CA  1 
ATOM   138 C C   . GLN A 1 20 ? 7.119   -4.395  -1.923  1.00 30.55 ? 124 GLN A C   1 
ATOM   139 O O   . GLN A 1 20 ? 7.506   -5.474  -2.386  1.00 37.66 ? 124 GLN A O   1 
ATOM   140 C CB  . GLN A 1 20 ? 8.884   -2.693  -1.566  1.00 35.38 ? 124 GLN A CB  1 
ATOM   141 C CG  . GLN A 1 20 ? 9.761   -1.903  -0.617  1.00 40.85 ? 124 GLN A CG  1 
ATOM   142 C CD  . GLN A 1 20 ? 10.801  -1.087  -1.346  1.00 51.59 ? 124 GLN A CD  1 
ATOM   143 O OE1 . GLN A 1 20 ? 10.977  -1.226  -2.561  1.00 57.18 ? 124 GLN A OE1 1 
ATOM   144 N NE2 . GLN A 1 20 ? 11.513  -0.244  -0.611  1.00 51.98 ? 124 GLN A NE2 1 
ATOM   145 N N   . TYR A 1 21 ? 5.979   -3.802  -2.297  1.00 30.58 ? 125 TYR A N   1 
ATOM   146 C CA  . TYR A 1 21 ? 5.109   -4.351  -3.333  1.00 33.49 ? 125 TYR A CA  1 
ATOM   147 C C   . TYR A 1 21 ? 5.017   -3.395  -4.513  1.00 34.29 ? 125 TYR A C   1 
ATOM   148 O O   . TYR A 1 21 ? 4.885   -2.177  -4.339  1.00 32.73 ? 125 TYR A O   1 
ATOM   149 C CB  . TYR A 1 21 ? 3.697   -4.626  -2.819  1.00 33.04 ? 125 TYR A CB  1 
ATOM   150 C CG  . TYR A 1 21 ? 3.643   -5.617  -1.683  1.00 38.56 ? 125 TYR A CG  1 
ATOM   151 C CD1 . TYR A 1 21 ? 4.074   -6.931  -1.851  1.00 40.20 ? 125 TYR A CD1 1 
ATOM   152 C CD2 . TYR A 1 21 ? 3.130   -5.251  -0.451  1.00 34.94 ? 125 TYR A CD2 1 
ATOM   153 C CE1 . TYR A 1 21 ? 4.030   -7.830  -0.810  1.00 42.77 ? 125 TYR A CE1 1 
ATOM   154 C CE2 . TYR A 1 21 ? 3.067   -6.147  0.583   1.00 41.91 ? 125 TYR A CE2 1 
ATOM   155 C CZ  . TYR A 1 21 ? 3.512   -7.434  0.403   1.00 42.02 ? 125 TYR A CZ  1 
ATOM   156 O OH  . TYR A 1 21 ? 3.451   -8.321  1.453   1.00 46.39 ? 125 TYR A OH  1 
ATOM   157 N N   . LEU A 1 22 ? 5.083   -3.958  -5.718  1.00 31.24 ? 126 LEU A N   1 
ATOM   158 C CA  . LEU A 1 22 ? 4.913   -3.182  -6.939  1.00 28.94 ? 126 LEU A CA  1 
ATOM   159 C C   . LEU A 1 22 ? 3.421   -3.056  -7.221  1.00 30.78 ? 126 LEU A C   1 
ATOM   160 O O   . LEU A 1 22 ? 2.758   -4.044  -7.542  1.00 28.54 ? 126 LEU A O   1 
ATOM   161 C CB  . LEU A 1 22 ? 5.648   -3.860  -8.097  1.00 31.03 ? 126 LEU A CB  1 
ATOM   162 C CG  . LEU A 1 22 ? 5.605   -3.044  -9.386  1.00 34.13 ? 126 LEU A CG  1 
ATOM   163 C CD1 . LEU A 1 22 ? 6.332   -1.726  -9.192  1.00 31.07 ? 126 LEU A CD1 1 
ATOM   164 C CD2 . LEU A 1 22 ? 6.223   -3.854  -10.550 1.00 31.90 ? 126 LEU A CD2 1 
ATOM   165 N N   . ILE A 1 23 ? 2.878   -1.847  -7.081  1.00 29.48 ? 127 ILE A N   1 
ATOM   166 C CA  . ILE A 1 23 ? 1.440   -1.620  -7.086  1.00 27.10 ? 127 ILE A CA  1 
ATOM   167 C C   . ILE A 1 23 ? 0.988   -1.183  -8.471  1.00 30.57 ? 127 ILE A C   1 
ATOM   168 O O   . ILE A 1 23 ? 1.532   -0.233  -9.041  1.00 30.61 ? 127 ILE A O   1 
ATOM   169 C CB  . ILE A 1 23 ? 1.054   -0.561  -6.036  1.00 26.65 ? 127 ILE A CB  1 
ATOM   170 C CG1 . ILE A 1 23 ? 1.454   -1.037  -4.642  1.00 30.65 ? 127 ILE A CG1 1 
ATOM   171 C CG2 . ILE A 1 23 ? -0.439  -0.279  -6.098  1.00 32.46 ? 127 ILE A CG2 1 
ATOM   172 C CD1 . ILE A 1 23 ? 0.838   -2.364  -4.258  1.00 33.11 ? 127 ILE A CD1 1 
ATOM   173 N N   . LYS A 1 24 ? -0.013  -1.872  -9.012  1.00 29.22 ? 128 LYS A N   1 
ATOM   174 C CA  . LYS A 1 24 ? -0.793  -1.357  -10.129 1.00 27.84 ? 128 LYS A CA  1 
ATOM   175 C C   . LYS A 1 24 ? -1.939  -0.533  -9.550  1.00 37.30 ? 128 LYS A C   1 
ATOM   176 O O   . LYS A 1 24 ? -2.756  -1.065  -8.805  1.00 28.44 ? 128 LYS A O   1 
ATOM   177 C CB  . LYS A 1 24 ? -1.339  -2.506  -10.970 1.00 29.84 ? 128 LYS A CB  1 
ATOM   178 C CG  . LYS A 1 24 ? -2.327  -2.102  -12.057 1.00 31.78 ? 128 LYS A CG  1 
ATOM   179 C CD  . LYS A 1 24 ? -1.705  -1.111  -13.036 1.00 32.47 ? 128 LYS A CD  1 
ATOM   180 C CE  . LYS A 1 24 ? -2.608  -0.861  -14.252 1.00 34.11 ? 128 LYS A CE  1 
ATOM   181 N NZ  . LYS A 1 24 ? -3.976  -0.287  -13.976 1.00 32.99 ? 128 LYS A NZ  1 
ATOM   182 N N   . TRP A 1 25 ? -2.017  0.742   -9.910  1.00 30.56 ? 129 TRP A N   1 
ATOM   183 C CA  . TRP A 1 25 ? -3.072  1.619   -9.418  1.00 33.99 ? 129 TRP A CA  1 
ATOM   184 C C   . TRP A 1 25 ? -4.254  1.592   -10.370 1.00 36.34 ? 129 TRP A C   1 
ATOM   185 O O   . TRP A 1 25 ? -4.075  1.661   -11.591 1.00 34.69 ? 129 TRP A O   1 
ATOM   186 C CB  . TRP A 1 25 ? -2.548  3.048   -9.280  1.00 35.88 ? 129 TRP A CB  1 
ATOM   187 C CG  . TRP A 1 25 ? -1.381  3.127   -8.359  1.00 31.30 ? 129 TRP A CG  1 
ATOM   188 C CD1 . TRP A 1 25 ? -0.056  3.205   -8.699  1.00 29.43 ? 129 TRP A CD1 1 
ATOM   189 C CD2 . TRP A 1 25 ? -1.429  3.113   -6.932  1.00 32.22 ? 129 TRP A CD2 1 
ATOM   190 N NE1 . TRP A 1 25 ? 0.726   3.251   -7.564  1.00 34.06 ? 129 TRP A NE1 1 
ATOM   191 C CE2 . TRP A 1 25 ? -0.093  3.190   -6.464  1.00 29.89 ? 129 TRP A CE2 1 
ATOM   192 C CE3 . TRP A 1 25 ? -2.472  3.030   -6.000  1.00 38.78 ? 129 TRP A CE3 1 
ATOM   193 C CZ2 . TRP A 1 25 ? 0.223   3.203   -5.108  1.00 30.82 ? 129 TRP A CZ2 1 
ATOM   194 C CZ3 . TRP A 1 25 ? -2.152  3.032   -4.646  1.00 38.24 ? 129 TRP A CZ3 1 
ATOM   195 C CH2 . TRP A 1 25 ? -0.815  3.117   -4.218  1.00 32.77 ? 129 TRP A CH2 1 
ATOM   196 N N   . ARG A 1 26 ? -5.453  1.479   -9.816  1.00 33.18 ? 130 ARG A N   1 
ATOM   197 C CA  . ARG A 1 26 ? -6.629  1.335   -10.665 1.00 33.28 ? 130 ARG A CA  1 
ATOM   198 C C   . ARG A 1 26 ? -6.864  2.627   -11.449 1.00 42.20 ? 130 ARG A C   1 
ATOM   199 O O   . ARG A 1 26 ? -6.817  3.722   -10.885 1.00 35.84 ? 130 ARG A O   1 
ATOM   200 C CB  . ARG A 1 26 ? -7.835  0.965   -9.810  1.00 34.83 ? 130 ARG A CB  1 
ATOM   201 C CG  . ARG A 1 26 ? -9.176  0.957   -10.525 1.00 41.17 ? 130 ARG A CG  1 
ATOM   202 C CD  . ARG A 1 26 ? -10.248 0.343   -9.632  1.00 47.15 ? 130 ARG A CD  1 
ATOM   203 N NE  . ARG A 1 26 ? -10.230 -1.116  -9.699  1.00 57.61 ? 130 ARG A NE  1 
ATOM   204 C CZ  . ARG A 1 26 ? -9.737  -1.909  -8.755  1.00 62.92 ? 130 ARG A CZ  1 
ATOM   205 N NH1 . ARG A 1 26 ? -9.758  -3.228  -8.918  1.00 61.99 ? 130 ARG A NH1 1 
ATOM   206 N NH2 . ARG A 1 26 ? -9.233  -1.385  -7.645  1.00 68.27 ? 130 ARG A NH2 1 
ATOM   207 N N   . GLY A 1 27 ? -7.047  2.505   -12.763 1.00 42.27 ? 131 GLY A N   1 
ATOM   208 C CA  . GLY A 1 27 ? -7.232  3.672   -13.610 1.00 35.02 ? 131 GLY A CA  1 
ATOM   209 C C   . GLY A 1 27 ? -5.969  4.367   -14.067 1.00 43.61 ? 131 GLY A C   1 
ATOM   210 O O   . GLY A 1 27 ? -6.056  5.442   -14.675 1.00 40.00 ? 131 GLY A O   1 
ATOM   211 N N   . TRP A 1 28 ? -4.793  3.800   -13.792 1.00 40.57 ? 132 TRP A N   1 
ATOM   212 C CA  . TRP A 1 28 ? -3.522  4.329   -14.267 1.00 35.33 ? 132 TRP A CA  1 
ATOM   213 C C   . TRP A 1 28 ? -2.797  3.302   -15.128 1.00 34.31 ? 132 TRP A C   1 
ATOM   214 O O   . TRP A 1 28 ? -2.958  2.102   -14.916 1.00 42.86 ? 132 TRP A O   1 
ATOM   215 C CB  . TRP A 1 28 ? -2.630  4.708   -13.083 1.00 37.95 ? 132 TRP A CB  1 
ATOM   216 C CG  . TRP A 1 28 ? -3.175  5.850   -12.299 1.00 38.92 ? 132 TRP A CG  1 
ATOM   217 C CD1 . TRP A 1 28 ? -4.146  5.799   -11.356 1.00 30.99 ? 132 TRP A CD1 1 
ATOM   218 C CD2 . TRP A 1 28 ? -2.780  7.223   -12.407 1.00 41.08 ? 132 TRP A CD2 1 
ATOM   219 N NE1 . TRP A 1 28 ? -4.381  7.066   -10.851 1.00 38.60 ? 132 TRP A NE1 1 
ATOM   220 C CE2 . TRP A 1 28 ? -3.553  7.953   -11.489 1.00 38.53 ? 132 TRP A CE2 1 
ATOM   221 C CE3 . TRP A 1 28 ? -1.845  7.902   -13.197 1.00 43.26 ? 132 TRP A CE3 1 
ATOM   222 C CZ2 . TRP A 1 28 ? -3.414  9.341   -11.325 1.00 45.50 ? 132 TRP A CZ2 1 
ATOM   223 C CZ3 . TRP A 1 28 ? -1.705  9.274   -13.032 1.00 48.54 ? 132 TRP A CZ3 1 
ATOM   224 C CH2 . TRP A 1 28 ? -2.489  9.977   -12.106 1.00 43.71 ? 132 TRP A CH2 1 
ATOM   225 N N   . PRO A 1 29 ? -1.971  3.737   -16.082 1.00 37.56 ? 133 PRO A N   1 
ATOM   226 C CA  . PRO A 1 29 ? -1.220  2.776   -16.900 1.00 40.58 ? 133 PRO A CA  1 
ATOM   227 C C   . PRO A 1 29 ? -0.187  2.031   -16.078 1.00 42.82 ? 133 PRO A C   1 
ATOM   228 O O   . PRO A 1 29 ? 0.176   2.429   -14.969 1.00 37.86 ? 133 PRO A O   1 
ATOM   229 C CB  . PRO A 1 29 ? -0.543  3.648   -17.962 1.00 40.05 ? 133 PRO A CB  1 
ATOM   230 C CG  . PRO A 1 29 ? -0.491  4.998   -17.373 1.00 43.38 ? 133 PRO A CG  1 
ATOM   231 C CD  . PRO A 1 29 ? -1.701  5.130   -16.479 1.00 41.45 ? 133 PRO A CD  1 
ATOM   232 N N   . GLU A 1 30 ? 0.292   0.928   -16.659 1.00 35.63 ? 134 GLU A N   1 
ATOM   233 C CA  . GLU A 1 30 ? 1.315   0.118   -16.021 1.00 36.23 ? 134 GLU A CA  1 
ATOM   234 C C   . GLU A 1 30 ? 2.563   0.939   -15.713 1.00 39.41 ? 134 GLU A C   1 
ATOM   235 O O   . GLU A 1 30 ? 3.214   0.724   -14.683 1.00 37.15 ? 134 GLU A O   1 
ATOM   236 C CB  . GLU A 1 30 ? 1.636   -1.078  -16.927 1.00 43.03 ? 134 GLU A CB  1 
ATOM   237 C CG  . GLU A 1 30 ? 2.118   -2.317  -16.208 1.00 47.52 ? 134 GLU A CG  1 
ATOM   238 C CD  . GLU A 1 30 ? 1.044   -2.996  -15.366 1.00 36.66 ? 134 GLU A CD  1 
ATOM   239 O OE1 . GLU A 1 30 ? 1.431   -3.736  -14.442 1.00 41.25 ? 134 GLU A OE1 1 
ATOM   240 O OE2 . GLU A 1 30 ? -0.170  -2.839  -15.647 1.00 35.73 ? 134 GLU A OE2 1 
ATOM   241 N N   . THR A 1 31 ? 2.889   1.914   -16.566 1.00 40.98 ? 135 THR A N   1 
ATOM   242 C CA  . THR A 1 31 ? 4.062   2.749   -16.325 1.00 44.34 ? 135 THR A CA  1 
ATOM   243 C C   . THR A 1 31 ? 3.914   3.631   -15.094 1.00 46.18 ? 135 THR A C   1 
ATOM   244 O O   . THR A 1 31 ? 4.903   4.236   -14.664 1.00 45.55 ? 135 THR A O   1 
ATOM   245 C CB  . THR A 1 31 ? 4.354   3.619   -17.549 1.00 49.98 ? 135 THR A CB  1 
ATOM   246 O OG1 . THR A 1 31 ? 3.176   4.347   -17.912 1.00 48.50 ? 135 THR A OG1 1 
ATOM   247 C CG2 . THR A 1 31 ? 4.780   2.746   -18.718 1.00 47.19 ? 135 THR A CG2 1 
ATOM   248 N N   . ALA A 1 32 ? 2.718   3.718   -14.517 1.00 41.29 ? 136 ALA A N   1 
ATOM   249 C CA  . ALA A 1 32 ? 2.535   4.458   -13.276 1.00 38.02 ? 136 ALA A CA  1 
ATOM   250 C C   . ALA A 1 32 ? 2.674   3.588   -12.034 1.00 38.56 ? 136 ALA A C   1 
ATOM   251 O O   . ALA A 1 32 ? 2.480   4.097   -10.926 1.00 34.87 ? 136 ALA A O   1 
ATOM   252 C CB  . ALA A 1 32 ? 1.169   5.146   -13.262 1.00 35.67 ? 136 ALA A CB  1 
ATOM   253 N N   . ASN A 1 33 ? 2.995   2.299   -12.181 1.00 35.74 ? 137 ASN A N   1 
ATOM   254 C CA  . ASN A 1 33 ? 3.189   1.450   -11.010 1.00 32.19 ? 137 ASN A CA  1 
ATOM   255 C C   . ASN A 1 33 ? 4.260   2.040   -10.105 1.00 39.12 ? 137 ASN A C   1 
ATOM   256 O O   . ASN A 1 33 ? 5.208   2.679   -10.570 1.00 41.88 ? 137 ASN A O   1 
ATOM   257 C CB  . ASN A 1 33 ? 3.628   0.038   -11.402 1.00 33.45 ? 137 ASN A CB  1 
ATOM   258 C CG  . ASN A 1 33 ? 2.585   -0.734  -12.214 1.00 37.13 ? 137 ASN A CG  1 
ATOM   259 O OD1 . ASN A 1 33 ? 1.422   -0.343  -12.337 1.00 34.52 ? 137 ASN A OD1 1 
ATOM   260 N ND2 . ASN A 1 33 ? 3.022   -1.866  -12.767 1.00 30.71 ? 137 ASN A ND2 1 
ATOM   261 N N   . THR A 1 34 ? 4.118   1.800   -8.800  1.00 35.54 ? 138 THR A N   1 
ATOM   262 C CA  . THR A 1 34 ? 5.099   2.257   -7.826  1.00 29.06 ? 138 THR A CA  1 
ATOM   263 C C   . THR A 1 34 ? 5.396   1.167   -6.811  1.00 29.18 ? 138 THR A C   1 
ATOM   264 O O   . THR A 1 34 ? 4.525   0.364   -6.458  1.00 29.97 ? 138 THR A O   1 
ATOM   265 C CB  . THR A 1 34 ? 4.630   3.492   -7.053  1.00 30.36 ? 138 THR A CB  1 
ATOM   266 O OG1 . THR A 1 34 ? 3.359   3.210   -6.460  1.00 30.91 ? 138 THR A OG1 1 
ATOM   267 C CG2 . THR A 1 34 ? 4.532   4.701   -7.962  1.00 33.68 ? 138 THR A CG2 1 
ATOM   268 N N   . TRP A 1 35 ? 6.631   1.179   -6.310  1.00 30.89 ? 139 TRP A N   1 
ATOM   269 C CA  . TRP A 1 35 ? 7.035   0.272   -5.245  1.00 30.07 ? 139 TRP A CA  1 
ATOM   270 C C   . TRP A 1 35 ? 6.604   0.861   -3.914  1.00 34.82 ? 139 TRP A C   1 
ATOM   271 O O   . TRP A 1 35 ? 7.073   1.939   -3.527  1.00 35.59 ? 139 TRP A O   1 
ATOM   272 C CB  . TRP A 1 35 ? 8.545   0.034   -5.264  1.00 30.40 ? 139 TRP A CB  1 
ATOM   273 C CG  . TRP A 1 35 ? 8.977   -0.852  -6.415  1.00 30.67 ? 139 TRP A CG  1 
ATOM   274 C CD1 . TRP A 1 35 ? 9.477   -0.445  -7.615  1.00 32.95 ? 139 TRP A CD1 1 
ATOM   275 C CD2 . TRP A 1 35 ? 8.939   -2.283  -6.459  1.00 36.77 ? 139 TRP A CD2 1 
ATOM   276 N NE1 . TRP A 1 35 ? 9.740   -1.532  -8.414  1.00 35.33 ? 139 TRP A NE1 1 
ATOM   277 C CE2 . TRP A 1 35 ? 9.424   -2.675  -7.727  1.00 38.43 ? 139 TRP A CE2 1 
ATOM   278 C CE3 . TRP A 1 35 ? 8.545   -3.269  -5.552  1.00 31.24 ? 139 TRP A CE3 1 
ATOM   279 C CZ2 . TRP A 1 35 ? 9.518   -4.019  -8.110  1.00 35.70 ? 139 TRP A CZ2 1 
ATOM   280 C CZ3 . TRP A 1 35 ? 8.620   -4.601  -5.934  1.00 34.73 ? 139 TRP A CZ3 1 
ATOM   281 C CH2 . TRP A 1 35 ? 9.120   -4.964  -7.200  1.00 35.35 ? 139 TRP A CH2 1 
ATOM   282 N N   . GLU A 1 36 ? 5.719   0.160   -3.210  1.00 29.87 ? 140 GLU A N   1 
ATOM   283 C CA  . GLU A 1 36 ? 5.238   0.724   -1.957  1.00 30.02 ? 140 GLU A CA  1 
ATOM   284 C C   . GLU A 1 36 ? 5.707   -0.129  -0.795  1.00 37.08 ? 140 GLU A C   1 
ATOM   285 O O   . GLU A 1 36 ? 5.546   -1.353  -0.835  1.00 33.82 ? 140 GLU A O   1 
ATOM   286 C CB  . GLU A 1 36 ? 3.714   0.817   -1.960  1.00 29.75 ? 140 GLU A CB  1 
ATOM   287 C CG  . GLU A 1 36 ? 3.142   1.697   -3.046  1.00 29.12 ? 140 GLU A CG  1 
ATOM   288 C CD  . GLU A 1 36 ? 3.513   3.164   -2.882  1.00 33.26 ? 140 GLU A CD  1 
ATOM   289 O OE1 . GLU A 1 36 ? 3.749   3.604   -1.728  1.00 33.02 ? 140 GLU A OE1 1 
ATOM   290 O OE2 . GLU A 1 36 ? 3.593   3.875   -3.913  1.00 32.06 ? 140 GLU A OE2 1 
ATOM   291 N N   . PRO A 1 37 ? 6.292   0.466   0.241   1.00 31.28 ? 141 PRO A N   1 
ATOM   292 C CA  . PRO A 1 37 ? 6.684   -0.322  1.412   1.00 32.26 ? 141 PRO A CA  1 
ATOM   293 C C   . PRO A 1 37 ? 5.494   -0.992  2.080   1.00 37.01 ? 141 PRO A C   1 
ATOM   294 O O   . PRO A 1 37 ? 4.446   -0.379  2.295   1.00 36.32 ? 141 PRO A O   1 
ATOM   295 C CB  . PRO A 1 37 ? 7.340   0.713   2.337   1.00 37.42 ? 141 PRO A CB  1 
ATOM   296 C CG  . PRO A 1 37 ? 7.796   1.801   1.441   1.00 34.46 ? 141 PRO A CG  1 
ATOM   297 C CD  . PRO A 1 37 ? 6.770   1.859   0.321   1.00 36.44 ? 141 PRO A CD  1 
ATOM   298 N N   . LEU A 1 38 ? 5.682   -2.267  2.422   1.00 33.55 ? 142 LEU A N   1 
ATOM   299 C CA  . LEU A 1 38 ? 4.691   -2.986  3.213   1.00 34.45 ? 142 LEU A CA  1 
ATOM   300 C C   . LEU A 1 38 ? 4.283   -2.189  4.447   1.00 39.31 ? 142 LEU A C   1 
ATOM   301 O O   . LEU A 1 38 ? 3.099   -2.129  4.786   1.00 38.90 ? 142 LEU A O   1 
ATOM   302 C CB  . LEU A 1 38 ? 5.242   -4.352  3.623   1.00 43.93 ? 142 LEU A CB  1 
ATOM   303 C CG  . LEU A 1 38 ? 4.365   -5.151  4.591   1.00 47.69 ? 142 LEU A CG  1 
ATOM   304 C CD1 . LEU A 1 38 ? 3.016   -5.505  3.956   1.00 45.62 ? 142 LEU A CD1 1 
ATOM   305 C CD2 . LEU A 1 38 ? 5.095   -6.397  5.078   1.00 46.14 ? 142 LEU A CD2 1 
ATOM   306 N N   . GLU A 1 39 ? 5.253   -1.553  5.115   1.00 36.95 ? 143 GLU A N   1 
ATOM   307 C CA  . GLU A 1 39 ? 4.967   -0.850  6.368   1.00 44.98 ? 143 GLU A CA  1 
ATOM   308 C C   . GLU A 1 39 ? 3.898   0.223   6.177   1.00 42.92 ? 143 GLU A C   1 
ATOM   309 O O   . GLU A 1 39 ? 2.973   0.337   6.991   1.00 46.70 ? 143 GLU A O   1 
ATOM   310 C CB  . GLU A 1 39 ? 6.250   -0.228  6.933   1.00 44.97 ? 143 GLU A CB  1 
ATOM   311 C CG  . GLU A 1 39 ? 7.341   -1.219  7.288   1.00 57.00 ? 143 GLU A CG  1 
ATOM   312 N N   . ASN A 1 40 ? 3.997   1.006   5.098   1.00 47.70 ? 144 ASN A N   1 
ATOM   313 C CA  . ASN A 1 40 ? 3.005   2.044   4.825   1.00 37.71 ? 144 ASN A CA  1 
ATOM   314 C C   . ASN A 1 40 ? 1.626   1.459   4.578   1.00 37.48 ? 144 ASN A C   1 
ATOM   315 O O   . ASN A 1 40 ? 0.613   2.058   4.948   1.00 39.42 ? 144 ASN A O   1 
ATOM   316 C CB  . ASN A 1 40 ? 3.399   2.863   3.605   1.00 34.49 ? 144 ASN A CB  1 
ATOM   317 C CG  . ASN A 1 40 ? 4.695   3.567   3.781   1.00 45.87 ? 144 ASN A CG  1 
ATOM   318 O OD1 . ASN A 1 40 ? 5.352   3.442   4.823   1.00 46.49 ? 144 ASN A OD1 1 
ATOM   319 N ND2 . ASN A 1 40 ? 5.099   4.310   2.750   1.00 41.58 ? 144 ASN A ND2 1 
ATOM   320 N N   . LEU A 1 41 ? 1.553   0.335   3.874   1.00 35.86 ? 145 LEU A N   1 
ATOM   321 C CA  . LEU A 1 41 ? 0.231   -0.209  3.591   1.00 34.40 ? 145 LEU A CA  1 
ATOM   322 C C   . LEU A 1 41 ? -0.409  -0.769  4.863   1.00 37.26 ? 145 LEU A C   1 
ATOM   323 O O   . LEU A 1 41 ? -1.604  -0.553  5.113   1.00 35.87 ? 145 LEU A O   1 
ATOM   324 C CB  . LEU A 1 41 ? 0.340   -1.255  2.488   1.00 34.78 ? 145 LEU A CB  1 
ATOM   325 C CG  . LEU A 1 41 ? 0.944   -0.679  1.202   1.00 32.66 ? 145 LEU A CG  1 
ATOM   326 C CD1 . LEU A 1 41 ? 0.995   -1.744  0.116   1.00 35.95 ? 145 LEU A CD1 1 
ATOM   327 C CD2 . LEU A 1 41 ? 0.189   0.565   0.707   1.00 31.99 ? 145 LEU A CD2 1 
ATOM   328 N N   . GLN A 1 42 ? 0.383   -1.448  5.697   1.00 38.93 ? 146 GLN A N   1 
ATOM   329 C CA  . GLN A 1 42 ? -0.137  -1.988  6.951   1.00 42.90 ? 146 GLN A CA  1 
ATOM   330 C C   . GLN A 1 42 ? -0.610  -0.886  7.885   1.00 48.82 ? 146 GLN A C   1 
ATOM   331 O O   . GLN A 1 42 ? -1.575  -1.080  8.634   1.00 49.03 ? 146 GLN A O   1 
ATOM   332 C CB  . GLN A 1 42 ? 0.928   -2.819  7.666   1.00 41.97 ? 146 GLN A CB  1 
ATOM   333 C CG  . GLN A 1 42 ? 1.357   -4.092  6.944   1.00 52.76 ? 146 GLN A CG  1 
ATOM   334 C CD  . GLN A 1 42 ? 2.424   -4.859  7.717   1.00 57.44 ? 146 GLN A CD  1 
ATOM   335 O OE1 . GLN A 1 42 ? 3.369   -4.271  8.251   1.00 52.69 ? 146 GLN A OE1 1 
ATOM   336 N NE2 . GLN A 1 42 ? 2.266   -6.176  7.790   1.00 54.51 ? 146 GLN A NE2 1 
ATOM   337 N N   . SER A 1 43 ? 0.070   0.263   7.871   1.00 45.24 ? 147 SER A N   1 
ATOM   338 C CA  . SER A 1 43 ? -0.282  1.340   8.786   1.00 44.85 ? 147 SER A CA  1 
ATOM   339 C C   . SER A 1 43 ? -1.699  1.820   8.554   1.00 43.62 ? 147 SER A C   1 
ATOM   340 O O   . SER A 1 43 ? -2.360  2.287   9.488   1.00 44.45 ? 147 SER A O   1 
ATOM   341 C CB  . SER A 1 43 ? 0.704   2.499   8.636   1.00 44.13 ? 147 SER A CB  1 
ATOM   342 O OG  . SER A 1 43 ? 1.917   2.195   9.305   1.00 55.18 ? 147 SER A OG  1 
ATOM   343 N N   . ILE A 1 44 ? -2.186  1.687   7.320   1.00 42.72 ? 148 ILE A N   1 
ATOM   344 C CA  . ILE A 1 44 ? -3.517  2.180   6.975   1.00 40.17 ? 148 ILE A CA  1 
ATOM   345 C C   . ILE A 1 44 ? -4.574  1.551   7.871   1.00 38.00 ? 148 ILE A C   1 
ATOM   346 O O   . ILE A 1 44 ? -5.416  2.246   8.444   1.00 38.63 ? 148 ILE A O   1 
ATOM   347 C CB  . ILE A 1 44 ? -3.802  1.922   5.486   1.00 34.99 ? 148 ILE A CB  1 
ATOM   348 C CG1 . ILE A 1 44 ? -2.861  2.773   4.642   1.00 40.07 ? 148 ILE A CG1 1 
ATOM   349 C CG2 . ILE A 1 44 ? -5.250  2.209   5.155   1.00 35.00 ? 148 ILE A CG2 1 
ATOM   350 C CD1 . ILE A 1 44 ? -3.079  2.621   3.145   1.00 32.66 ? 148 ILE A CD1 1 
ATOM   351 N N   . ALA A 1 45 ? -4.552  0.224   8.002   1.00 38.93 ? 149 ALA A N   1 
ATOM   352 C CA  . ALA A 1 45 ? -5.524  -0.439  8.867   1.00 43.44 ? 149 ALA A CA  1 
ATOM   353 C C   . ALA A 1 45 ? -5.361  0.008   10.314  1.00 44.37 ? 149 ALA A C   1 
ATOM   354 O O   . ALA A 1 45 ? -6.347  0.134   11.053  1.00 46.24 ? 149 ALA A O   1 
ATOM   355 C CB  . ALA A 1 45 ? -5.384  -1.959  8.744   1.00 42.33 ? 149 ALA A CB  1 
ATOM   356 N N   . ASP A 1 46 ? -4.118  0.252   10.739  1.00 43.02 ? 150 ASP A N   1 
ATOM   357 C CA  . ASP A 1 46 ? -3.880  0.714   12.103  1.00 43.91 ? 150 ASP A CA  1 
ATOM   358 C C   . ASP A 1 46 ? -4.448  2.108   12.318  1.00 43.60 ? 150 ASP A C   1 
ATOM   359 O O   . ASP A 1 46 ? -5.057  2.387   13.361  1.00 47.57 ? 150 ASP A O   1 
ATOM   360 C CB  . ASP A 1 46 ? -2.381  0.704   12.405  1.00 47.34 ? 150 ASP A CB  1 
ATOM   361 C CG  . ASP A 1 46 ? -1.802  -0.682  12.395  1.00 55.36 ? 150 ASP A CG  1 
ATOM   362 O OD1 . ASP A 1 46 ? -2.571  -1.638  12.650  1.00 54.26 ? 150 ASP A OD1 1 
ATOM   363 O OD2 . ASP A 1 46 ? -0.586  -0.813  12.131  1.00 55.34 ? 150 ASP A OD2 1 
ATOM   364 N N   . VAL A 1 47 ? -4.257  2.992   11.340  1.00 42.60 ? 151 VAL A N   1 
ATOM   365 C CA  . VAL A 1 47 ? -4.741  4.360   11.460  1.00 41.34 ? 151 VAL A CA  1 
ATOM   366 C C   . VAL A 1 47 ? -6.266  4.391   11.457  1.00 44.13 ? 151 VAL A C   1 
ATOM   367 O O   . VAL A 1 47 ? -6.884  5.148   12.216  1.00 42.92 ? 151 VAL A O   1 
ATOM   368 C CB  . VAL A 1 47 ? -4.129  5.226   10.342  1.00 39.31 ? 151 VAL A CB  1 
ATOM   369 C CG1 . VAL A 1 47 ? -4.766  6.606   10.318  1.00 50.89 ? 151 VAL A CG1 1 
ATOM   370 C CG2 . VAL A 1 47 ? -2.623  5.339   10.542  1.00 39.18 ? 151 VAL A CG2 1 
ATOM   371 N N   . ILE A 1 48 ? -6.897  3.559   10.625  1.00 41.40 ? 152 ILE A N   1 
ATOM   372 C CA  . ILE A 1 48 ? -8.354  3.470   10.635  1.00 42.18 ? 152 ILE A CA  1 
ATOM   373 C C   . ILE A 1 48 ? -8.850  2.994   11.999  1.00 44.70 ? 152 ILE A C   1 
ATOM   374 O O   . ILE A 1 48 ? -9.716  3.625   12.620  1.00 46.74 ? 152 ILE A O   1 
ATOM   375 C CB  . ILE A 1 48 ? -8.848  2.534   9.523   1.00 41.49 ? 152 ILE A CB  1 
ATOM   376 C CG1 . ILE A 1 48 ? -8.552  3.111   8.139   1.00 39.25 ? 152 ILE A CG1 1 
ATOM   377 C CG2 . ILE A 1 48 ? -10.341 2.259   9.717   1.00 46.91 ? 152 ILE A CG2 1 
ATOM   378 C CD1 . ILE A 1 48 ? -8.715  2.091   7.026   1.00 45.89 ? 152 ILE A CD1 1 
ATOM   379 N N   . ASP A 1 49 ? -8.307  1.874   12.483  1.00 45.85 ? 153 ASP A N   1 
ATOM   380 C CA  . ASP A 1 49 ? -8.811  1.295   13.728  1.00 48.56 ? 153 ASP A CA  1 
ATOM   381 C C   . ASP A 1 49 ? -8.639  2.249   14.898  1.00 52.49 ? 153 ASP A C   1 
ATOM   382 O O   . ASP A 1 49 ? -9.527  2.357   15.753  1.00 59.26 ? 153 ASP A O   1 
ATOM   383 C CB  . ASP A 1 49 ? -8.115  -0.033  14.014  1.00 55.78 ? 153 ASP A CB  1 
ATOM   384 C CG  . ASP A 1 49 ? -8.593  -1.144  13.104  1.00 66.62 ? 153 ASP A CG  1 
ATOM   385 O OD1 . ASP A 1 49 ? -9.682  -0.995  12.506  1.00 73.61 ? 153 ASP A OD1 1 
ATOM   386 O OD2 . ASP A 1 49 ? -7.883  -2.166  12.991  1.00 71.01 ? 153 ASP A OD2 1 
ATOM   387 N N   . ALA A 1 50 ? -7.503  2.944   14.966  1.00 48.76 ? 154 ALA A N   1 
ATOM   388 C CA  . ALA A 1 50 ? -7.298  3.872   16.072  1.00 50.04 ? 154 ALA A CA  1 
ATOM   389 C C   . ALA A 1 50 ? -8.278  5.030   15.989  1.00 52.46 ? 154 ALA A C   1 
ATOM   390 O O   . ALA A 1 50 ? -8.823  5.461   17.011  1.00 54.98 ? 154 ALA A O   1 
ATOM   391 C CB  . ALA A 1 50 ? -5.861  4.387   16.083  1.00 52.25 ? 154 ALA A CB  1 
ATOM   392 N N   . PHE A 1 51 ? -8.544  5.523   14.775  1.00 47.58 ? 155 PHE A N   1 
ATOM   393 C CA  . PHE A 1 51 ? -9.506  6.612   14.620  1.00 47.35 ? 155 PHE A CA  1 
ATOM   394 C C   . PHE A 1 51 ? -10.910 6.171   15.017  1.00 49.06 ? 155 PHE A C   1 
ATOM   395 O O   . PHE A 1 51 ? -11.617 6.893   15.732  1.00 52.27 ? 155 PHE A O   1 
ATOM   396 C CB  . PHE A 1 51 ? -9.492  7.136   13.183  1.00 50.39 ? 155 PHE A CB  1 
ATOM   397 C CG  . PHE A 1 51 ? -10.402 8.311   12.962  1.00 44.99 ? 155 PHE A CG  1 
ATOM   398 C CD1 . PHE A 1 51 ? -9.963  9.599   13.215  1.00 45.30 ? 155 PHE A CD1 1 
ATOM   399 C CD2 . PHE A 1 51 ? -11.698 8.128   12.509  1.00 44.73 ? 155 PHE A CD2 1 
ATOM   400 C CE1 . PHE A 1 51 ? -10.806 10.688  13.027  1.00 44.34 ? 155 PHE A CE1 1 
ATOM   401 C CE2 . PHE A 1 51 ? -12.551 9.216   12.324  1.00 52.41 ? 155 PHE A CE2 1 
ATOM   402 C CZ  . PHE A 1 51 ? -12.102 10.495  12.585  1.00 48.43 ? 155 PHE A CZ  1 
ATOM   403 N N   . GLU A 1 52 ? -11.330 4.987   14.572  1.00 49.21 ? 156 GLU A N   1 
ATOM   404 C CA  . GLU A 1 52 ? -12.637 4.473   14.961  1.00 51.13 ? 156 GLU A CA  1 
ATOM   405 C C   . GLU A 1 52 ? -12.726 4.260   16.466  1.00 54.05 ? 156 GLU A C   1 
ATOM   406 O O   . GLU A 1 52 ? -13.751 4.571   17.082  1.00 62.15 ? 156 GLU A O   1 
ATOM   407 C CB  . GLU A 1 52 ? -12.931 3.172   14.222  1.00 52.18 ? 156 GLU A CB  1 
ATOM   408 C CG  . GLU A 1 52 ? -13.184 3.355   12.738  1.00 48.60 ? 156 GLU A CG  1 
ATOM   409 C CD  . GLU A 1 52 ? -14.490 4.077   12.456  1.00 50.17 ? 156 GLU A CD  1 
ATOM   410 O OE1 . GLU A 1 52 ? -15.322 4.200   13.375  1.00 52.92 ? 156 GLU A OE1 1 
ATOM   411 O OE2 . GLU A 1 52 ? -14.697 4.511   11.305  1.00 49.57 ? 156 GLU A OE2 1 
ATOM   412 N N   . GLY A 1 53 ? -11.663 3.735   17.078  1.00 54.74 ? 157 GLY A N   1 
ATOM   413 C CA  . GLY A 1 53 ? -11.685 3.531   18.516  1.00 60.75 ? 157 GLY A CA  1 
ATOM   414 C C   . GLY A 1 53 ? -11.798 4.826   19.292  1.00 66.94 ? 157 GLY A C   1 
ATOM   415 O O   . GLY A 1 53 ? -12.351 4.849   20.399  1.00 61.23 ? 157 GLY A O   1 
ATOM   416 N N   . SER A 1 54 ? -11.277 5.921   18.732  1.00 66.46 ? 158 SER A N   1 
ATOM   417 C CA  . SER A 1 54 ? -11.373 7.213   19.396  1.00 70.78 ? 158 SER A CA  1 
ATOM   418 C C   . SER A 1 54 ? -12.803 7.723   19.449  1.00 70.35 ? 158 SER A C   1 
ATOM   419 O O   . SER A 1 54 ? -13.128 8.528   20.327  1.00 69.57 ? 158 SER A O   1 
ATOM   420 C CB  . SER A 1 54 ? -10.492 8.243   18.690  1.00 64.03 ? 158 SER A CB  1 
ATOM   421 O OG  . SER A 1 54 ? -11.128 8.723   17.518  1.00 56.49 ? 158 SER A OG  1 
ATOM   422 N N   . LEU A 1 55 ? -13.661 7.269   18.540  1.00 70.11 ? 159 LEU A N   1 
ATOM   423 C CA  . LEU A 1 55 ? -15.026 7.782   18.462  1.00 68.91 ? 159 LEU A CA  1 
ATOM   424 C C   . LEU A 1 55 ? -15.952 7.085   19.464  1.00 66.27 ? 159 LEU A C   1 
ATOM   425 O O   . LEU A 1 55 ? -17.142 7.377   19.526  1.00 65.66 ? 159 LEU A O   1 
ATOM   426 C CB  . LEU A 1 55 ? -15.570 7.642   17.029  1.00 55.40 ? 159 LEU A CB  1 
ATOM   427 C CG  . LEU A 1 55 ? -14.715 8.291   15.932  1.00 57.56 ? 159 LEU A CG  1 
ATOM   428 C CD1 . LEU A 1 55 ? -15.404 8.229   14.574  1.00 50.61 ? 159 LEU A CD1 1 
ATOM   429 C CD2 . LEU A 1 55 ? -14.387 9.737   16.307  1.00 58.05 ? 159 LEU A CD2 1 
ATOM   430 N N   . LYS A 1 56 ? -15.398 6.164   20.245  1.00 73.38 ? 160 LYS A N   1 
ATOM   431 C CA  . LYS A 1 56 ? -16.155 5.499   21.305  1.00 83.10 ? 160 LYS A CA  1 
HETATM 432 X UNK . UNX B 2 .  ? 8.465   3.261   -7.457  1.00 31.89 ? 201 UNX A UNK 1 
HETATM 433 X UNK . UNX C 2 .  ? 6.917   -11.620 -6.569  1.00 31.09 ? 202 UNX A UNK 1 
HETATM 434 X UNK . UNX D 2 .  ? 8.577   -5.259  5.837   1.00 42.58 ? 203 UNX A UNK 1 
HETATM 435 X UNK . UNX E 2 .  ? 13.311  -9.839  -3.618  1.00 35.94 ? 204 UNX A UNK 1 
HETATM 436 X UNK . UNX F 2 .  ? -6.991  8.057   15.973  1.00 41.24 ? 205 UNX A UNK 1 
HETATM 437 O O   . HOH G 3 .  ? 0.175   4.205   5.911   1.00 40.74 ? 301 HOH A O   1 
HETATM 438 O O   . HOH G 3 .  ? -3.730  -1.869  5.789   1.00 50.61 ? 302 HOH A O   1 
HETATM 439 O O   . HOH G 3 .  ? 5.986   4.770   -11.926 1.00 47.35 ? 303 HOH A O   1 
HETATM 440 O O   . HOH G 3 .  ? 9.625   -5.050  -12.276 1.00 38.92 ? 304 HOH A O   1 
HETATM 441 O O   . HOH G 3 .  ? -5.778  7.118   13.574  1.00 34.28 ? 305 HOH A O   1 
HETATM 442 O O   . HOH G 3 .  ? -7.063  -0.001  -14.194 1.00 43.37 ? 306 HOH A O   1 
HETATM 443 O O   . HOH G 3 .  ? -0.351  1.678   -12.015 1.00 31.68 ? 307 HOH A O   1 
HETATM 444 O O   . HOH G 3 .  ? 2.549   6.811   -10.246 1.00 46.20 ? 308 HOH A O   1 
HETATM 445 O O   . HOH G 3 .  ? 4.943   -11.641 -10.224 1.00 44.15 ? 309 HOH A O   1 
HETATM 446 O O   . HOH G 3 .  ? -1.932  -2.649  -17.900 1.00 38.76 ? 310 HOH A O   1 
HETATM 447 O O   . HOH G 3 .  ? -5.775  -7.776  -7.705  1.00 45.74 ? 311 HOH A O   1 
HETATM 448 O O   . HOH G 3 .  ? -3.273  -8.538  -6.634  1.00 40.30 ? 312 HOH A O   1 
HETATM 449 O O   . HOH G 3 .  ? 2.339   -9.207  4.220   1.00 50.13 ? 313 HOH A O   1 
HETATM 450 O O   . HOH G 3 .  ? 6.061   -1.796  -13.606 1.00 39.01 ? 314 HOH A O   1 
HETATM 451 O O   . HOH G 3 .  ? -2.098  3.993   13.806  1.00 48.95 ? 315 HOH A O   1 
HETATM 452 O O   . HOH G 3 .  ? -3.184  6.201   14.372  1.00 42.67 ? 316 HOH A O   1 
HETATM 453 O O   . HOH G 3 .  ? 5.000   -13.220 -8.082  1.00 49.57 ? 317 HOH A O   1 
# 
loop_
_atom_site_anisotrop.id 
_atom_site_anisotrop.type_symbol 
_atom_site_anisotrop.pdbx_label_atom_id 
_atom_site_anisotrop.pdbx_label_alt_id 
_atom_site_anisotrop.pdbx_label_comp_id 
_atom_site_anisotrop.pdbx_label_asym_id 
_atom_site_anisotrop.pdbx_label_seq_id 
_atom_site_anisotrop.pdbx_PDB_ins_code 
_atom_site_anisotrop.U[1][1] 
_atom_site_anisotrop.U[2][2] 
_atom_site_anisotrop.U[3][3] 
_atom_site_anisotrop.U[1][2] 
_atom_site_anisotrop.U[1][3] 
_atom_site_anisotrop.U[2][3] 
_atom_site_anisotrop.pdbx_auth_seq_id 
_atom_site_anisotrop.pdbx_auth_comp_id 
_atom_site_anisotrop.pdbx_auth_asym_id 
_atom_site_anisotrop.pdbx_auth_atom_id 
1   C CA  . PHE A 3  ? 0.7637 0.7386 0.7935 0.0942  -0.1809 -0.0313 107 PHE A CA  
2   C C   . PHE A 3  ? 0.6721 0.6770 0.7182 0.0811  -0.1709 -0.0399 107 PHE A C   
3   O O   . PHE A 3  ? 0.4969 0.5405 0.5592 0.0719  -0.1703 -0.0432 107 PHE A O   
4   N N   . TYR A 4  ? 0.7195 0.7042 0.7593 0.0811  -0.1632 -0.0436 108 TYR A N   
5   C CA  . TYR A 4  ? 0.6181 0.6245 0.6707 0.0718  -0.1540 -0.0514 108 TYR A CA  
6   C C   . TYR A 4  ? 0.6697 0.6750 0.7378 0.0820  -0.1373 -0.0650 108 TYR A C   
7   O O   . TYR A 4  ? 0.7040 0.6744 0.7606 0.0915  -0.1332 -0.0658 108 TYR A O   
8   C CB  . TYR A 4  ? 0.4829 0.4691 0.5159 0.0614  -0.1607 -0.0434 108 TYR A CB  
9   C CG  . TYR A 4  ? 0.6899 0.6839 0.7088 0.0465  -0.1759 -0.0305 108 TYR A CG  
10  C CD1 . TYR A 4  ? 0.6800 0.7143 0.7117 0.0331  -0.1751 -0.0312 108 TYR A CD1 
11  C CD2 . TYR A 4  ? 0.7831 0.7424 0.7732 0.0455  -0.1904 -0.0177 108 TYR A CD2 
12  C CE1 . TYR A 4  ? 0.6309 0.6740 0.6490 0.0174  -0.1879 -0.0193 108 TYR A CE1 
13  C CE2 . TYR A 4  ? 0.7982 0.7629 0.7723 0.0293  -0.2047 -0.0055 108 TYR A CE2 
14  C CZ  . TYR A 4  ? 0.7205 0.7287 0.7094 0.0145  -0.2032 -0.0062 108 TYR A CZ  
15  O OH  . TYR A 4  ? 0.6537 0.6681 0.6255 -0.0033 -0.2165 0.0062  108 TYR A OH  
16  N N   . GLU A 5  ? 0.4387 0.4788 0.5287 0.0785  -0.1279 -0.0754 109 GLU A N   
17  C CA  . GLU A 5  ? 0.4125 0.4567 0.5168 0.0844  -0.1123 -0.0890 109 GLU A CA  
18  C C   . GLU A 5  ? 0.3766 0.4470 0.4908 0.0750  -0.1061 -0.0969 109 GLU A C   
19  O O   . GLU A 5  ? 0.4673 0.5665 0.5871 0.0665  -0.1105 -0.0952 109 GLU A O   
20  C CB  . GLU A 5  ? 0.4055 0.4675 0.5269 0.0919  -0.1084 -0.0932 109 GLU A CB  
21  C CG  . GLU A 5  ? 0.5845 0.6703 0.7247 0.0899  -0.0950 -0.1067 109 GLU A CG  
22  C CD  . GLU A 5  ? 0.5933 0.7018 0.7526 0.0954  -0.0934 -0.1084 109 GLU A CD  
23  O OE1 . GLU A 5  ? 0.5592 0.6692 0.7189 0.1013  -0.1039 -0.0990 109 GLU A OE1 
24  O OE2 . GLU A 5  ? 0.5845 0.7088 0.7577 0.0933  -0.0826 -0.1186 109 GLU A OE2 
25  N N   . ILE A 6  ? 0.4085 0.4665 0.5221 0.0768  -0.0961 -0.1053 110 ILE A N   
26  C CA  . ILE A 6  ? 0.3483 0.4263 0.4683 0.0705  -0.0905 -0.1124 110 ILE A CA  
27  C C   . ILE A 6  ? 0.3817 0.4865 0.5153 0.0680  -0.0824 -0.1230 110 ILE A C   
28  O O   . ILE A 6  ? 0.4262 0.5264 0.5652 0.0723  -0.0749 -0.1299 110 ILE A O   
29  C CB  . ILE A 6  ? 0.4010 0.4545 0.5145 0.0742  -0.0838 -0.1178 110 ILE A CB  
30  C CG2 . ILE A 6  ? 0.3447 0.4177 0.4648 0.0708  -0.0775 -0.1258 110 ILE A CG2 
31  N N   . GLU A 7  ? 0.3364 0.4694 0.4737 0.0599  -0.0838 -0.1236 111 GLU A N   
32  C CA  . GLU A 7  ? 0.3457 0.5002 0.4903 0.0553  -0.0761 -0.1342 111 GLU A CA  
33  C C   . GLU A 7  ? 0.3707 0.5205 0.5121 0.0557  -0.0647 -0.1458 111 GLU A C   
34  O O   . GLU A 7  ? 0.3619 0.5089 0.5041 0.0554  -0.0558 -0.1566 111 GLU A O   
35  C CB  . GLU A 7  ? 0.3200 0.5033 0.4654 0.0456  -0.0830 -0.1297 111 GLU A CB  
36  C CG  . GLU A 7  ? 0.3043 0.5075 0.4529 0.0385  -0.0767 -0.1398 111 GLU A CG  
37  C CD  . GLU A 7  ? 0.4181 0.6460 0.5629 0.0277  -0.0832 -0.1354 111 GLU A CD  
38  O OE1 . GLU A 7  ? 0.3182 0.5487 0.4601 0.0258  -0.0944 -0.1233 111 GLU A OE1 
39  O OE2 . GLU A 7  ? 0.3594 0.6007 0.5003 0.0201  -0.0773 -0.1439 111 GLU A OE2 
40  N N   . ALA A 8  ? 0.2986 0.4471 0.4361 0.0566  -0.0653 -0.1432 112 ALA A N   
41  C CA  . ALA A 8  ? 0.3370 0.4822 0.4716 0.0594  -0.0553 -0.1537 112 ALA A CA  
42  C C   . ALA A 8  ? 0.3447 0.4865 0.4791 0.0632  -0.0586 -0.1474 112 ALA A C   
43  O O   . ALA A 8  ? 0.2935 0.4428 0.4291 0.0597  -0.0685 -0.1349 112 ALA A O   
44  C CB  . ALA A 8  ? 0.2928 0.4621 0.4265 0.0531  -0.0491 -0.1617 112 ALA A CB  
45  N N   . ILE A 9  ? 0.3074 0.4372 0.4391 0.0699  -0.0510 -0.1555 113 ILE A N   
46  C CA  . ILE A 9  ? 0.2946 0.4288 0.4298 0.0744  -0.0528 -0.1511 113 ILE A CA  
47  C C   . ILE A 9  ? 0.3496 0.5106 0.4882 0.0748  -0.0444 -0.1581 113 ILE A C   
48  O O   . ILE A 9  ? 0.3516 0.5057 0.4833 0.0779  -0.0341 -0.1713 113 ILE A O   
49  C CB  . ILE A 9  ? 0.4019 0.5039 0.5314 0.0834  -0.0512 -0.1547 113 ILE A CB  
50  C CG1 . ILE A 9  ? 0.3904 0.4639 0.5132 0.0822  -0.0593 -0.1468 113 ILE A CG1 
51  C CG2 . ILE A 9  ? 0.3320 0.4448 0.4685 0.0893  -0.0527 -0.1512 113 ILE A CG2 
52  C CD1 . ILE A 9  ? 0.4438 0.4794 0.5560 0.0889  -0.0575 -0.1510 113 ILE A CD1 
53  N N   . ARG A 10 ? 0.2883 0.4784 0.4349 0.0710  -0.0480 -0.1494 114 ARG A N   
54  C CA  . ARG A 10 ? 0.2612 0.4781 0.4105 0.0721  -0.0381 -0.1558 114 ARG A CA  
55  C C   . ARG A 10 ? 0.2931 0.5101 0.4488 0.0851  -0.0325 -0.1590 114 ARG A C   
56  O O   . ARG A 10 ? 0.3866 0.6068 0.5385 0.0928  -0.0205 -0.1708 114 ARG A O   
57  C CB  . ARG A 10 ? 0.2440 0.4945 0.3985 0.0610  -0.0431 -0.1451 114 ARG A CB  
58  C CG  . ARG A 10 ? 0.2415 0.4932 0.3890 0.0491  -0.0497 -0.1414 114 ARG A CG  
59  C CD  . ARG A 10 ? 0.3502 0.6027 0.4882 0.0468  -0.0404 -0.1545 114 ARG A CD  
60  N NE  . ARG A 10 ? 0.2736 0.5383 0.4067 0.0340  -0.0472 -0.1495 114 ARG A NE  
61  C CZ  . ARG A 10 ? 0.2615 0.5164 0.3897 0.0301  -0.0494 -0.1536 114 ARG A CZ  
62  N NH1 . ARG A 10 ? 0.3191 0.5520 0.4460 0.0365  -0.0442 -0.1629 114 ARG A NH1 
63  N NH2 . ARG A 10 ? 0.3402 0.6080 0.4645 0.0189  -0.0572 -0.1478 114 ARG A NH2 
64  N N   . ARG A 11 ? 0.3235 0.5352 0.4874 0.0882  -0.0417 -0.1487 115 ARG A N   
65  C CA  . ARG A 11 ? 0.3424 0.5618 0.5169 0.1002  -0.0392 -0.1485 115 ARG A CA  
66  C C   . ARG A 11 ? 0.3557 0.5472 0.5300 0.1034  -0.0506 -0.1408 115 ARG A C   
67  O O   . ARG A 11 ? 0.3550 0.5297 0.5228 0.0944  -0.0609 -0.1323 115 ARG A O   
68  C CB  . ARG A 11 ? 0.2882 0.5533 0.4799 0.0966  -0.0397 -0.1389 115 ARG A CB  
69  C CG  . ARG A 11 ? 0.4009 0.6957 0.5914 0.0937  -0.0272 -0.1460 115 ARG A CG  
70  C CD  . ARG A 11 ? 0.3300 0.6704 0.5385 0.0897  -0.0273 -0.1353 115 ARG A CD  
71  N NE  . ARG A 11 ? 0.4271 0.7822 0.6516 0.1066  -0.0206 -0.1378 115 ARG A NE  
72  C CZ  . ARG A 11 ? 0.4808 0.8755 0.7277 0.1067  -0.0226 -0.1267 115 ARG A CZ  
73  N NH1 . ARG A 11 ? 0.4261 0.8468 0.6787 0.0885  -0.0317 -0.1120 115 ARG A NH1 
74  N NH2 . ARG A 11 ? 0.5242 0.9323 0.7873 0.1250  -0.0160 -0.1299 115 ARG A NH2 
75  N N   . LYS A 12 ? 0.4291 0.6142 0.6085 0.1167  -0.0488 -0.1437 116 LYS A N   
76  C CA  . LYS A 12 ? 0.4566 0.6204 0.6373 0.1199  -0.0607 -0.1349 116 LYS A CA  
77  C C   . LYS A 12 ? 0.3685 0.5699 0.5722 0.1248  -0.0645 -0.1251 116 LYS A C   
78  O O   . LYS A 12 ? 0.3632 0.5938 0.5789 0.1346  -0.0534 -0.1316 116 LYS A O   
79  C CB  . LYS A 12 ? 0.4632 0.5838 0.6293 0.1318  -0.0569 -0.1464 116 LYS A CB  
80  C CG  . LYS A 12 ? 0.6206 0.7153 0.7849 0.1352  -0.0696 -0.1377 116 LYS A CG  
81  C CD  . LYS A 12 ? 0.6981 0.7503 0.8454 0.1469  -0.0651 -0.1499 116 LYS A CD  
82  C CE  . LYS A 12 ? 0.7157 0.7362 0.8563 0.1485  -0.0789 -0.1411 116 LYS A CE  
83  N NZ  . LYS A 12 ? 0.6914 0.6666 0.8118 0.1588  -0.0753 -0.1526 116 LYS A NZ  
84  N N   . ARG A 13 ? 0.2785 0.4801 0.4877 0.1176  -0.0800 -0.1093 117 ARG A N   
85  C CA  . ARG A 13 ? 0.3143 0.5514 0.5476 0.1223  -0.0856 -0.0988 117 ARG A CA  
86  C C   . ARG A 13 ? 0.3508 0.5598 0.5794 0.1197  -0.1030 -0.0871 117 ARG A C   
87  O O   . ARG A 13 ? 0.3942 0.5623 0.6008 0.1104  -0.1109 -0.0845 117 ARG A O   
88  C CB  . ARG A 13 ? 0.3371 0.6259 0.5872 0.1089  -0.0872 -0.0872 117 ARG A CB  
89  C CG  . ARG A 13 ? 0.4217 0.7065 0.6671 0.0897  -0.1057 -0.0686 117 ARG A CG  
90  C CD  . ARG A 13 ? 0.4708 0.8015 0.7264 0.0738  -0.1067 -0.0582 117 ARG A CD  
91  N NE  . ARG A 13 ? 0.4470 0.7615 0.6875 0.0536  -0.1241 -0.0423 117 ARG A NE  
92  C CZ  . ARG A 13 ? 0.4157 0.7576 0.6563 0.0354  -0.1293 -0.0309 117 ARG A CZ  
93  N NH1 . ARG A 13 ? 0.3617 0.7515 0.6182 0.0341  -0.1174 -0.0336 117 ARG A NH1 
94  N NH2 . ARG A 13 ? 0.3684 0.6865 0.5896 0.0179  -0.1460 -0.0170 117 ARG A NH2 
95  N N   . VAL A 14 ? 0.4071 0.6375 0.6560 0.1287  -0.1087 -0.0803 118 VAL A N   
96  C CA  . VAL A 14 ? 0.4450 0.6518 0.6903 0.1250  -0.1273 -0.0675 118 VAL A CA  
97  C C   . VAL A 14 ? 0.4456 0.7034 0.7181 0.1167  -0.1385 -0.0492 118 VAL A C   
98  O O   . VAL A 14 ? 0.3867 0.6947 0.6883 0.1275  -0.1304 -0.0499 118 VAL A O   
99  C CB  . VAL A 14 ? 0.5200 0.6945 0.7605 0.1436  -0.1274 -0.0756 118 VAL A CB  
100 C CG1 . VAL A 14 ? 0.6034 0.7458 0.8333 0.1363  -0.1480 -0.0619 118 VAL A CG1 
101 C CG2 . VAL A 14 ? 0.5283 0.6573 0.7422 0.1501  -0.1144 -0.0943 118 VAL A CG2 
102 N N   . ARG A 15 ? 0.4769 0.7217 0.7385 0.0972  -0.1563 -0.0329 119 ARG A N   
103 C CA  . ARG A 15 ? 0.5341 0.8236 0.8163 0.0829  -0.1698 -0.0131 119 ARG A CA  
104 C C   . ARG A 15 ? 0.5225 0.7760 0.7893 0.0718  -0.1926 0.0018  119 ARG A C   
105 O O   . ARG A 15 ? 0.5066 0.7038 0.7385 0.0627  -0.1988 0.0014  119 ARG A O   
106 C CB  . ARG A 15 ? 0.5035 0.8159 0.7811 0.0628  -0.1683 -0.0070 119 ARG A CB  
107 C CG  . ARG A 15 ? 0.6059 0.9538 0.8957 0.0704  -0.1470 -0.0203 119 ARG A CG  
108 C CD  . ARG A 15 ? 0.5750 0.9890 0.9033 0.0797  -0.1389 -0.0181 119 ARG A CD  
109 N NE  . ARG A 15 ? 0.6483 1.0785 0.9841 0.0979  -0.1159 -0.0367 119 ARG A NE  
110 C CZ  . ARG A 15 ? 0.6923 1.1581 1.0331 0.0924  -0.1024 -0.0407 119 ARG A CZ  
111 N NH1 . ARG A 15 ? 0.5884 1.0619 0.9315 0.1094  -0.0820 -0.0582 119 ARG A NH1 
112 N NH2 . ARG A 15 ? 0.7198 1.2097 1.0596 0.0690  -0.1096 -0.0272 119 ARG A NH2 
113 N N   . LYS A 16 ? 0.5915 0.8773 0.8836 0.0729  -0.2049 0.0149  120 LYS A N   
114 C CA  . LYS A 16 ? 0.5863 0.8415 0.8645 0.0605  -0.2289 0.0311  120 LYS A CA  
115 C C   . LYS A 16 ? 0.5228 0.7032 0.7664 0.0689  -0.2311 0.0213  120 LYS A C   
116 O O   . LYS A 16 ? 0.5182 0.6504 0.7311 0.0541  -0.2469 0.0304  120 LYS A O   
117 C CB  . LYS A 16 ? 0.5515 0.8021 0.8110 0.0309  -0.2436 0.0480  120 LYS A CB  
118 C CG  . LYS A 16 ? 0.5646 0.8837 0.8493 0.0187  -0.2385 0.0572  120 LYS A CG  
119 N N   . GLY A 17 ? 0.4941 0.6616 0.7394 0.0913  -0.2147 0.0024  121 GLY A N   
120 C CA  . GLY A 17 ? 0.4732 0.5723 0.6860 0.0984  -0.2152 -0.0076 121 GLY A CA  
121 C C   . GLY A 17 ? 0.4413 0.4940 0.6198 0.0927  -0.2042 -0.0195 121 GLY A C   
122 O O   . GLY A 17 ? 0.6643 0.6612 0.8152 0.0977  -0.2023 -0.0287 121 GLY A O   
123 N N   . LYS A 18 ? 0.4085 0.4830 0.5881 0.0823  -0.1970 -0.0194 122 LYS A N   
124 C CA  . LYS A 18 ? 0.4381 0.4723 0.5877 0.0761  -0.1890 -0.0279 122 LYS A CA  
125 C C   . LYS A 18 ? 0.4170 0.4773 0.5782 0.0851  -0.1682 -0.0435 122 LYS A C   
126 O O   . LYS A 18 ? 0.5019 0.6158 0.6883 0.0843  -0.1632 -0.0414 122 LYS A O   
127 C CB  . LYS A 18 ? 0.4662 0.4924 0.5988 0.0544  -0.2016 -0.0129 122 LYS A CB  
128 C CG  . LYS A 18 ? 0.6424 0.6228 0.7483 0.0425  -0.2214 0.0006  122 LYS A CG  
129 N N   . VAL A 19 ? 0.4567 0.4788 0.5979 0.0916  -0.1564 -0.0586 123 VAL A N   
130 C CA  . VAL A 19 ? 0.4440 0.4832 0.5909 0.0982  -0.1380 -0.0737 123 VAL A CA  
131 C C   . VAL A 19 ? 0.4250 0.4739 0.5662 0.0847  -0.1377 -0.0693 123 VAL A C   
132 O O   . VAL A 19 ? 0.4079 0.4213 0.5262 0.0753  -0.1450 -0.0636 123 VAL A O   
133 C CB  . VAL A 19 ? 0.4967 0.4917 0.6239 0.1077  -0.1271 -0.0903 123 VAL A CB  
134 C CG1 . VAL A 19 ? 0.5089 0.5157 0.6368 0.1093  -0.1106 -0.1040 123 VAL A CG1 
135 C CG2 . VAL A 19 ? 0.4572 0.4457 0.5902 0.1229  -0.1261 -0.0963 123 VAL A CG2 
136 N N   . GLN A 20 ? 0.3755 0.4695 0.5349 0.0845  -0.1288 -0.0724 124 GLN A N   
137 C CA  . GLN A 20 ? 0.3440 0.4470 0.4973 0.0735  -0.1272 -0.0704 124 GLN A CA  
138 C C   . GLN A 20 ? 0.2946 0.4130 0.4531 0.0805  -0.1102 -0.0862 124 GLN A C   
139 O O   . GLN A 20 ? 0.3729 0.5125 0.5453 0.0913  -0.0999 -0.0955 124 GLN A O   
140 C CB  . GLN A 20 ? 0.3450 0.4886 0.5107 0.0602  -0.1364 -0.0551 124 GLN A CB  
141 C CG  . GLN A 20 ? 0.4204 0.5519 0.5798 0.0495  -0.1551 -0.0375 124 GLN A CG  
142 C CD  . GLN A 20 ? 0.5362 0.7136 0.7102 0.0349  -0.1635 -0.0224 124 GLN A CD  
143 O OE1 . GLN A 20 ? 0.5867 0.8078 0.7778 0.0346  -0.1537 -0.0257 124 GLN A OE1 
144 N NE2 . GLN A 20 ? 0.5478 0.7145 0.7127 0.0211  -0.1816 -0.0053 124 GLN A NE2 
145 N N   . TYR A 21 ? 0.3031 0.4095 0.4492 0.0747  -0.1077 -0.0889 125 TYR A N   
146 C CA  . TYR A 21 ? 0.3342 0.4549 0.4834 0.0777  -0.0941 -0.1020 125 TYR A CA  
147 C C   . TYR A 21 ? 0.3333 0.4839 0.4857 0.0663  -0.0967 -0.0952 125 TYR A C   
148 O O   . TYR A 21 ? 0.3203 0.4604 0.4628 0.0564  -0.1082 -0.0834 125 TYR A O   
149 C CB  . TYR A 21 ? 0.3460 0.4298 0.4796 0.0812  -0.0883 -0.1123 125 TYR A CB  
150 C CG  . TYR A 21 ? 0.4300 0.4797 0.5553 0.0907  -0.0847 -0.1203 125 TYR A CG  
151 C CD1 . TYR A 21 ? 0.4461 0.5034 0.5780 0.1007  -0.0759 -0.1307 125 TYR A CD1 
152 C CD2 . TYR A 21 ? 0.4043 0.4113 0.5120 0.0899  -0.0897 -0.1178 125 TYR A CD2 
153 C CE1 . TYR A 21 ? 0.4940 0.5164 0.6148 0.1089  -0.0740 -0.1375 125 TYR A CE1 
154 C CE2 . TYR A 21 ? 0.5074 0.4808 0.6043 0.0969  -0.0866 -0.1249 125 TYR A CE2 
155 C CZ  . TYR A 21 ? 0.5042 0.4849 0.6075 0.1059  -0.0796 -0.1345 125 TYR A CZ  
156 O OH  . TYR A 21 ? 0.5768 0.5198 0.6658 0.1122  -0.0780 -0.1411 125 TYR A OH  
157 N N   . LEU A 22 ? 0.2802 0.4640 0.4428 0.0673  -0.0863 -0.1026 126 LEU A N   
158 C CA  . LEU A 22 ? 0.2421 0.4526 0.4050 0.0559  -0.0876 -0.0979 126 LEU A CA  
159 C C   . LEU A 22 ? 0.2750 0.4677 0.4267 0.0546  -0.0851 -0.1049 126 LEU A C   
160 O O   . LEU A 22 ? 0.2472 0.4382 0.3989 0.0606  -0.0737 -0.1186 126 LEU A O   
161 C CB  . LEU A 22 ? 0.2502 0.5023 0.4263 0.0570  -0.0767 -0.1032 126 LEU A CB  
162 C CG  . LEU A 22 ? 0.2808 0.5610 0.4551 0.0429  -0.0785 -0.0972 126 LEU A CG  
163 C CD1 . LEU A 22 ? 0.2399 0.5275 0.4130 0.0298  -0.0935 -0.0788 126 LEU A CD1 
164 C CD2 . LEU A 22 ? 0.2369 0.5546 0.4205 0.0451  -0.0643 -0.1051 126 LEU A CD2 
165 N N   . ILE A 23 ? 0.2669 0.4451 0.4084 0.0472  -0.0960 -0.0951 127 ILE A N   
166 C CA  . ILE A 23 ? 0.2458 0.4048 0.3791 0.0485  -0.0954 -0.0998 127 ILE A CA  
167 C C   . ILE A 23 ? 0.2813 0.4654 0.4148 0.0399  -0.0965 -0.0985 127 ILE A C   
168 O O   . ILE A 23 ? 0.2782 0.4763 0.4083 0.0298  -0.1056 -0.0869 127 ILE A O   
169 C CB  . ILE A 23 ? 0.2564 0.3797 0.3763 0.0487  -0.1062 -0.0903 127 ILE A CB  
170 C CG1 . ILE A 23 ? 0.3181 0.4125 0.4340 0.0558  -0.1053 -0.0920 127 ILE A CG1 
171 C CG2 . ILE A 23 ? 0.3362 0.4455 0.4516 0.0520  -0.1046 -0.0946 127 ILE A CG2 
172 C CD1 . ILE A 23 ? 0.3515 0.4357 0.4708 0.0656  -0.0920 -0.1077 127 ILE A CD1 
173 N N   . LYS A 24 ? 0.2620 0.4507 0.3976 0.0423  -0.0882 -0.1098 128 LYS A N   
174 C CA  . LYS A 24 ? 0.2404 0.4440 0.3736 0.0346  -0.0920 -0.1080 128 LYS A CA  
175 C C   . LYS A 24 ? 0.3696 0.5494 0.4982 0.0382  -0.0996 -0.1035 128 LYS A C   
176 O O   . LYS A 24 ? 0.2623 0.4249 0.3934 0.0462  -0.0934 -0.1113 128 LYS A O   
177 C CB  . LYS A 24 ? 0.2595 0.4786 0.3957 0.0342  -0.0805 -0.1216 128 LYS A CB  
178 C CG  . LYS A 24 ? 0.2807 0.5127 0.4142 0.0261  -0.0853 -0.1205 128 LYS A CG  
179 C CD  . LYS A 24 ? 0.2853 0.5358 0.4127 0.0146  -0.0947 -0.1089 128 LYS A CD  
180 C CE  . LYS A 24 ? 0.3031 0.5672 0.4257 0.0055  -0.0998 -0.1085 128 LYS A CE  
181 N NZ  . LYS A 24 ? 0.2922 0.5437 0.4174 0.0094  -0.1085 -0.1054 128 LYS A NZ  
182 N N   . TRP A 25 ? 0.2873 0.4658 0.4082 0.0323  -0.1124 -0.0911 129 TRP A N   
183 C CA  . TRP A 25 ? 0.3400 0.4956 0.4556 0.0381  -0.1199 -0.0861 129 TRP A CA  
184 C C   . TRP A 25 ? 0.3622 0.5345 0.4839 0.0370  -0.1206 -0.0894 129 TRP A C   
185 O O   . TRP A 25 ? 0.3339 0.5300 0.4542 0.0268  -0.1241 -0.0873 129 TRP A O   
186 C CB  . TRP A 25 ? 0.3748 0.5140 0.4743 0.0332  -0.1348 -0.0704 129 TRP A CB  
187 C CG  . TRP A 25 ? 0.3241 0.4481 0.4170 0.0318  -0.1363 -0.0655 129 TRP A CG  
188 C CD1 . TRP A 25 ? 0.2949 0.4363 0.3869 0.0211  -0.1396 -0.0591 129 TRP A CD1 
189 C CD2 . TRP A 25 ? 0.3494 0.4388 0.4360 0.0407  -0.1348 -0.0663 129 TRP A CD2 
190 N NE1 . TRP A 25 ? 0.3620 0.4830 0.4491 0.0226  -0.1418 -0.0549 129 TRP A NE1 
191 C CE2 . TRP A 25 ? 0.3224 0.4090 0.4040 0.0342  -0.1392 -0.0594 129 TRP A CE2 
192 C CE3 . TRP A 25 ? 0.4424 0.5042 0.5269 0.0527  -0.1297 -0.0719 129 TRP A CE3 
193 C CZ2 . TRP A 25 ? 0.3486 0.4020 0.4206 0.0388  -0.1404 -0.0576 129 TRP A CZ2 
194 C CZ3 . TRP A 25 ? 0.4506 0.4782 0.5241 0.0576  -0.1290 -0.0711 129 TRP A CZ3 
195 C CH2 . TRP A 25 ? 0.3856 0.4077 0.4518 0.0503  -0.1351 -0.0638 129 TRP A CH2 
196 N N   . ARG A 26 ? 0.3550 0.4330 0.4727 0.0087  -0.0772 -0.0484 130 ARG A N   
197 C CA  . ARG A 26 ? 0.3513 0.4315 0.4818 0.0113  -0.0831 -0.0605 130 ARG A CA  
198 C C   . ARG A 26 ? 0.4724 0.5504 0.5805 0.0142  -0.0918 -0.0635 130 ARG A C   
199 O O   . ARG A 26 ? 0.3986 0.4718 0.4916 0.0130  -0.0924 -0.0564 130 ARG A O   
200 C CB  . ARG A 26 ? 0.3626 0.4436 0.5173 0.0103  -0.0782 -0.0610 130 ARG A CB  
201 C CG  . ARG A 26 ? 0.4357 0.5208 0.6078 0.0132  -0.0850 -0.0752 130 ARG A CG  
202 C CD  . ARG A 26 ? 0.5000 0.5881 0.7035 0.0104  -0.0767 -0.0748 130 ARG A CD  
203 N NE  . ARG A 26 ? 0.6220 0.7106 0.8563 0.0078  -0.0718 -0.0773 130 ARG A NE  
204 C CZ  . ARG A 26 ? 0.6877 0.7723 0.9307 0.0042  -0.0604 -0.0643 130 ARG A CZ  
205 N NH1 . ARG A 26 ? 0.6664 0.7490 0.9400 0.0022  -0.0574 -0.0672 130 ARG A NH1 
206 N NH2 . ARG A 26 ? 0.7635 0.8454 0.9851 0.0039  -0.0529 -0.0489 130 ARG A NH2 
207 N N   . GLY A 27 ? 0.4734 0.5547 0.5780 0.0191  -0.0992 -0.0737 131 GLY A N   
208 C CA  . GLY A 27 ? 0.3909 0.4684 0.4712 0.0235  -0.1074 -0.0747 131 GLY A CA  
209 C C   . GLY A 27 ? 0.5097 0.5845 0.5628 0.0218  -0.1057 -0.0645 131 GLY A C   
210 O O   . GLY A 27 ? 0.4732 0.5418 0.5047 0.0245  -0.1108 -0.0613 131 GLY A O   
211 N N   . TRP A 28 ? 0.4691 0.5481 0.5242 0.0174  -0.0984 -0.0589 132 TRP A N   
212 C CA  . TRP A 28 ? 0.4091 0.4891 0.4443 0.0149  -0.0951 -0.0505 132 TRP A CA  
213 C C   . TRP A 28 ? 0.3914 0.4834 0.4289 0.0182  -0.0930 -0.0567 132 TRP A C   
214 O O   . TRP A 28 ? 0.4909 0.5880 0.5494 0.0197  -0.0927 -0.0648 132 TRP A O   
215 C CB  . TRP A 28 ? 0.4428 0.5198 0.4793 0.0074  -0.0890 -0.0399 132 TRP A CB  
216 C CG  . TRP A 28 ? 0.4601 0.5267 0.4918 0.0055  -0.0922 -0.0348 132 TRP A CG  
217 C CD1 . TRP A 28 ? 0.3569 0.4208 0.4001 0.0069  -0.0935 -0.0374 132 TRP A CD1 
218 C CD2 . TRP A 28 ? 0.4957 0.5536 0.5115 0.0026  -0.0944 -0.0267 132 TRP A CD2 
219 N NE1 . TRP A 28 ? 0.4588 0.5145 0.4932 0.0061  -0.0977 -0.0332 132 TRP A NE1 
220 C CE2 . TRP A 28 ? 0.4649 0.5153 0.4838 0.0033  -0.0990 -0.0267 132 TRP A CE2 
221 C CE3 . TRP A 28 ? 0.5285 0.5849 0.5301 -0.0007 -0.0924 -0.0190 132 TRP A CE3 
222 C CZ2 . TRP A 28 ? 0.5602 0.5996 0.5691 0.0011  -0.1037 -0.0208 132 TRP A CZ2 
223 C CZ3 . TRP A 28 ? 0.6023 0.6467 0.5954 -0.0042 -0.0954 -0.0109 132 TRP A CZ3 
224 C CH2 . TRP A 28 ? 0.5427 0.5779 0.5402 -0.0031 -0.1020 -0.0126 132 TRP A CH2 
225 N N   . PRO A 29 ? 0.4376 0.5346 0.4550 0.0195  -0.0912 -0.0526 133 PRO A N   
226 C CA  . PRO A 29 ? 0.4704 0.5823 0.4893 0.0239  -0.0890 -0.0598 133 PRO A CA  
227 C C   . PRO A 29 ? 0.4918 0.6088 0.5264 0.0183  -0.0825 -0.0580 133 PRO A C   
228 O O   . PRO A 29 ? 0.4299 0.5401 0.4686 0.0109  -0.0788 -0.0491 133 PRO A O   
229 C CB  . PRO A 29 ? 0.4714 0.5875 0.4626 0.0257  -0.0855 -0.0516 133 PRO A CB  
230 C CG  . PRO A 29 ? 0.5217 0.6235 0.5032 0.0177  -0.0834 -0.0370 133 PRO A CG  
231 C CD  . PRO A 29 ? 0.4973 0.5869 0.4909 0.0173  -0.0904 -0.0407 133 PRO A CD  
232 N N   . GLU A 30 ? 0.3937 0.5235 0.4365 0.0235  -0.0826 -0.0681 134 GLU A N   
233 C CA  . GLU A 30 ? 0.3946 0.5302 0.4519 0.0205  -0.0781 -0.0682 134 GLU A CA  
234 C C   . GLU A 30 ? 0.4374 0.5764 0.4837 0.0132  -0.0705 -0.0566 134 GLU A C   
235 O O   . GLU A 30 ? 0.4058 0.5430 0.4628 0.0089  -0.0677 -0.0531 134 GLU A O   
236 C CB  . GLU A 30 ? 0.4728 0.6234 0.5388 0.0290  -0.0811 -0.0830 134 GLU A CB  
237 C CG  . GLU A 30 ? 0.5214 0.6727 0.6114 0.0290  -0.0811 -0.0882 134 GLU A CG  
238 C CD  . GLU A 30 ? 0.3808 0.5178 0.4941 0.0281  -0.0846 -0.0901 134 GLU A CD  
239 O OE1 . GLU A 30 ? 0.4356 0.5672 0.5645 0.0262  -0.0823 -0.0873 134 GLU A OE1 
240 O OE2 . GLU A 30 ? 0.3697 0.5014 0.4867 0.0301  -0.0893 -0.0947 134 GLU A OE2 
241 N N   . THR A 31 ? 0.4627 0.6057 0.4887 0.0123  -0.0671 -0.0502 135 THR A N   
242 C CA  . THR A 31 ? 0.5058 0.6523 0.5268 0.0039  -0.0593 -0.0392 135 THR A CA  
243 C C   . THR A 31 ? 0.5327 0.6638 0.5580 -0.0039 -0.0601 -0.0303 135 THR A C   
244 O O   . THR A 31 ? 0.5230 0.6564 0.5515 -0.0109 -0.0553 -0.0238 135 THR A O   
245 C CB  . THR A 31 ? 0.5824 0.7349 0.5816 0.0043  -0.0539 -0.0317 135 THR A CB  
246 O OG1 . THR A 31 ? 0.5736 0.7118 0.5573 0.0075  -0.0595 -0.0280 135 THR A OG1 
247 C CG2 . THR A 31 ? 0.5421 0.7152 0.5356 0.0135  -0.0516 -0.0413 135 THR A CG2 
248 N N   . ALA A 32 ? 0.4746 0.5920 0.5022 -0.0022 -0.0663 -0.0312 136 ALA A N   
249 C CA  . ALA A 32 ? 0.4357 0.5413 0.4675 -0.0071 -0.0680 -0.0251 136 ALA A CA  
250 C C   . ALA A 32 ? 0.4373 0.5429 0.4851 -0.0058 -0.0682 -0.0283 136 ALA A C   
251 O O   . ALA A 32 ? 0.3924 0.4902 0.4424 -0.0073 -0.0700 -0.0245 136 ALA A O   
252 C CB  . ALA A 32 ? 0.4128 0.5050 0.4374 -0.0051 -0.0740 -0.0239 136 ALA A CB  
253 N N   . ASN A 33 ? 0.3955 0.5093 0.4532 -0.0019 -0.0670 -0.0352 137 ASN A N   
254 C CA  . ASN A 33 ? 0.3468 0.4588 0.4177 0.0003  -0.0668 -0.0359 137 ASN A CA  
255 C C   . ASN A 33 ? 0.4341 0.5479 0.5045 -0.0026 -0.0655 -0.0315 137 ASN A C   
256 O O   . ASN A 33 ? 0.4673 0.5892 0.5347 -0.0069 -0.0634 -0.0306 137 ASN A O   
257 C CB  . ASN A 33 ? 0.3561 0.4762 0.4387 0.0050  -0.0664 -0.0439 137 ASN A CB  
258 C CG  . ASN A 33 ? 0.4006 0.5197 0.4904 0.0093  -0.0696 -0.0520 137 ASN A CG  
259 O OD1 . ASN A 33 ? 0.3706 0.4824 0.4586 0.0092  -0.0719 -0.0516 137 ASN A OD1 
260 N ND2 . ASN A 33 ? 0.3129 0.4403 0.4135 0.0140  -0.0709 -0.0613 137 ASN A ND2 
261 N N   . THR A 34 ? 0.3893 0.4970 0.4640 0.0007  -0.0666 -0.0290 138 THR A N   
262 C CA  . THR A 34 ? 0.3062 0.4168 0.3813 0.0012  -0.0677 -0.0277 138 THR A CA  
263 C C   . THR A 34 ? 0.3060 0.4158 0.3867 0.0089  -0.0679 -0.0280 138 THR A C   
264 O O   . THR A 34 ? 0.3178 0.4199 0.4010 0.0130  -0.0664 -0.0251 138 THR A O   
265 C CB  . THR A 34 ? 0.3272 0.4303 0.3960 0.0000  -0.0710 -0.0237 138 THR A CB  
266 O OG1 . THR A 34 ? 0.3379 0.4323 0.4044 0.0044  -0.0711 -0.0208 138 THR A OG1 
267 C CG2 . THR A 34 ? 0.3716 0.4729 0.4353 -0.0075 -0.0717 -0.0219 138 THR A CG2 
268 N N   . TRP A 35 ? 0.3242 0.4417 0.4079 0.0114  -0.0697 -0.0312 139 TRP A N   
269 C CA  . TRP A 35 ? 0.3137 0.4298 0.3993 0.0211  -0.0713 -0.0309 139 TRP A CA  
270 C C   . TRP A 35 ? 0.3790 0.4884 0.4555 0.0269  -0.0737 -0.0260 139 TRP A C   
271 O O   . TRP A 35 ? 0.3879 0.5017 0.4626 0.0261  -0.0781 -0.0292 139 TRP A O   
272 C CB  . TRP A 35 ? 0.3110 0.4399 0.4041 0.0233  -0.0738 -0.0388 139 TRP A CB  
273 C CG  . TRP A 35 ? 0.3087 0.4459 0.4106 0.0213  -0.0715 -0.0447 139 TRP A CG  
274 C CD1 . TRP A 35 ? 0.3322 0.4821 0.4378 0.0137  -0.0685 -0.0494 139 TRP A CD1 
275 C CD2 . TRP A 35 ? 0.3852 0.5189 0.4931 0.0282  -0.0719 -0.0465 139 TRP A CD2 
276 N NE1 . TRP A 35 ? 0.3577 0.5147 0.4700 0.0166  -0.0677 -0.0559 139 TRP A NE1 
277 C CE2 . TRP A 35 ? 0.3994 0.5456 0.5150 0.0252  -0.0706 -0.0551 139 TRP A CE2 
278 C CE3 . TRP A 35 ? 0.3196 0.4401 0.4274 0.0370  -0.0729 -0.0411 139 TRP A CE3 
279 C CZ2 . TRP A 35 ? 0.3615 0.5079 0.4869 0.0311  -0.0725 -0.0610 139 TRP A CZ2 
280 C CZ3 . TRP A 35 ? 0.3609 0.4788 0.4797 0.0415  -0.0738 -0.0446 139 TRP A CZ3 
281 C CH2 . TRP A 35 ? 0.3613 0.4922 0.4896 0.0388  -0.0746 -0.0559 139 TRP A CH2 
282 N N   . GLU A 36 ? 0.3209 0.4209 0.3932 0.0334  -0.0706 -0.0186 140 GLU A N   
283 C CA  . GLU A 36 ? 0.3277 0.4241 0.3888 0.0407  -0.0718 -0.0138 140 GLU A CA  
284 C C   . GLU A 36 ? 0.4199 0.5144 0.4745 0.0542  -0.0721 -0.0096 140 GLU A C   
285 O O   . GLU A 36 ? 0.3796 0.4673 0.4383 0.0570  -0.0674 -0.0039 140 GLU A O   
286 C CB  . GLU A 36 ? 0.3275 0.4163 0.3866 0.0381  -0.0666 -0.0070 140 GLU A CB  
287 C CG  . GLU A 36 ? 0.3184 0.4074 0.3808 0.0274  -0.0678 -0.0109 140 GLU A CG  
288 C CD  . GLU A 36 ? 0.3715 0.4640 0.4285 0.0254  -0.0744 -0.0154 140 GLU A CD  
289 O OE1 . GLU A 36 ? 0.3699 0.4644 0.4203 0.0336  -0.0783 -0.0160 140 GLU A OE1 
290 O OE2 . GLU A 36 ? 0.3552 0.4480 0.4149 0.0164  -0.0762 -0.0185 140 GLU A OE2 
291 N N   . PRO A 37 ? 0.3480 0.4477 0.3928 0.0640  -0.0782 -0.0127 141 PRO A N   
292 C CA  . PRO A 37 ? 0.3649 0.4624 0.3985 0.0802  -0.0790 -0.0078 141 PRO A CA  
293 C C   . PRO A 37 ? 0.4316 0.5185 0.4559 0.0859  -0.0694 0.0076  141 PRO A C   
294 O O   . PRO A 37 ? 0.4246 0.5110 0.4445 0.0837  -0.0654 0.0116  141 PRO A O   
295 C CB  . PRO A 37 ? 0.4298 0.5370 0.4550 0.0899  -0.0889 -0.0169 141 PRO A CB  
296 C CG  . PRO A 37 ? 0.3848 0.4998 0.4246 0.0765  -0.0941 -0.0283 141 PRO A CG  
297 C CD  . PRO A 37 ? 0.4103 0.5184 0.4561 0.0615  -0.0862 -0.0225 141 PRO A CD  
298 N N   . LEU A 38 ? 0.3911 0.4696 0.4139 0.0936  -0.0653 0.0163  142 LEU A N   
299 C CA  . LEU A 38 ? 0.4089 0.4768 0.4234 0.1005  -0.0544 0.0336  142 LEU A CA  
300 C C   . LEU A 38 ? 0.4756 0.5495 0.4683 0.1129  -0.0539 0.0378  142 LEU A C   
301 O O   . LEU A 38 ? 0.4721 0.5439 0.4619 0.1120  -0.0439 0.0483  142 LEU A O   
302 C CB  . LEU A 38 ? 0.5331 0.5902 0.5458 0.1109  -0.0526 0.0427  142 LEU A CB  
303 C CG  . LEU A 38 ? 0.5882 0.6329 0.5909 0.1198  -0.0398 0.0642  142 LEU A CG  
304 C CD1 . LEU A 38 ? 0.5575 0.5950 0.5810 0.1049  -0.0277 0.0722  142 LEU A CD1 
305 C CD2 . LEU A 38 ? 0.5745 0.6065 0.5720 0.1325  -0.0404 0.0733  142 LEU A CD2 
306 N N   . GLU A 39 ? 0.4470 0.5306 0.4264 0.1251  -0.0652 0.0278  143 GLU A N   
307 C CA  . GLU A 39 ? 0.5536 0.6447 0.5106 0.1409  -0.0669 0.0293  143 GLU A CA  
308 C C   . GLU A 39 ? 0.5247 0.6213 0.4850 0.1322  -0.0646 0.0264  143 GLU A C   
309 O O   . GLU A 39 ? 0.5763 0.6753 0.5228 0.1406  -0.0570 0.0358  143 GLU A O   
310 C CB  . GLU A 39 ? 0.5524 0.6550 0.5014 0.1543  -0.0830 0.0132  143 GLU A CB  
311 C CG  . GLU A 39 ? 0.7080 0.8069 0.6507 0.1672  -0.0876 0.0140  143 GLU A CG  
312 N N   . ASN A 40 ? 0.5783 0.6776 0.5566 0.1159  -0.0706 0.0141  144 ASN A N   
313 C CA  . ASN A 40 ? 0.4493 0.5519 0.4315 0.1078  -0.0702 0.0105  144 ASN A CA  
314 C C   . ASN A 40 ? 0.4470 0.5429 0.4341 0.1009  -0.0559 0.0237  144 ASN A C   
315 O O   . ASN A 40 ? 0.4715 0.5720 0.4543 0.1024  -0.0526 0.0251  144 ASN A O   
316 C CB  . ASN A 40 ? 0.4026 0.5057 0.4023 0.0915  -0.0780 -0.0020 144 ASN A CB  
317 C CG  . ASN A 40 ? 0.5433 0.6542 0.5453 0.0955  -0.0912 -0.0159 144 ASN A CG  
318 O OD1 . ASN A 40 ? 0.5531 0.6699 0.5435 0.1119  -0.0968 -0.0189 144 ASN A OD1 
319 N ND2 . ASN A 40 ? 0.4835 0.5949 0.5015 0.0812  -0.0962 -0.0246 144 ASN A ND2 
320 N N   . LEU A 41 ? 0.4253 0.5116 0.4256 0.0923  -0.0485 0.0311  145 LEU A N   
321 C CA  . LEU A 41 ? 0.4048 0.4856 0.4165 0.0848  -0.0358 0.0412  145 LEU A CA  
322 C C   . LEU A 41 ? 0.4455 0.5262 0.4440 0.0976  -0.0235 0.0576  145 LEU A C   
323 O O   . LEU A 41 ? 0.4256 0.5102 0.4269 0.0960  -0.0145 0.0629  145 LEU A O   
324 C CB  . LEU A 41 ? 0.4059 0.4772 0.4384 0.0732  -0.0329 0.0422  145 LEU A CB  
325 C CG  . LEU A 41 ? 0.3749 0.4489 0.4172 0.0619  -0.0433 0.0272  145 LEU A CG  
326 C CD1 . LEU A 41 ? 0.4121 0.4795 0.4741 0.0532  -0.0409 0.0263  145 LEU A CD1 
327 C CD2 . LEU A 41 ? 0.3643 0.4431 0.4080 0.0544  -0.0470 0.0196  145 LEU A CD2 
328 N N   . GLN A 42 ? 0.4729 0.5503 0.4561 0.1115  -0.0228 0.0657  146 GLN A N   
329 C CA  . GLN A 42 ? 0.5291 0.6059 0.4950 0.1259  -0.0101 0.0839  146 GLN A CA  
330 C C   . GLN A 42 ? 0.6056 0.6980 0.5512 0.1379  -0.0113 0.0805  146 GLN A C   
331 O O   . GLN A 42 ? 0.6095 0.7059 0.5475 0.1442  0.0029  0.0943  146 GLN A O   
332 C CB  . GLN A 42 ? 0.5254 0.5953 0.4741 0.1416  -0.0121 0.0919  146 GLN A CB  
333 C CG  . GLN A 42 ? 0.6612 0.7147 0.6286 0.1335  -0.0099 0.0975  146 GLN A CG  
334 C CD  . GLN A 42 ? 0.7294 0.7754 0.6777 0.1515  -0.0137 0.1047  146 GLN A CD  
335 O OE1 . GLN A 42 ? 0.6727 0.7281 0.6015 0.1654  -0.0265 0.0938  146 GLN A OE1 
336 N NE2 . GLN A 42 ? 0.6956 0.7243 0.6513 0.1520  -0.0034 0.1224  146 GLN A NE2 
337 N N   . SER A 43 ? 0.5594 0.6614 0.4979 0.1416  -0.0280 0.0618  147 SER A N   
338 C CA  . SER A 43 ? 0.5554 0.6728 0.4758 0.1553  -0.0322 0.0551  147 SER A CA  
339 C C   . SER A 43 ? 0.5345 0.6573 0.4654 0.1462  -0.0237 0.0563  147 SER A C   
340 O O   . SER A 43 ? 0.5459 0.6815 0.4614 0.1592  -0.0194 0.0583  147 SER A O   
341 C CB  . SER A 43 ? 0.5441 0.6685 0.4641 0.1575  -0.0531 0.0327  147 SER A CB  
342 O OG  . SER A 43 ? 0.6886 0.8145 0.5936 0.1734  -0.0616 0.0299  147 SER A OG  
343 N N   . ILE A 44 ? 0.5172 0.6319 0.4741 0.1257  -0.0215 0.0542  148 ILE A N   
344 C CA  . ILE A 44 ? 0.4786 0.5987 0.4488 0.1169  -0.0157 0.0522  148 ILE A CA  
345 C C   . ILE A 44 ? 0.4507 0.5768 0.4162 0.1242  0.0037  0.0696  148 ILE A C   
346 O O   . ILE A 44 ? 0.4561 0.5964 0.4152 0.1309  0.0068  0.0670  148 ILE A O   
347 C CB  . ILE A 44 ? 0.4074 0.5168 0.4051 0.0959  -0.0165 0.0478  148 ILE A CB  
348 C CG1 . ILE A 44 ? 0.4721 0.5786 0.4718 0.0895  -0.0341 0.0316  148 ILE A CG1 
349 C CG2 . ILE A 44 ? 0.4006 0.5153 0.4141 0.0881  -0.0096 0.0466  148 ILE A CG2 
350 C CD1 . ILE A 44 ? 0.3738 0.4719 0.3953 0.0718  -0.0360 0.0264  148 ILE A CD1 
351 N N   . ALA A 45 ? 0.4643 0.5801 0.4346 0.1230  0.0177  0.0878  149 ALA A N   
352 C CA  . ALA A 45 ? 0.5205 0.6413 0.4887 0.1291  0.0390  0.1077  149 ALA A CA  
353 C C   . ALA A 45 ? 0.5394 0.6749 0.4716 0.1532  0.0409  0.1125  149 ALA A C   
354 O O   . ALA A 45 ? 0.5604 0.7099 0.4866 0.1603  0.0550  0.1211  149 ALA A O   
355 C CB  . ALA A 45 ? 0.5080 0.6112 0.4891 0.1238  0.0523  0.1272  149 ALA A CB  
356 N N   . ASP A 46 ? 0.5306 0.6650 0.4388 0.1672  0.0264  0.1057  150 ASP A N   
357 C CA  . ASP A 46 ? 0.5486 0.6985 0.4211 0.1933  0.0247  0.1067  150 ASP A CA  
358 C C   . ASP A 46 ? 0.5393 0.7089 0.4083 0.1981  0.0155  0.0882  150 ASP A C   
359 O O   . ASP A 46 ? 0.5906 0.7777 0.4390 0.2153  0.0238  0.0930  150 ASP A O   
360 C CB  . ASP A 46 ? 0.6002 0.7452 0.4532 0.2069  0.0079  0.0989  150 ASP A CB  
361 C CG  . ASP A 46 ? 0.7083 0.8350 0.5601 0.2071  0.0161  0.1176  150 ASP A CG  
362 O OD1 . ASP A 46 ? 0.6955 0.8156 0.5503 0.2051  0.0375  0.1412  150 ASP A OD1 
363 O OD2 . ASP A 46 ? 0.7112 0.8302 0.5612 0.2093  0.0013  0.1081  150 ASP A OD2 
364 N N   . VAL A 47 ? 0.5213 0.6880 0.4093 0.1840  -0.0015 0.0673  151 VAL A N   
365 C CA  . VAL A 47 ? 0.5004 0.6823 0.3878 0.1882  -0.0128 0.0483  151 VAL A CA  
366 C C   . VAL A 47 ? 0.5285 0.7204 0.4277 0.1823  0.0030  0.0546  151 VAL A C   
367 O O   . VAL A 47 ? 0.5108 0.7220 0.3978 0.1961  0.0026  0.0477  151 VAL A O   
368 C CB  . VAL A 47 ? 0.4716 0.6441 0.3778 0.1732  -0.0335 0.0279  151 VAL A CB  
369 C CG1 . VAL A 47 ? 0.6131 0.7967 0.5238 0.1746  -0.0450 0.0097  151 VAL A CG1 
370 C CG2 . VAL A 47 ? 0.4747 0.6433 0.3706 0.1818  -0.0491 0.0191  151 VAL A CG2 
371 N N   . ILE A 48 ? 0.4891 0.6699 0.4139 0.1630  0.0165  0.0658  152 ILE A N   
372 C CA  . ILE A 48 ? 0.4900 0.6817 0.4310 0.1571  0.0329  0.0718  152 ILE A CA  
373 C C   . ILE A 48 ? 0.5236 0.7312 0.4437 0.1752  0.0530  0.0903  152 ILE A C   
374 O O   . ILE A 48 ? 0.5443 0.7734 0.4583 0.1848  0.0582  0.0860  152 ILE A O   
375 C CB  . ILE A 48 ? 0.4747 0.6512 0.4503 0.1343  0.0429  0.0798  152 ILE A CB  
376 C CG1 . ILE A 48 ? 0.4441 0.6088 0.4382 0.1182  0.0241  0.0610  152 ILE A CG1 
377 C CG2 . ILE A 48 ? 0.5325 0.7223 0.5276 0.1298  0.0629  0.0881  152 ILE A CG2 
378 C CD1 . ILE A 48 ? 0.5238 0.6725 0.5474 0.0993  0.0302  0.0667  152 ILE A CD1 
379 N N   . ASP A 49 ? 0.5457 0.7432 0.4532 0.1809  0.0652  0.1116  153 ASP A N   
380 C CA  . ASP A 49 ? 0.5826 0.7929 0.4695 0.1975  0.0879  0.1342  153 ASP A CA  
381 C C   . ASP A 49 ? 0.6371 0.8707 0.4864 0.2249  0.0801  0.1245  153 ASP A C   
382 O O   . ASP A 49 ? 0.7195 0.9748 0.5573 0.2371  0.0963  0.1329  153 ASP A O   
383 C CB  . ASP A 49 ? 0.6835 0.8748 0.5608 0.2006  0.0992  0.1586  153 ASP A CB  
384 C CG  . ASP A 49 ? 0.8140 0.9862 0.7309 0.1762  0.1131  0.1723  153 ASP A CG  
385 O OD1 . ASP A 49 ? 0.8896 1.0683 0.8389 0.1601  0.1203  0.1673  153 ASP A OD1 
386 O OD2 . ASP A 49 ? 0.8766 1.0279 0.7937 0.1743  0.1158  0.1862  153 ASP A OD2 
387 N N   . ALA A 50 ? 0.5967 0.8281 0.4280 0.2357  0.0553  0.1059  154 ALA A N   
388 C CA  . ALA A 50 ? 0.6164 0.8705 0.4145 0.2634  0.0446  0.0930  154 ALA A CA  
389 C C   . ALA A 50 ? 0.6365 0.9106 0.4462 0.2623  0.0392  0.0738  154 ALA A C   
390 O O   . ALA A 50 ? 0.6671 0.9667 0.4553 0.2835  0.0449  0.0724  154 ALA A O   
391 C CB  . ALA A 50 ? 0.6511 0.8984 0.4358 0.2734  0.0175  0.0740  154 ALA A CB  
392 N N   . PHE A 51 ? 0.5671 0.8305 0.4102 0.2391  0.0284  0.0591  155 PHE A N   
393 C CA  . PHE A 51 ? 0.5545 0.8341 0.4105 0.2377  0.0220  0.0406  155 PHE A CA  
394 C C   . PHE A 51 ? 0.5677 0.8654 0.4309 0.2374  0.0485  0.0555  155 PHE A C   
395 O O   . PHE A 51 ? 0.6030 0.9267 0.4562 0.2528  0.0496  0.0462  155 PHE A O   
396 C CB  . PHE A 51 ? 0.5883 0.8497 0.4765 0.2133  0.0061  0.0249  155 PHE A CB  
397 C CG  . PHE A 51 ? 0.5112 0.7858 0.4122 0.2126  -0.0041 0.0046  155 PHE A CG  
398 C CD1 . PHE A 51 ? 0.5163 0.7968 0.4081 0.2251  -0.0285 -0.0192 155 PHE A CD1 
399 C CD2 . PHE A 51 ? 0.4978 0.7787 0.4228 0.2002  0.0098  0.0081  155 PHE A CD2 
400 C CE1 . PHE A 51 ? 0.4968 0.7876 0.4005 0.2258  -0.0391 -0.0382 155 PHE A CE1 
401 C CE2 . PHE A 51 ? 0.5873 0.8806 0.5236 0.2013  -0.0006 -0.0117 155 PHE A CE2 
402 C CZ  . PHE A 51 ? 0.5394 0.8367 0.4640 0.2144  -0.0253 -0.0344 155 PHE A CZ  
403 N N   . GLU A 52 ? 0.5668 0.8524 0.4503 0.2202  0.0700  0.0777  156 GLU A N   
404 C CA  . GLU A 52 ? 0.5812 0.8844 0.4771 0.2182  0.0977  0.0936  156 GLU A CA  
405 C C   . GLU A 52 ? 0.6230 0.9487 0.4818 0.2451  0.1147  0.1095  156 GLU A C   
406 O O   . GLU A 52 ? 0.7167 1.0702 0.5743 0.2542  0.1286  0.1100  156 GLU A O   
407 C CB  . GLU A 52 ? 0.5904 0.8737 0.5182 0.1950  0.1163  0.1143  156 GLU A CB  
408 C CG  . GLU A 52 ? 0.5374 0.8050 0.5043 0.1697  0.1034  0.0983  156 GLU A CG  
409 C CD  . GLU A 52 ? 0.5427 0.8298 0.5338 0.1642  0.1046  0.0831  156 GLU A CD  
410 O OE1 . GLU A 52 ? 0.5709 0.8844 0.5556 0.1763  0.1210  0.0887  156 GLU A OE1 
411 O OE2 . GLU A 52 ? 0.5300 0.8073 0.5463 0.1487  0.0893  0.0656  156 GLU A OE2 
412 N N   . GLY A 53 ? 0.6458 0.9614 0.4728 0.2598  0.1137  0.1224  157 GLY A N   
413 C CA  . GLY A 53 ? 0.7284 1.0651 0.5146 0.2887  0.1289  0.1382  157 GLY A CA  
414 C C   . GLY A 53 ? 0.8052 1.1720 0.5661 0.3140  0.1134  0.1138  157 GLY A C   
415 O O   . GLY A 53 ? 0.7323 1.1269 0.4672 0.3362  0.1299  0.1232  157 GLY A O   
416 N N   . SER A 54 ? 0.7981 1.1601 0.5669 0.3115  0.0817  0.0822  158 SER A N   
417 C CA  . SER A 54 ? 0.8500 1.2385 0.6007 0.3346  0.0634  0.0554  158 SER A CA  
418 C C   . SER A 54 ? 0.8303 1.2445 0.5982 0.3325  0.0748  0.0488  158 SER A C   
419 O O   . SER A 54 ? 0.8174 1.2616 0.5644 0.3573  0.0694  0.0339  158 SER A O   
420 C CB  . SER A 54 ? 0.7656 1.1391 0.5281 0.3291  0.0275  0.0245  158 SER A CB  
421 O OG  . SER A 54 ? 0.6604 1.0239 0.4620 0.3034  0.0211  0.0123  158 SER A OG  
422 N N   . LEU A 55 ? 0.8175 1.2225 0.6239 0.3049  0.0893  0.0575  159 LEU A N   
423 C CA  . LEU A 55 ? 0.7867 1.2159 0.6155 0.3009  0.0978  0.0479  159 LEU A CA  
424 C C   . LEU A 55 ? 0.7475 1.2052 0.5652 0.3126  0.1333  0.0725  159 LEU A C   
425 O O   . LEU A 55 ? 0.7251 1.2076 0.5620 0.3106  0.1454  0.0674  159 LEU A O   
426 C CB  . LEU A 55 ? 0.6065 1.0153 0.4832 0.2679  0.0960  0.0436  159 LEU A CB  
427 C CG  . LEU A 55 ? 0.6394 1.0195 0.5279 0.2545  0.0641  0.0226  159 LEU A CG  
428 C CD1 . LEU A 55 ? 0.5420 0.9072 0.4738 0.2263  0.0628  0.0170  159 LEU A CD1 
429 C CD2 . LEU A 55 ? 0.6473 1.0393 0.5191 0.2736  0.0355  -0.0073 159 LEU A CD2 
430 N N   . LYS A 56 ? 0.8488 1.3031 0.6362 0.3251  0.1505  0.0997  160 LYS A N   
431 C CA  . LYS A 56 ? 0.9687 1.4496 0.7392 0.3393  0.1859  0.1269  160 LYS A CA  
# 
loop_
_pdbx_poly_seq_scheme.asym_id 
_pdbx_poly_seq_scheme.entity_id 
_pdbx_poly_seq_scheme.seq_id 
_pdbx_poly_seq_scheme.mon_id 
_pdbx_poly_seq_scheme.ndb_seq_num 
_pdbx_poly_seq_scheme.pdb_seq_num 
_pdbx_poly_seq_scheme.auth_seq_num 
_pdbx_poly_seq_scheme.pdb_mon_id 
_pdbx_poly_seq_scheme.auth_mon_id 
_pdbx_poly_seq_scheme.pdb_strand_id 
_pdbx_poly_seq_scheme.pdb_ins_code 
_pdbx_poly_seq_scheme.hetero 
A 1 1  GLY 1  105 ?   ?   ?   A . n 
A 1 2  GLY 2  106 ?   ?   ?   A . n 
A 1 3  PHE 3  107 107 PHE PHE A . n 
A 1 4  TYR 4  108 108 TYR TYR A . n 
A 1 5  GLU 5  109 109 GLU GLU A . n 
A 1 6  ILE 6  110 110 ILE ILE A . n 
A 1 7  GLU 7  111 111 GLU GLU A . n 
A 1 8  ALA 8  112 112 ALA ALA A . n 
A 1 9  ILE 9  113 113 ILE ILE A . n 
A 1 10 ARG 10 114 114 ARG ARG A . n 
A 1 11 ARG 11 115 115 ARG ARG A . n 
A 1 12 LYS 12 116 116 LYS LYS A . n 
A 1 13 ARG 13 117 117 ARG ARG A . n 
A 1 14 VAL 14 118 118 VAL VAL A . n 
A 1 15 ARG 15 119 119 ARG ARG A . n 
A 1 16 LYS 16 120 120 LYS LYS A . n 
A 1 17 GLY 17 121 121 GLY GLY A . n 
A 1 18 LYS 18 122 122 LYS LYS A . n 
A 1 19 VAL 19 123 123 VAL VAL A . n 
A 1 20 GLN 20 124 124 GLN GLN A . n 
A 1 21 TYR 21 125 125 TYR TYR A . n 
A 1 22 LEU 22 126 126 LEU LEU A . n 
A 1 23 ILE 23 127 127 ILE ILE A . n 
A 1 24 LYS 24 128 128 LYS LYS A . n 
A 1 25 TRP 25 129 129 TRP TRP A . n 
A 1 26 ARG 26 130 130 ARG ARG A . n 
A 1 27 GLY 27 131 131 GLY GLY A . n 
A 1 28 TRP 28 132 132 TRP TRP A . n 
A 1 29 PRO 29 133 133 PRO PRO A . n 
A 1 30 GLU 30 134 134 GLU GLU A . n 
A 1 31 THR 31 135 135 THR THR A . n 
A 1 32 ALA 32 136 136 ALA ALA A . n 
A 1 33 ASN 33 137 137 ASN ASN A . n 
A 1 34 THR 34 138 138 THR THR A . n 
A 1 35 TRP 35 139 139 TRP TRP A . n 
A 1 36 GLU 36 140 140 GLU GLU A . n 
A 1 37 PRO 37 141 141 PRO PRO A . n 
A 1 38 LEU 38 142 142 LEU LEU A . n 
A 1 39 GLU 39 143 143 GLU GLU A . n 
A 1 40 ASN 40 144 144 ASN ASN A . n 
A 1 41 LEU 41 145 145 LEU LEU A . n 
A 1 42 GLN 42 146 146 GLN GLN A . n 
A 1 43 SER 43 147 147 SER SER A . n 
A 1 44 ILE 44 148 148 ILE ILE A . n 
A 1 45 ALA 45 149 149 ALA ALA A . n 
A 1 46 ASP 46 150 150 ASP ASP A . n 
A 1 47 VAL 47 151 151 VAL VAL A . n 
A 1 48 ILE 48 152 152 ILE ILE A . n 
A 1 49 ASP 49 153 153 ASP ASP A . n 
A 1 50 ALA 50 154 154 ALA ALA A . n 
A 1 51 PHE 51 155 155 PHE PHE A . n 
A 1 52 GLU 52 156 156 GLU GLU A . n 
A 1 53 GLY 53 157 157 GLY GLY A . n 
A 1 54 SER 54 158 158 SER SER A . n 
A 1 55 LEU 55 159 159 LEU LEU A . n 
A 1 56 LYS 56 160 160 LYS LYS A . n 
# 
_pdbx_contact_author.id                 2 
_pdbx_contact_author.email              yanliliu81@163.com 
_pdbx_contact_author.name_first         Yanli 
_pdbx_contact_author.name_last          Liu 
_pdbx_contact_author.name_mi            ? 
_pdbx_contact_author.role               'principal investigator/group leader' 
_pdbx_contact_author.identifier_ORCID   0000-0003-0197-7617 
# 
loop_
_pdbx_nonpoly_scheme.asym_id 
_pdbx_nonpoly_scheme.entity_id 
_pdbx_nonpoly_scheme.mon_id 
_pdbx_nonpoly_scheme.ndb_seq_num 
_pdbx_nonpoly_scheme.pdb_seq_num 
_pdbx_nonpoly_scheme.auth_seq_num 
_pdbx_nonpoly_scheme.pdb_mon_id 
_pdbx_nonpoly_scheme.auth_mon_id 
_pdbx_nonpoly_scheme.pdb_strand_id 
_pdbx_nonpoly_scheme.pdb_ins_code 
B 2 UNX 1  201 1  UNX UNX A . 
C 2 UNX 1  202 2  UNX UNX A . 
D 2 UNX 1  203 3  UNX UNX A . 
E 2 UNX 1  204 4  UNX UNX A . 
F 2 UNX 1  205 1  UNX UNX A . 
G 3 HOH 1  301 13 HOH HOH A . 
G 3 HOH 2  302 7  HOH HOH A . 
G 3 HOH 3  303 4  HOH HOH A . 
G 3 HOH 4  304 18 HOH HOH A . 
G 3 HOH 5  305 2  HOH HOH A . 
G 3 HOH 6  306 6  HOH HOH A . 
G 3 HOH 7  307 1  HOH HOH A . 
G 3 HOH 8  308 10 HOH HOH A . 
G 3 HOH 9  309 12 HOH HOH A . 
G 3 HOH 10 310 5  HOH HOH A . 
G 3 HOH 11 311 14 HOH HOH A . 
G 3 HOH 12 312 3  HOH HOH A . 
G 3 HOH 13 313 9  HOH HOH A . 
G 3 HOH 14 314 11 HOH HOH A . 
G 3 HOH 15 315 16 HOH HOH A . 
G 3 HOH 16 316 15 HOH HOH A . 
G 3 HOH 17 317 17 HOH HOH A . 
# 
_pdbx_struct_assembly.id                   1 
_pdbx_struct_assembly.details              author_defined_assembly 
_pdbx_struct_assembly.method_details       ? 
_pdbx_struct_assembly.oligomeric_details   monomeric 
_pdbx_struct_assembly.oligomeric_count     1 
# 
_pdbx_struct_assembly_gen.assembly_id       1 
_pdbx_struct_assembly_gen.oper_expression   1 
_pdbx_struct_assembly_gen.asym_id_list      A,B,C,D,E,F,G 
# 
loop_
_pdbx_struct_assembly_prop.biol_id 
_pdbx_struct_assembly_prop.type 
_pdbx_struct_assembly_prop.value 
_pdbx_struct_assembly_prop.details 
1 'ABSA (A^2)' 0    ? 
1 MORE         0    ? 
1 'SSA (A^2)'  4260 ? 
# 
_pdbx_struct_oper_list.id                   1 
_pdbx_struct_oper_list.type                 'identity operation' 
_pdbx_struct_oper_list.name                 1_555 
_pdbx_struct_oper_list.symmetry_operation   x,y,z 
_pdbx_struct_oper_list.matrix[1][1]         1.0000000000 
_pdbx_struct_oper_list.matrix[1][2]         0.0000000000 
_pdbx_struct_oper_list.matrix[1][3]         0.0000000000 
_pdbx_struct_oper_list.vector[1]            0.0000000000 
_pdbx_struct_oper_list.matrix[2][1]         0.0000000000 
_pdbx_struct_oper_list.matrix[2][2]         1.0000000000 
_pdbx_struct_oper_list.matrix[2][3]         0.0000000000 
_pdbx_struct_oper_list.vector[2]            0.0000000000 
_pdbx_struct_oper_list.matrix[3][1]         0.0000000000 
_pdbx_struct_oper_list.matrix[3][2]         0.0000000000 
_pdbx_struct_oper_list.matrix[3][3]         1.0000000000 
_pdbx_struct_oper_list.vector[3]            0.0000000000 
# 
loop_
_pdbx_audit_revision_history.ordinal 
_pdbx_audit_revision_history.data_content_type 
_pdbx_audit_revision_history.major_revision 
_pdbx_audit_revision_history.minor_revision 
_pdbx_audit_revision_history.revision_date 
1 'Structure model' 1 0 2022-02-02 
2 'Structure model' 1 1 2022-02-16 
3 'Structure model' 1 2 2022-03-09 
4 'Structure model' 1 3 2023-11-29 
# 
_pdbx_audit_revision_details.ordinal             1 
_pdbx_audit_revision_details.revision_ordinal    1 
_pdbx_audit_revision_details.data_content_type   'Structure model' 
_pdbx_audit_revision_details.provider            repository 
_pdbx_audit_revision_details.type                'Initial release' 
_pdbx_audit_revision_details.description         ? 
_pdbx_audit_revision_details.details             ? 
# 
loop_
_pdbx_audit_revision_group.ordinal 
_pdbx_audit_revision_group.revision_ordinal 
_pdbx_audit_revision_group.data_content_type 
_pdbx_audit_revision_group.group 
1 2 'Structure model' 'Database references'    
2 3 'Structure model' 'Database references'    
3 4 'Structure model' 'Data collection'        
4 4 'Structure model' 'Refinement description' 
# 
loop_
_pdbx_audit_revision_category.ordinal 
_pdbx_audit_revision_category.revision_ordinal 
_pdbx_audit_revision_category.data_content_type 
_pdbx_audit_revision_category.category 
1 2 'Structure model' citation                      
2 3 'Structure model' citation                      
3 4 'Structure model' chem_comp_atom                
4 4 'Structure model' chem_comp_bond                
5 4 'Structure model' pdbx_initial_refinement_model 
# 
loop_
_pdbx_audit_revision_item.ordinal 
_pdbx_audit_revision_item.revision_ordinal 
_pdbx_audit_revision_item.data_content_type 
_pdbx_audit_revision_item.item 
1 2 'Structure model' '_citation.page_first'              
2 2 'Structure model' '_citation.page_last'               
3 2 'Structure model' '_citation.pdbx_database_id_PubMed' 
4 2 'Structure model' '_citation.title'                   
5 3 'Structure model' '_citation.journal_volume'          
# 
loop_
_pdbx_refine_tls.id 
_pdbx_refine_tls.pdbx_refine_id 
_pdbx_refine_tls.details 
_pdbx_refine_tls.method 
_pdbx_refine_tls.origin_x 
_pdbx_refine_tls.origin_y 
_pdbx_refine_tls.origin_z 
_pdbx_refine_tls.T[1][1] 
_pdbx_refine_tls.T[1][1]_esd 
_pdbx_refine_tls.T[1][2] 
_pdbx_refine_tls.T[1][2]_esd 
_pdbx_refine_tls.T[1][3] 
_pdbx_refine_tls.T[1][3]_esd 
_pdbx_refine_tls.T[2][2] 
_pdbx_refine_tls.T[2][2]_esd 
_pdbx_refine_tls.T[2][3] 
_pdbx_refine_tls.T[2][3]_esd 
_pdbx_refine_tls.T[3][3] 
_pdbx_refine_tls.T[3][3]_esd 
_pdbx_refine_tls.L[1][1] 
_pdbx_refine_tls.L[1][1]_esd 
_pdbx_refine_tls.L[1][2] 
_pdbx_refine_tls.L[1][2]_esd 
_pdbx_refine_tls.L[1][3] 
_pdbx_refine_tls.L[1][3]_esd 
_pdbx_refine_tls.L[2][2] 
_pdbx_refine_tls.L[2][2]_esd 
_pdbx_refine_tls.L[2][3] 
_pdbx_refine_tls.L[2][3]_esd 
_pdbx_refine_tls.L[3][3] 
_pdbx_refine_tls.L[3][3]_esd 
_pdbx_refine_tls.S[1][1] 
_pdbx_refine_tls.S[1][1]_esd 
_pdbx_refine_tls.S[1][2] 
_pdbx_refine_tls.S[1][2]_esd 
_pdbx_refine_tls.S[1][3] 
_pdbx_refine_tls.S[1][3]_esd 
_pdbx_refine_tls.S[2][1] 
_pdbx_refine_tls.S[2][1]_esd 
_pdbx_refine_tls.S[2][2] 
_pdbx_refine_tls.S[2][2]_esd 
_pdbx_refine_tls.S[2][3] 
_pdbx_refine_tls.S[2][3]_esd 
_pdbx_refine_tls.S[3][1] 
_pdbx_refine_tls.S[3][1]_esd 
_pdbx_refine_tls.S[3][2] 
_pdbx_refine_tls.S[3][2]_esd 
_pdbx_refine_tls.S[3][3] 
_pdbx_refine_tls.S[3][3]_esd 
1 'X-RAY DIFFRACTION' ? refined 3.8258  -3.0188 -4.9420 0.2483 ? 0.0629 ? -0.0945 ? 0.3899 ? -0.0990 ? 0.3918 ? 0.3568 ? 0.6912  ? 0.3546 ? 2.0471 ? -0.4579 ? 3.0025 ? -0.2405 ? 0.5886  ? -0.0703 ? 0.1948 ? -0.1276 ? -0.2988 ? -0.0476 ? 0.3528  ? 0.1898  ? 
2 'X-RAY DIFFRACTION' ? refined -2.3807 2.1704  1.8215  0.3534 ? 0.0594 ? -0.0407 ? 0.4425 ? 0.0219  ? 0.3887 ? 2.8300 ? -1.4143 ? 0.4926 ? 1.9499 ? 0.8993  ? 1.2548 ? -0.3291 ? -0.4069 ? -0.2634 ? 0.3378 ? 0.1113  ? 0.0485  ? 0.1377  ? -0.1545 ? -0.0279 ? 
# 
loop_
_pdbx_refine_tls_group.id 
_pdbx_refine_tls_group.pdbx_refine_id 
_pdbx_refine_tls_group.refine_tls_id 
_pdbx_refine_tls_group.beg_label_asym_id 
_pdbx_refine_tls_group.beg_label_seq_id 
_pdbx_refine_tls_group.beg_auth_asym_id 
_pdbx_refine_tls_group.beg_auth_seq_id 
_pdbx_refine_tls_group.beg_PDB_ins_code 
_pdbx_refine_tls_group.end_label_asym_id 
_pdbx_refine_tls_group.end_label_seq_id 
_pdbx_refine_tls_group.end_auth_asym_id 
_pdbx_refine_tls_group.end_auth_seq_id 
_pdbx_refine_tls_group.end_PDB_ins_code 
_pdbx_refine_tls_group.selection 
_pdbx_refine_tls_group.selection_details 
1 'X-RAY DIFFRACTION' 1 ? ? A 107 ? ? ? A 129 ? ? 
;chain 'A' and (resid 107 through 129 )
;
2 'X-RAY DIFFRACTION' 2 ? ? A 130 ? ? ? A 160 ? ? 
;chain 'A' and (resid 130 through 160 )
;
# 
loop_
_software.citation_id 
_software.classification 
_software.compiler_name 
_software.compiler_version 
_software.contact_author 
_software.contact_author_email 
_software.date 
_software.description 
_software.dependencies 
_software.hardware 
_software.language 
_software.location 
_software.mods 
_software.name 
_software.os 
_software.os_version 
_software.type 
_software.version 
_software.pdbx_ordinal 
? refinement        ? ? ? ? ? ? ? ? ? ? ? REFMAC      ? ? ? 5.8  1 
? 'data extraction' ? ? ? ? ? ? ? ? ? ? ? PDB_EXTRACT ? ? ? 3.27 2 
? 'data reduction'  ? ? ? ? ? ? ? ? ? ? ? XDS         ? ? ? .    3 
? 'data scaling'    ? ? ? ? ? ? ? ? ? ? ? Aimless     ? ? ? .    4 
? phasing           ? ? ? ? ? ? ? ? ? ? ? PHASER      ? ? ? .    5 
# 
_pdbx_entry_details.entry_id                 7VZ2 
_pdbx_entry_details.has_ligand_of_interest   N 
_pdbx_entry_details.compound_details         ? 
_pdbx_entry_details.source_details           ? 
_pdbx_entry_details.nonpolymer_details       
;These unknown atoms may come from the expression system since the densities do not match to any reagents of the protein or crystalization buffer.
;
_pdbx_entry_details.sequence_details         ? 
# 
loop_
_pdbx_unobs_or_zero_occ_atoms.id 
_pdbx_unobs_or_zero_occ_atoms.PDB_model_num 
_pdbx_unobs_or_zero_occ_atoms.polymer_flag 
_pdbx_unobs_or_zero_occ_atoms.occupancy_flag 
_pdbx_unobs_or_zero_occ_atoms.auth_asym_id 
_pdbx_unobs_or_zero_occ_atoms.auth_comp_id 
_pdbx_unobs_or_zero_occ_atoms.auth_seq_id 
_pdbx_unobs_or_zero_occ_atoms.PDB_ins_code 
_pdbx_unobs_or_zero_occ_atoms.auth_atom_id 
_pdbx_unobs_or_zero_occ_atoms.label_alt_id 
_pdbx_unobs_or_zero_occ_atoms.label_asym_id 
_pdbx_unobs_or_zero_occ_atoms.label_comp_id 
_pdbx_unobs_or_zero_occ_atoms.label_seq_id 
_pdbx_unobs_or_zero_occ_atoms.label_atom_id 
1  1 Y 1 A PHE 107 ? N   ? A PHE 3  N   
2  1 Y 1 A PHE 107 ? CB  ? A PHE 3  CB  
3  1 Y 1 A PHE 107 ? CG  ? A PHE 3  CG  
4  1 Y 1 A PHE 107 ? CD1 ? A PHE 3  CD1 
5  1 Y 1 A PHE 107 ? CD2 ? A PHE 3  CD2 
6  1 Y 1 A PHE 107 ? CE1 ? A PHE 3  CE1 
7  1 Y 1 A PHE 107 ? CE2 ? A PHE 3  CE2 
8  1 Y 1 A PHE 107 ? CZ  ? A PHE 3  CZ  
9  1 Y 1 A ILE 110 ? CG1 ? A ILE 6  CG1 
10 1 Y 1 A ILE 110 ? CD1 ? A ILE 6  CD1 
11 1 Y 1 A LYS 120 ? CD  ? A LYS 16 CD  
12 1 Y 1 A LYS 120 ? CE  ? A LYS 16 CE  
13 1 Y 1 A LYS 120 ? NZ  ? A LYS 16 NZ  
14 1 Y 1 A LYS 122 ? CD  ? A LYS 18 CD  
15 1 Y 1 A LYS 122 ? CE  ? A LYS 18 CE  
16 1 Y 1 A LYS 122 ? NZ  ? A LYS 18 NZ  
17 1 Y 1 A GLU 143 ? CD  ? A GLU 39 CD  
18 1 Y 1 A GLU 143 ? OE1 ? A GLU 39 OE1 
19 1 Y 1 A GLU 143 ? OE2 ? A GLU 39 OE2 
20 1 Y 1 A LYS 160 ? C   ? A LYS 56 C   
21 1 Y 1 A LYS 160 ? O   ? A LYS 56 O   
22 1 Y 1 A LYS 160 ? CB  ? A LYS 56 CB  
23 1 Y 1 A LYS 160 ? CG  ? A LYS 56 CG  
24 1 Y 1 A LYS 160 ? CD  ? A LYS 56 CD  
25 1 Y 1 A LYS 160 ? CE  ? A LYS 56 CE  
26 1 Y 1 A LYS 160 ? NZ  ? A LYS 56 NZ  
# 
loop_
_pdbx_unobs_or_zero_occ_residues.id 
_pdbx_unobs_or_zero_occ_residues.PDB_model_num 
_pdbx_unobs_or_zero_occ_residues.polymer_flag 
_pdbx_unobs_or_zero_occ_residues.occupancy_flag 
_pdbx_unobs_or_zero_occ_residues.auth_asym_id 
_pdbx_unobs_or_zero_occ_residues.auth_comp_id 
_pdbx_unobs_or_zero_occ_residues.auth_seq_id 
_pdbx_unobs_or_zero_occ_residues.PDB_ins_code 
_pdbx_unobs_or_zero_occ_residues.label_asym_id 
_pdbx_unobs_or_zero_occ_residues.label_comp_id 
_pdbx_unobs_or_zero_occ_residues.label_seq_id 
1 1 Y 1 A GLY 105 ? A GLY 1 
2 1 Y 1 A GLY 106 ? A GLY 2 
# 
loop_
_chem_comp_atom.comp_id 
_chem_comp_atom.atom_id 
_chem_comp_atom.type_symbol 
_chem_comp_atom.pdbx_aromatic_flag 
_chem_comp_atom.pdbx_stereo_config 
_chem_comp_atom.pdbx_ordinal 
ALA N    N N N 1   
ALA CA   C N S 2   
ALA C    C N N 3   
ALA O    O N N 4   
ALA CB   C N N 5   
ALA OXT  O N N 6   
ALA H    H N N 7   
ALA H2   H N N 8   
ALA HA   H N N 9   
ALA HB1  H N N 10  
ALA HB2  H N N 11  
ALA HB3  H N N 12  
ALA HXT  H N N 13  
ARG N    N N N 14  
ARG CA   C N S 15  
ARG C    C N N 16  
ARG O    O N N 17  
ARG CB   C N N 18  
ARG CG   C N N 19  
ARG CD   C N N 20  
ARG NE   N N N 21  
ARG CZ   C N N 22  
ARG NH1  N N N 23  
ARG NH2  N N N 24  
ARG OXT  O N N 25  
ARG H    H N N 26  
ARG H2   H N N 27  
ARG HA   H N N 28  
ARG HB2  H N N 29  
ARG HB3  H N N 30  
ARG HG2  H N N 31  
ARG HG3  H N N 32  
ARG HD2  H N N 33  
ARG HD3  H N N 34  
ARG HE   H N N 35  
ARG HH11 H N N 36  
ARG HH12 H N N 37  
ARG HH21 H N N 38  
ARG HH22 H N N 39  
ARG HXT  H N N 40  
ASN N    N N N 41  
ASN CA   C N S 42  
ASN C    C N N 43  
ASN O    O N N 44  
ASN CB   C N N 45  
ASN CG   C N N 46  
ASN OD1  O N N 47  
ASN ND2  N N N 48  
ASN OXT  O N N 49  
ASN H    H N N 50  
ASN H2   H N N 51  
ASN HA   H N N 52  
ASN HB2  H N N 53  
ASN HB3  H N N 54  
ASN HD21 H N N 55  
ASN HD22 H N N 56  
ASN HXT  H N N 57  
ASP N    N N N 58  
ASP CA   C N S 59  
ASP C    C N N 60  
ASP O    O N N 61  
ASP CB   C N N 62  
ASP CG   C N N 63  
ASP OD1  O N N 64  
ASP OD2  O N N 65  
ASP OXT  O N N 66  
ASP H    H N N 67  
ASP H2   H N N 68  
ASP HA   H N N 69  
ASP HB2  H N N 70  
ASP HB3  H N N 71  
ASP HD2  H N N 72  
ASP HXT  H N N 73  
GLN N    N N N 74  
GLN CA   C N S 75  
GLN C    C N N 76  
GLN O    O N N 77  
GLN CB   C N N 78  
GLN CG   C N N 79  
GLN CD   C N N 80  
GLN OE1  O N N 81  
GLN NE2  N N N 82  
GLN OXT  O N N 83  
GLN H    H N N 84  
GLN H2   H N N 85  
GLN HA   H N N 86  
GLN HB2  H N N 87  
GLN HB3  H N N 88  
GLN HG2  H N N 89  
GLN HG3  H N N 90  
GLN HE21 H N N 91  
GLN HE22 H N N 92  
GLN HXT  H N N 93  
GLU N    N N N 94  
GLU CA   C N S 95  
GLU C    C N N 96  
GLU O    O N N 97  
GLU CB   C N N 98  
GLU CG   C N N 99  
GLU CD   C N N 100 
GLU OE1  O N N 101 
GLU OE2  O N N 102 
GLU OXT  O N N 103 
GLU H    H N N 104 
GLU H2   H N N 105 
GLU HA   H N N 106 
GLU HB2  H N N 107 
GLU HB3  H N N 108 
GLU HG2  H N N 109 
GLU HG3  H N N 110 
GLU HE2  H N N 111 
GLU HXT  H N N 112 
GLY N    N N N 113 
GLY CA   C N N 114 
GLY C    C N N 115 
GLY O    O N N 116 
GLY OXT  O N N 117 
GLY H    H N N 118 
GLY H2   H N N 119 
GLY HA2  H N N 120 
GLY HA3  H N N 121 
GLY HXT  H N N 122 
HOH O    O N N 123 
HOH H1   H N N 124 
HOH H2   H N N 125 
ILE N    N N N 126 
ILE CA   C N S 127 
ILE C    C N N 128 
ILE O    O N N 129 
ILE CB   C N S 130 
ILE CG1  C N N 131 
ILE CG2  C N N 132 
ILE CD1  C N N 133 
ILE OXT  O N N 134 
ILE H    H N N 135 
ILE H2   H N N 136 
ILE HA   H N N 137 
ILE HB   H N N 138 
ILE HG12 H N N 139 
ILE HG13 H N N 140 
ILE HG21 H N N 141 
ILE HG22 H N N 142 
ILE HG23 H N N 143 
ILE HD11 H N N 144 
ILE HD12 H N N 145 
ILE HD13 H N N 146 
ILE HXT  H N N 147 
LEU N    N N N 148 
LEU CA   C N S 149 
LEU C    C N N 150 
LEU O    O N N 151 
LEU CB   C N N 152 
LEU CG   C N N 153 
LEU CD1  C N N 154 
LEU CD2  C N N 155 
LEU OXT  O N N 156 
LEU H    H N N 157 
LEU H2   H N N 158 
LEU HA   H N N 159 
LEU HB2  H N N 160 
LEU HB3  H N N 161 
LEU HG   H N N 162 
LEU HD11 H N N 163 
LEU HD12 H N N 164 
LEU HD13 H N N 165 
LEU HD21 H N N 166 
LEU HD22 H N N 167 
LEU HD23 H N N 168 
LEU HXT  H N N 169 
LYS N    N N N 170 
LYS CA   C N S 171 
LYS C    C N N 172 
LYS O    O N N 173 
LYS CB   C N N 174 
LYS CG   C N N 175 
LYS CD   C N N 176 
LYS CE   C N N 177 
LYS NZ   N N N 178 
LYS OXT  O N N 179 
LYS H    H N N 180 
LYS H2   H N N 181 
LYS HA   H N N 182 
LYS HB2  H N N 183 
LYS HB3  H N N 184 
LYS HG2  H N N 185 
LYS HG3  H N N 186 
LYS HD2  H N N 187 
LYS HD3  H N N 188 
LYS HE2  H N N 189 
LYS HE3  H N N 190 
LYS HZ1  H N N 191 
LYS HZ2  H N N 192 
LYS HZ3  H N N 193 
LYS HXT  H N N 194 
PHE N    N N N 195 
PHE CA   C N S 196 
PHE C    C N N 197 
PHE O    O N N 198 
PHE CB   C N N 199 
PHE CG   C Y N 200 
PHE CD1  C Y N 201 
PHE CD2  C Y N 202 
PHE CE1  C Y N 203 
PHE CE2  C Y N 204 
PHE CZ   C Y N 205 
PHE OXT  O N N 206 
PHE H    H N N 207 
PHE H2   H N N 208 
PHE HA   H N N 209 
PHE HB2  H N N 210 
PHE HB3  H N N 211 
PHE HD1  H N N 212 
PHE HD2  H N N 213 
PHE HE1  H N N 214 
PHE HE2  H N N 215 
PHE HZ   H N N 216 
PHE HXT  H N N 217 
PRO N    N N N 218 
PRO CA   C N S 219 
PRO C    C N N 220 
PRO O    O N N 221 
PRO CB   C N N 222 
PRO CG   C N N 223 
PRO CD   C N N 224 
PRO OXT  O N N 225 
PRO H    H N N 226 
PRO HA   H N N 227 
PRO HB2  H N N 228 
PRO HB3  H N N 229 
PRO HG2  H N N 230 
PRO HG3  H N N 231 
PRO HD2  H N N 232 
PRO HD3  H N N 233 
PRO HXT  H N N 234 
SER N    N N N 235 
SER CA   C N S 236 
SER C    C N N 237 
SER O    O N N 238 
SER CB   C N N 239 
SER OG   O N N 240 
SER OXT  O N N 241 
SER H    H N N 242 
SER H2   H N N 243 
SER HA   H N N 244 
SER HB2  H N N 245 
SER HB3  H N N 246 
SER HG   H N N 247 
SER HXT  H N N 248 
THR N    N N N 249 
THR CA   C N S 250 
THR C    C N N 251 
THR O    O N N 252 
THR CB   C N R 253 
THR OG1  O N N 254 
THR CG2  C N N 255 
THR OXT  O N N 256 
THR H    H N N 257 
THR H2   H N N 258 
THR HA   H N N 259 
THR HB   H N N 260 
THR HG1  H N N 261 
THR HG21 H N N 262 
THR HG22 H N N 263 
THR HG23 H N N 264 
THR HXT  H N N 265 
TRP N    N N N 266 
TRP CA   C N S 267 
TRP C    C N N 268 
TRP O    O N N 269 
TRP CB   C N N 270 
TRP CG   C Y N 271 
TRP CD1  C Y N 272 
TRP CD2  C Y N 273 
TRP NE1  N Y N 274 
TRP CE2  C Y N 275 
TRP CE3  C Y N 276 
TRP CZ2  C Y N 277 
TRP CZ3  C Y N 278 
TRP CH2  C Y N 279 
TRP OXT  O N N 280 
TRP H    H N N 281 
TRP H2   H N N 282 
TRP HA   H N N 283 
TRP HB2  H N N 284 
TRP HB3  H N N 285 
TRP HD1  H N N 286 
TRP HE1  H N N 287 
TRP HE3  H N N 288 
TRP HZ2  H N N 289 
TRP HZ3  H N N 290 
TRP HH2  H N N 291 
TRP HXT  H N N 292 
TYR N    N N N 293 
TYR CA   C N S 294 
TYR C    C N N 295 
TYR O    O N N 296 
TYR CB   C N N 297 
TYR CG   C Y N 298 
TYR CD1  C Y N 299 
TYR CD2  C Y N 300 
TYR CE1  C Y N 301 
TYR CE2  C Y N 302 
TYR CZ   C Y N 303 
TYR OH   O N N 304 
TYR OXT  O N N 305 
TYR H    H N N 306 
TYR H2   H N N 307 
TYR HA   H N N 308 
TYR HB2  H N N 309 
TYR HB3  H N N 310 
TYR HD1  H N N 311 
TYR HD2  H N N 312 
TYR HE1  H N N 313 
TYR HE2  H N N 314 
TYR HH   H N N 315 
TYR HXT  H N N 316 
VAL N    N N N 317 
VAL CA   C N S 318 
VAL C    C N N 319 
VAL O    O N N 320 
VAL CB   C N N 321 
VAL CG1  C N N 322 
VAL CG2  C N N 323 
VAL OXT  O N N 324 
VAL H    H N N 325 
VAL H2   H N N 326 
VAL HA   H N N 327 
VAL HB   H N N 328 
VAL HG11 H N N 329 
VAL HG12 H N N 330 
VAL HG13 H N N 331 
VAL HG21 H N N 332 
VAL HG22 H N N 333 
VAL HG23 H N N 334 
VAL HXT  H N N 335 
# 
loop_
_chem_comp_bond.comp_id 
_chem_comp_bond.atom_id_1 
_chem_comp_bond.atom_id_2 
_chem_comp_bond.value_order 
_chem_comp_bond.pdbx_aromatic_flag 
_chem_comp_bond.pdbx_stereo_config 
_chem_comp_bond.pdbx_ordinal 
ALA N   CA   sing N N 1   
ALA N   H    sing N N 2   
ALA N   H2   sing N N 3   
ALA CA  C    sing N N 4   
ALA CA  CB   sing N N 5   
ALA CA  HA   sing N N 6   
ALA C   O    doub N N 7   
ALA C   OXT  sing N N 8   
ALA CB  HB1  sing N N 9   
ALA CB  HB2  sing N N 10  
ALA CB  HB3  sing N N 11  
ALA OXT HXT  sing N N 12  
ARG N   CA   sing N N 13  
ARG N   H    sing N N 14  
ARG N   H2   sing N N 15  
ARG CA  C    sing N N 16  
ARG CA  CB   sing N N 17  
ARG CA  HA   sing N N 18  
ARG C   O    doub N N 19  
ARG C   OXT  sing N N 20  
ARG CB  CG   sing N N 21  
ARG CB  HB2  sing N N 22  
ARG CB  HB3  sing N N 23  
ARG CG  CD   sing N N 24  
ARG CG  HG2  sing N N 25  
ARG CG  HG3  sing N N 26  
ARG CD  NE   sing N N 27  
ARG CD  HD2  sing N N 28  
ARG CD  HD3  sing N N 29  
ARG NE  CZ   sing N N 30  
ARG NE  HE   sing N N 31  
ARG CZ  NH1  sing N N 32  
ARG CZ  NH2  doub N N 33  
ARG NH1 HH11 sing N N 34  
ARG NH1 HH12 sing N N 35  
ARG NH2 HH21 sing N N 36  
ARG NH2 HH22 sing N N 37  
ARG OXT HXT  sing N N 38  
ASN N   CA   sing N N 39  
ASN N   H    sing N N 40  
ASN N   H2   sing N N 41  
ASN CA  C    sing N N 42  
ASN CA  CB   sing N N 43  
ASN CA  HA   sing N N 44  
ASN C   O    doub N N 45  
ASN C   OXT  sing N N 46  
ASN CB  CG   sing N N 47  
ASN CB  HB2  sing N N 48  
ASN CB  HB3  sing N N 49  
ASN CG  OD1  doub N N 50  
ASN CG  ND2  sing N N 51  
ASN ND2 HD21 sing N N 52  
ASN ND2 HD22 sing N N 53  
ASN OXT HXT  sing N N 54  
ASP N   CA   sing N N 55  
ASP N   H    sing N N 56  
ASP N   H2   sing N N 57  
ASP CA  C    sing N N 58  
ASP CA  CB   sing N N 59  
ASP CA  HA   sing N N 60  
ASP C   O    doub N N 61  
ASP C   OXT  sing N N 62  
ASP CB  CG   sing N N 63  
ASP CB  HB2  sing N N 64  
ASP CB  HB3  sing N N 65  
ASP CG  OD1  doub N N 66  
ASP CG  OD2  sing N N 67  
ASP OD2 HD2  sing N N 68  
ASP OXT HXT  sing N N 69  
GLN N   CA   sing N N 70  
GLN N   H    sing N N 71  
GLN N   H2   sing N N 72  
GLN CA  C    sing N N 73  
GLN CA  CB   sing N N 74  
GLN CA  HA   sing N N 75  
GLN C   O    doub N N 76  
GLN C   OXT  sing N N 77  
GLN CB  CG   sing N N 78  
GLN CB  HB2  sing N N 79  
GLN CB  HB3  sing N N 80  
GLN CG  CD   sing N N 81  
GLN CG  HG2  sing N N 82  
GLN CG  HG3  sing N N 83  
GLN CD  OE1  doub N N 84  
GLN CD  NE2  sing N N 85  
GLN NE2 HE21 sing N N 86  
GLN NE2 HE22 sing N N 87  
GLN OXT HXT  sing N N 88  
GLU N   CA   sing N N 89  
GLU N   H    sing N N 90  
GLU N   H2   sing N N 91  
GLU CA  C    sing N N 92  
GLU CA  CB   sing N N 93  
GLU CA  HA   sing N N 94  
GLU C   O    doub N N 95  
GLU C   OXT  sing N N 96  
GLU CB  CG   sing N N 97  
GLU CB  HB2  sing N N 98  
GLU CB  HB3  sing N N 99  
GLU CG  CD   sing N N 100 
GLU CG  HG2  sing N N 101 
GLU CG  HG3  sing N N 102 
GLU CD  OE1  doub N N 103 
GLU CD  OE2  sing N N 104 
GLU OE2 HE2  sing N N 105 
GLU OXT HXT  sing N N 106 
GLY N   CA   sing N N 107 
GLY N   H    sing N N 108 
GLY N   H2   sing N N 109 
GLY CA  C    sing N N 110 
GLY CA  HA2  sing N N 111 
GLY CA  HA3  sing N N 112 
GLY C   O    doub N N 113 
GLY C   OXT  sing N N 114 
GLY OXT HXT  sing N N 115 
HOH O   H1   sing N N 116 
HOH O   H2   sing N N 117 
ILE N   CA   sing N N 118 
ILE N   H    sing N N 119 
ILE N   H2   sing N N 120 
ILE CA  C    sing N N 121 
ILE CA  CB   sing N N 122 
ILE CA  HA   sing N N 123 
ILE C   O    doub N N 124 
ILE C   OXT  sing N N 125 
ILE CB  CG1  sing N N 126 
ILE CB  CG2  sing N N 127 
ILE CB  HB   sing N N 128 
ILE CG1 CD1  sing N N 129 
ILE CG1 HG12 sing N N 130 
ILE CG1 HG13 sing N N 131 
ILE CG2 HG21 sing N N 132 
ILE CG2 HG22 sing N N 133 
ILE CG2 HG23 sing N N 134 
ILE CD1 HD11 sing N N 135 
ILE CD1 HD12 sing N N 136 
ILE CD1 HD13 sing N N 137 
ILE OXT HXT  sing N N 138 
LEU N   CA   sing N N 139 
LEU N   H    sing N N 140 
LEU N   H2   sing N N 141 
LEU CA  C    sing N N 142 
LEU CA  CB   sing N N 143 
LEU CA  HA   sing N N 144 
LEU C   O    doub N N 145 
LEU C   OXT  sing N N 146 
LEU CB  CG   sing N N 147 
LEU CB  HB2  sing N N 148 
LEU CB  HB3  sing N N 149 
LEU CG  CD1  sing N N 150 
LEU CG  CD2  sing N N 151 
LEU CG  HG   sing N N 152 
LEU CD1 HD11 sing N N 153 
LEU CD1 HD12 sing N N 154 
LEU CD1 HD13 sing N N 155 
LEU CD2 HD21 sing N N 156 
LEU CD2 HD22 sing N N 157 
LEU CD2 HD23 sing N N 158 
LEU OXT HXT  sing N N 159 
LYS N   CA   sing N N 160 
LYS N   H    sing N N 161 
LYS N   H2   sing N N 162 
LYS CA  C    sing N N 163 
LYS CA  CB   sing N N 164 
LYS CA  HA   sing N N 165 
LYS C   O    doub N N 166 
LYS C   OXT  sing N N 167 
LYS CB  CG   sing N N 168 
LYS CB  HB2  sing N N 169 
LYS CB  HB3  sing N N 170 
LYS CG  CD   sing N N 171 
LYS CG  HG2  sing N N 172 
LYS CG  HG3  sing N N 173 
LYS CD  CE   sing N N 174 
LYS CD  HD2  sing N N 175 
LYS CD  HD3  sing N N 176 
LYS CE  NZ   sing N N 177 
LYS CE  HE2  sing N N 178 
LYS CE  HE3  sing N N 179 
LYS NZ  HZ1  sing N N 180 
LYS NZ  HZ2  sing N N 181 
LYS NZ  HZ3  sing N N 182 
LYS OXT HXT  sing N N 183 
PHE N   CA   sing N N 184 
PHE N   H    sing N N 185 
PHE N   H2   sing N N 186 
PHE CA  C    sing N N 187 
PHE CA  CB   sing N N 188 
PHE CA  HA   sing N N 189 
PHE C   O    doub N N 190 
PHE C   OXT  sing N N 191 
PHE CB  CG   sing N N 192 
PHE CB  HB2  sing N N 193 
PHE CB  HB3  sing N N 194 
PHE CG  CD1  doub Y N 195 
PHE CG  CD2  sing Y N 196 
PHE CD1 CE1  sing Y N 197 
PHE CD1 HD1  sing N N 198 
PHE CD2 CE2  doub Y N 199 
PHE CD2 HD2  sing N N 200 
PHE CE1 CZ   doub Y N 201 
PHE CE1 HE1  sing N N 202 
PHE CE2 CZ   sing Y N 203 
PHE CE2 HE2  sing N N 204 
PHE CZ  HZ   sing N N 205 
PHE OXT HXT  sing N N 206 
PRO N   CA   sing N N 207 
PRO N   CD   sing N N 208 
PRO N   H    sing N N 209 
PRO CA  C    sing N N 210 
PRO CA  CB   sing N N 211 
PRO CA  HA   sing N N 212 
PRO C   O    doub N N 213 
PRO C   OXT  sing N N 214 
PRO CB  CG   sing N N 215 
PRO CB  HB2  sing N N 216 
PRO CB  HB3  sing N N 217 
PRO CG  CD   sing N N 218 
PRO CG  HG2  sing N N 219 
PRO CG  HG3  sing N N 220 
PRO CD  HD2  sing N N 221 
PRO CD  HD3  sing N N 222 
PRO OXT HXT  sing N N 223 
SER N   CA   sing N N 224 
SER N   H    sing N N 225 
SER N   H2   sing N N 226 
SER CA  C    sing N N 227 
SER CA  CB   sing N N 228 
SER CA  HA   sing N N 229 
SER C   O    doub N N 230 
SER C   OXT  sing N N 231 
SER CB  OG   sing N N 232 
SER CB  HB2  sing N N 233 
SER CB  HB3  sing N N 234 
SER OG  HG   sing N N 235 
SER OXT HXT  sing N N 236 
THR N   CA   sing N N 237 
THR N   H    sing N N 238 
THR N   H2   sing N N 239 
THR CA  C    sing N N 240 
THR CA  CB   sing N N 241 
THR CA  HA   sing N N 242 
THR C   O    doub N N 243 
THR C   OXT  sing N N 244 
THR CB  OG1  sing N N 245 
THR CB  CG2  sing N N 246 
THR CB  HB   sing N N 247 
THR OG1 HG1  sing N N 248 
THR CG2 HG21 sing N N 249 
THR CG2 HG22 sing N N 250 
THR CG2 HG23 sing N N 251 
THR OXT HXT  sing N N 252 
TRP N   CA   sing N N 253 
TRP N   H    sing N N 254 
TRP N   H2   sing N N 255 
TRP CA  C    sing N N 256 
TRP CA  CB   sing N N 257 
TRP CA  HA   sing N N 258 
TRP C   O    doub N N 259 
TRP C   OXT  sing N N 260 
TRP CB  CG   sing N N 261 
TRP CB  HB2  sing N N 262 
TRP CB  HB3  sing N N 263 
TRP CG  CD1  doub Y N 264 
TRP CG  CD2  sing Y N 265 
TRP CD1 NE1  sing Y N 266 
TRP CD1 HD1  sing N N 267 
TRP CD2 CE2  doub Y N 268 
TRP CD2 CE3  sing Y N 269 
TRP NE1 CE2  sing Y N 270 
TRP NE1 HE1  sing N N 271 
TRP CE2 CZ2  sing Y N 272 
TRP CE3 CZ3  doub Y N 273 
TRP CE3 HE3  sing N N 274 
TRP CZ2 CH2  doub Y N 275 
TRP CZ2 HZ2  sing N N 276 
TRP CZ3 CH2  sing Y N 277 
TRP CZ3 HZ3  sing N N 278 
TRP CH2 HH2  sing N N 279 
TRP OXT HXT  sing N N 280 
TYR N   CA   sing N N 281 
TYR N   H    sing N N 282 
TYR N   H2   sing N N 283 
TYR CA  C    sing N N 284 
TYR CA  CB   sing N N 285 
TYR CA  HA   sing N N 286 
TYR C   O    doub N N 287 
TYR C   OXT  sing N N 288 
TYR CB  CG   sing N N 289 
TYR CB  HB2  sing N N 290 
TYR CB  HB3  sing N N 291 
TYR CG  CD1  doub Y N 292 
TYR CG  CD2  sing Y N 293 
TYR CD1 CE1  sing Y N 294 
TYR CD1 HD1  sing N N 295 
TYR CD2 CE2  doub Y N 296 
TYR CD2 HD2  sing N N 297 
TYR CE1 CZ   doub Y N 298 
TYR CE1 HE1  sing N N 299 
TYR CE2 CZ   sing Y N 300 
TYR CE2 HE2  sing N N 301 
TYR CZ  OH   sing N N 302 
TYR OH  HH   sing N N 303 
TYR OXT HXT  sing N N 304 
VAL N   CA   sing N N 305 
VAL N   H    sing N N 306 
VAL N   H2   sing N N 307 
VAL CA  C    sing N N 308 
VAL CA  CB   sing N N 309 
VAL CA  HA   sing N N 310 
VAL C   O    doub N N 311 
VAL C   OXT  sing N N 312 
VAL CB  CG1  sing N N 313 
VAL CB  CG2  sing N N 314 
VAL CB  HB   sing N N 315 
VAL CG1 HG11 sing N N 316 
VAL CG1 HG12 sing N N 317 
VAL CG1 HG13 sing N N 318 
VAL CG2 HG21 sing N N 319 
VAL CG2 HG22 sing N N 320 
VAL CG2 HG23 sing N N 321 
VAL OXT HXT  sing N N 322 
# 
_pdbx_audit_support.funding_organization   'National Natural Science Foundation of China (NSFC)' 
_pdbx_audit_support.country                China 
_pdbx_audit_support.grant_number           31500615 
_pdbx_audit_support.ordinal                1 
# 
loop_
_pdbx_entity_nonpoly.entity_id 
_pdbx_entity_nonpoly.name 
_pdbx_entity_nonpoly.comp_id 
2 'UNKNOWN ATOM OR ION' UNX 
3 water                 HOH 
# 
_pdbx_initial_refinement_model.id               1 
_pdbx_initial_refinement_model.entity_id_list   ? 
_pdbx_initial_refinement_model.type             'experimental model' 
_pdbx_initial_refinement_model.source_name      PDB 
_pdbx_initial_refinement_model.accession_code   1Q3L 
_pdbx_initial_refinement_model.details          ? 
# 
_pdbx_struct_assembly_auth_evidence.id                     1 
_pdbx_struct_assembly_auth_evidence.assembly_id            1 
_pdbx_struct_assembly_auth_evidence.experimental_support   'gel filtration' 
_pdbx_struct_assembly_auth_evidence.details                ? 
# 
